data_4Y0E
#
_entry.id   4Y0E
#
_cell.length_a   103.900
_cell.length_b   92.980
_cell.length_c   136.980
_cell.angle_alpha   90.000
_cell.angle_beta   96.110
_cell.angle_gamma   90.000
#
_symmetry.space_group_name_H-M   'P 1 21 1'
#
loop_
_entity.id
_entity.type
_entity.pdbx_description
1 polymer 'Putative dioxygenase'
2 non-polymer 'FE (III) ION'
3 non-polymer (4S)-2-METHYL-2,4-PENTANEDIOL
4 non-polymer '4-(2-HYDROXYETHYL)-1-PIPERAZINE ETHANESULFONIC ACID'
5 non-polymer (4R)-2-METHYLPENTANE-2,4-DIOL
6 water water
#
_entity_poly.entity_id   1
_entity_poly.type   'polypeptide(L)'
_entity_poly.pdbx_seq_one_letter_code
;MAHHHHHHMGTLEAQTQGPGSMVTDDQTRRIYRDAGITVEKLGEHIGARVNGIELRGDLSADRVEAIRLALAINKVLVFT
EQHHLDDAGQYAFARLLGEPTLPHPTVRSHGTELLNLEGAANGWHTDVTFVDRIPKASVLRPVTLPSYGGATTWASTVAA
YEQLPKPLRSLVDDLWATHTNLYDYASSGASGGVSAERRAAYYTEFTSSRYETVHPVVRVHPETGERSLLLGQFVKSFQD
LPSAEFASLFQLLQARITKLENTFRWNWRLGDVAIWDNRATQHYGIADFGEQQRELHRVTLAGDVPVDVHGRRSQILLGD
ASHYSGIETPQRLELFAA
;
_entity_poly.pdbx_strand_id   A,B,C,D,E,F,G,H
#
# COMPACT_ATOMS: atom_id res chain seq x y z
N THR A 24 -10.35 21.11 -12.77
CA THR A 24 -10.51 22.37 -12.07
C THR A 24 -9.18 23.09 -11.90
N ASP A 25 -8.10 22.32 -11.96
CA ASP A 25 -6.74 22.83 -11.82
C ASP A 25 -6.37 23.86 -12.89
N ASP A 26 -6.73 23.58 -14.14
CA ASP A 26 -6.44 24.50 -15.24
C ASP A 26 -7.17 25.83 -15.04
N GLN A 27 -8.41 25.77 -14.57
CA GLN A 27 -9.18 26.97 -14.30
C GLN A 27 -8.46 27.83 -13.25
N THR A 28 -7.89 27.16 -12.26
CA THR A 28 -7.17 27.84 -11.19
C THR A 28 -5.95 28.60 -11.72
N ARG A 29 -5.15 27.96 -12.55
CA ARG A 29 -3.97 28.59 -13.13
C ARG A 29 -4.35 29.79 -14.01
N ARG A 30 -5.49 29.68 -14.69
CA ARG A 30 -5.96 30.76 -15.55
C ARG A 30 -6.34 31.97 -14.72
N ILE A 31 -6.96 31.72 -13.57
CA ILE A 31 -7.34 32.79 -12.64
C ILE A 31 -6.09 33.50 -12.11
N TYR A 32 -5.08 32.72 -11.75
CA TYR A 32 -3.80 33.28 -11.31
C TYR A 32 -3.18 34.13 -12.43
N ARG A 33 -3.13 33.56 -13.62
CA ARG A 33 -2.54 34.26 -14.78
C ARG A 33 -3.24 35.58 -15.05
N ASP A 34 -4.57 35.56 -15.09
CA ASP A 34 -5.35 36.75 -15.39
C ASP A 34 -5.13 37.83 -14.32
N ALA A 35 -4.80 37.41 -13.11
CA ALA A 35 -4.58 38.35 -12.02
C ALA A 35 -3.13 38.76 -11.91
N GLY A 36 -2.31 38.26 -12.83
CA GLY A 36 -0.89 38.61 -12.86
C GLY A 36 -0.09 38.12 -11.65
N ILE A 37 -0.48 36.99 -11.09
CA ILE A 37 0.32 36.41 -10.00
C ILE A 37 0.76 34.98 -10.35
N THR A 38 1.83 34.52 -9.71
CA THR A 38 2.22 33.12 -9.79
C THR A 38 2.12 32.52 -8.40
N VAL A 39 1.68 31.27 -8.33
CA VAL A 39 1.50 30.59 -7.06
C VAL A 39 2.22 29.23 -7.06
N GLU A 40 3.33 29.15 -6.33
CA GLU A 40 4.17 27.96 -6.32
C GLU A 40 4.01 27.18 -5.02
N LYS A 41 3.58 25.93 -5.13
CA LYS A 41 3.43 25.07 -3.97
C LYS A 41 4.77 24.92 -3.26
N LEU A 42 4.73 24.93 -1.93
CA LEU A 42 5.91 24.76 -1.10
C LEU A 42 5.84 23.46 -0.31
N GLY A 43 4.68 22.82 -0.32
CA GLY A 43 4.53 21.55 0.36
C GLY A 43 3.33 20.82 -0.20
N GLU A 44 3.26 19.50 -0.04
CA GLU A 44 2.16 18.74 -0.62
C GLU A 44 0.81 19.17 -0.06
N HIS A 45 0.73 19.37 1.26
CA HIS A 45 -0.56 19.65 1.88
C HIS A 45 -0.79 21.11 2.29
N ILE A 46 0.27 21.90 2.26
CA ILE A 46 0.19 23.24 2.82
C ILE A 46 1.39 24.09 2.41
N GLY A 47 1.11 25.37 2.13
CA GLY A 47 2.13 26.35 1.85
C GLY A 47 2.30 26.65 0.37
N ALA A 48 2.30 27.93 0.04
CA ALA A 48 2.57 28.37 -1.32
C ALA A 48 3.14 29.77 -1.31
N ARG A 49 4.06 30.01 -2.25
CA ARG A 49 4.68 31.32 -2.43
CA ARG A 49 4.65 31.32 -2.40
C ARG A 49 4.00 32.06 -3.57
N VAL A 50 3.57 33.28 -3.31
CA VAL A 50 2.92 34.10 -4.34
C VAL A 50 3.89 35.17 -4.81
N ASN A 51 4.05 35.27 -6.12
CA ASN A 51 4.91 36.31 -6.69
C ASN A 51 4.12 37.11 -7.70
N GLY A 52 4.60 38.30 -8.00
CA GLY A 52 4.01 39.12 -9.04
C GLY A 52 3.03 40.15 -8.51
N ILE A 53 2.98 40.32 -7.20
CA ILE A 53 2.03 41.29 -6.65
C ILE A 53 2.57 42.00 -5.40
N GLU A 54 2.38 43.31 -5.36
CA GLU A 54 2.70 44.11 -4.18
C GLU A 54 1.41 44.34 -3.37
N LEU A 55 1.39 43.87 -2.14
CA LEU A 55 0.20 43.98 -1.30
C LEU A 55 -0.11 45.43 -0.92
N ARG A 56 -1.25 45.93 -1.38
CA ARG A 56 -1.67 47.29 -1.07
C ARG A 56 -3.18 47.34 -0.87
N GLY A 57 -3.65 48.41 -0.23
CA GLY A 57 -5.07 48.55 0.03
C GLY A 57 -5.90 48.88 -1.20
N ASP A 58 -5.24 49.15 -2.32
CA ASP A 58 -5.98 49.54 -3.52
C ASP A 58 -5.87 48.49 -4.63
N LEU A 59 -5.55 47.25 -4.24
CA LEU A 59 -5.55 46.13 -5.18
C LEU A 59 -6.94 45.96 -5.79
N SER A 60 -7.00 45.66 -7.09
CA SER A 60 -8.28 45.47 -7.75
C SER A 60 -8.96 44.21 -7.26
N ALA A 61 -10.28 44.16 -7.40
CA ALA A 61 -11.08 43.06 -6.86
C ALA A 61 -10.68 41.69 -7.40
N ASP A 62 -10.35 41.63 -8.68
CA ASP A 62 -10.01 40.35 -9.30
C ASP A 62 -8.72 39.79 -8.71
N ARG A 63 -7.77 40.68 -8.41
CA ARG A 63 -6.50 40.22 -7.85
C ARG A 63 -6.71 39.77 -6.41
N VAL A 64 -7.57 40.46 -5.68
CA VAL A 64 -7.87 40.10 -4.30
C VAL A 64 -8.51 38.71 -4.28
N GLU A 65 -9.43 38.47 -5.20
CA GLU A 65 -10.11 37.17 -5.26
C GLU A 65 -9.17 36.03 -5.66
N ALA A 66 -8.15 36.35 -6.46
CA ALA A 66 -7.14 35.36 -6.81
C ALA A 66 -6.35 34.94 -5.58
N ILE A 67 -6.04 35.93 -4.74
CA ILE A 67 -5.36 35.64 -3.48
C ILE A 67 -6.27 34.83 -2.57
N ARG A 68 -7.54 35.22 -2.53
CA ARG A 68 -8.52 34.50 -1.72
C ARG A 68 -8.59 33.03 -2.11
N LEU A 69 -8.62 32.75 -3.41
CA LEU A 69 -8.66 31.40 -3.93
C LEU A 69 -7.37 30.63 -3.61
N ALA A 70 -6.24 31.29 -3.81
CA ALA A 70 -4.95 30.67 -3.51
C ALA A 70 -4.86 30.28 -2.02
N LEU A 71 -5.42 31.12 -1.16
CA LEU A 71 -5.39 30.87 0.28
C LEU A 71 -6.23 29.65 0.64
N ALA A 72 -7.41 29.58 0.03
CA ALA A 72 -8.35 28.48 0.26
C ALA A 72 -7.72 27.13 -0.10
N ILE A 73 -7.00 27.12 -1.22
CA ILE A 73 -6.40 25.89 -1.72
C ILE A 73 -5.16 25.49 -0.90
N ASN A 74 -4.31 26.47 -0.60
CA ASN A 74 -2.99 26.20 -0.05
C ASN A 74 -2.82 26.47 1.45
N LYS A 75 -3.83 27.05 2.08
CA LYS A 75 -3.92 27.24 3.53
C LYS A 75 -3.00 28.30 4.15
N VAL A 76 -1.78 28.40 3.64
CA VAL A 76 -0.86 29.46 4.03
C VAL A 76 -0.17 30.02 2.79
N LEU A 77 -0.18 31.34 2.65
CA LEU A 77 0.53 32.02 1.58
C LEU A 77 1.66 32.88 2.14
N VAL A 78 2.80 32.87 1.45
CA VAL A 78 3.86 33.81 1.78
C VAL A 78 4.18 34.69 0.58
N PHE A 79 4.42 35.97 0.87
CA PHE A 79 4.81 36.96 -0.11
C PHE A 79 6.17 37.51 0.31
N THR A 80 7.03 37.88 -0.65
CA THR A 80 8.35 38.39 -0.29
C THR A 80 8.60 39.77 -0.90
N GLU A 81 9.62 40.46 -0.37
CA GLU A 81 10.05 41.78 -0.85
C GLU A 81 8.95 42.85 -0.76
N GLN A 82 8.09 42.72 0.24
CA GLN A 82 7.04 43.71 0.47
C GLN A 82 7.55 44.82 1.38
N HIS A 83 8.65 45.45 0.99
CA HIS A 83 9.34 46.42 1.83
C HIS A 83 8.61 47.75 1.99
N HIS A 84 7.60 47.95 1.16
CA HIS A 84 6.78 49.16 1.21
C HIS A 84 5.76 49.13 2.36
N LEU A 85 5.50 47.95 2.92
CA LEU A 85 4.42 47.82 3.91
C LEU A 85 4.76 48.35 5.28
N ASP A 86 3.88 49.18 5.83
CA ASP A 86 3.93 49.54 7.25
C ASP A 86 2.62 49.09 7.89
N ASP A 87 2.41 49.44 9.15
CA ASP A 87 1.21 49.01 9.86
C ASP A 87 -0.04 49.46 9.10
N ALA A 88 -0.06 50.72 8.68
CA ALA A 88 -1.21 51.27 7.96
C ALA A 88 -1.46 50.55 6.64
N GLY A 89 -0.39 50.28 5.90
CA GLY A 89 -0.49 49.61 4.62
C GLY A 89 -0.95 48.17 4.78
N GLN A 90 -0.45 47.51 5.82
CA GLN A 90 -0.83 46.13 6.09
C GLN A 90 -2.31 46.05 6.46
N TYR A 91 -2.75 46.99 7.28
CA TYR A 91 -4.14 47.07 7.71
C TYR A 91 -5.06 47.31 6.50
N ALA A 92 -4.67 48.25 5.64
CA ALA A 92 -5.48 48.60 4.48
C ALA A 92 -5.64 47.41 3.53
N PHE A 93 -4.55 46.67 3.32
CA PHE A 93 -4.62 45.47 2.48
C PHE A 93 -5.50 44.39 3.12
N ALA A 94 -5.34 44.17 4.42
CA ALA A 94 -6.09 43.13 5.10
C ALA A 94 -7.61 43.39 4.98
N ARG A 95 -7.99 44.67 4.99
CA ARG A 95 -9.41 45.05 4.88
C ARG A 95 -10.06 44.57 3.58
N LEU A 96 -9.25 44.29 2.56
CA LEU A 96 -9.77 43.81 1.29
C LEU A 96 -10.23 42.36 1.36
N LEU A 97 -9.70 41.64 2.35
CA LEU A 97 -10.01 40.22 2.53
C LEU A 97 -11.09 39.97 3.60
N GLY A 98 -11.38 40.98 4.41
CA GLY A 98 -12.37 40.81 5.46
C GLY A 98 -12.47 42.00 6.38
N GLU A 99 -13.19 41.84 7.48
CA GLU A 99 -13.35 42.90 8.46
CA GLU A 99 -13.36 42.90 8.46
C GLU A 99 -12.42 42.69 9.65
N PRO A 100 -11.39 43.56 9.77
CA PRO A 100 -10.38 43.38 10.82
C PRO A 100 -11.01 43.39 12.20
N THR A 101 -10.56 42.47 13.05
CA THR A 101 -10.99 42.44 14.42
C THR A 101 -10.18 43.45 15.22
N LEU A 102 -10.56 43.64 16.48
CA LEU A 102 -9.64 44.27 17.41
C LEU A 102 -8.42 43.34 17.47
N PRO A 103 -7.26 43.87 17.88
CA PRO A 103 -6.07 43.03 17.99
C PRO A 103 -6.27 41.76 18.82
N HIS A 104 -7.03 41.84 19.92
CA HIS A 104 -7.25 40.68 20.79
C HIS A 104 -8.45 40.91 21.71
N PRO A 105 -9.19 39.84 22.07
CA PRO A 105 -10.36 39.98 22.96
C PRO A 105 -10.02 40.48 24.35
N THR A 106 -8.82 40.18 24.85
CA THR A 106 -8.46 40.54 26.21
C THR A 106 -7.19 41.38 26.30
N VAL A 107 -6.26 41.15 25.37
CA VAL A 107 -4.98 41.87 25.35
C VAL A 107 -5.13 43.25 24.70
N ARG A 108 -4.84 44.28 25.47
CA ARG A 108 -5.01 45.66 25.04
C ARG A 108 -3.67 46.40 24.99
N SER A 109 -2.64 45.84 25.62
CA SER A 109 -1.38 46.55 25.78
C SER A 109 -0.38 46.41 24.63
N HIS A 110 -0.75 45.70 23.56
CA HIS A 110 0.18 45.50 22.47
C HIS A 110 -0.43 45.92 21.14
N GLY A 111 -1.12 47.05 21.14
CA GLY A 111 -1.73 47.54 19.91
C GLY A 111 -3.23 47.63 20.04
N THR A 112 -3.83 48.60 19.35
CA THR A 112 -5.28 48.76 19.31
C THR A 112 -5.78 48.52 17.88
N GLU A 113 -4.90 48.67 16.90
CA GLU A 113 -5.26 48.40 15.51
C GLU A 113 -4.60 47.11 15.01
N LEU A 114 -3.32 46.91 15.30
CA LEU A 114 -2.66 45.65 15.00
C LEU A 114 -2.20 44.99 16.30
N LEU A 115 -2.06 43.67 16.28
CA LEU A 115 -1.50 42.96 17.41
C LEU A 115 0.01 42.80 17.28
N ASN A 116 0.75 43.36 18.24
CA ASN A 116 2.19 43.29 18.27
C ASN A 116 2.70 42.09 19.08
N LEU A 117 2.97 40.98 18.39
CA LEU A 117 3.45 39.76 19.06
C LEU A 117 4.94 39.86 19.35
N GLU A 118 5.31 39.68 20.62
CA GLU A 118 6.72 39.70 21.01
C GLU A 118 7.13 38.30 21.49
N GLY A 119 8.39 37.96 21.29
CA GLY A 119 8.86 36.63 21.66
C GLY A 119 8.40 35.58 20.68
N ALA A 120 7.99 34.43 21.19
CA ALA A 120 7.52 33.35 20.31
C ALA A 120 6.27 32.67 20.88
N ALA A 121 5.29 32.47 20.01
CA ALA A 121 4.05 31.79 20.39
C ALA A 121 4.19 30.26 20.25
N ASN A 122 5.03 29.69 21.11
CA ASN A 122 5.40 28.27 21.07
C ASN A 122 4.45 27.28 21.76
N GLY A 123 3.28 27.13 21.17
CA GLY A 123 2.31 26.10 21.53
C GLY A 123 1.44 25.98 20.29
N TRP A 124 1.08 24.76 19.88
CA TRP A 124 0.24 24.57 18.69
C TRP A 124 -1.17 25.07 18.91
N HIS A 125 -1.60 26.01 18.09
CA HIS A 125 -2.93 26.57 18.30
C HIS A 125 -3.55 27.11 17.04
N THR A 126 -4.87 27.19 17.10
CA THR A 126 -5.62 27.99 16.16
C THR A 126 -5.97 29.29 16.89
N ASP A 127 -5.87 30.43 16.21
CA ASP A 127 -6.02 31.71 16.89
C ASP A 127 -7.42 31.93 17.46
N VAL A 128 -7.45 32.36 18.72
CA VAL A 128 -8.67 32.79 19.43
C VAL A 128 -9.82 31.79 19.25
N THR A 129 -9.57 30.51 19.54
CA THR A 129 -10.64 29.55 19.40
C THR A 129 -11.54 29.56 20.65
N PHE A 130 -11.22 30.41 21.63
CA PHE A 130 -12.01 30.39 22.87
C PHE A 130 -13.27 31.25 22.80
N VAL A 131 -13.46 31.95 21.68
CA VAL A 131 -14.70 32.71 21.46
C VAL A 131 -15.59 31.98 20.45
N ASP A 132 -16.83 32.44 20.31
CA ASP A 132 -17.73 31.83 19.34
C ASP A 132 -17.29 32.18 17.92
N ARG A 133 -16.93 33.44 17.70
CA ARG A 133 -16.56 33.94 16.38
C ARG A 133 -15.07 33.79 16.12
N ILE A 134 -14.61 32.57 15.91
CA ILE A 134 -13.20 32.32 15.64
C ILE A 134 -12.77 33.09 14.37
N PRO A 135 -11.70 33.89 14.47
CA PRO A 135 -11.29 34.68 13.31
C PRO A 135 -10.94 33.77 12.13
N LYS A 136 -11.25 34.21 10.91
CA LYS A 136 -11.11 33.36 9.73
C LYS A 136 -9.70 33.33 9.15
N ALA A 137 -8.93 34.39 9.38
CA ALA A 137 -7.61 34.52 8.75
C ALA A 137 -6.77 35.57 9.46
N SER A 138 -5.46 35.49 9.26
CA SER A 138 -4.55 36.50 9.76
C SER A 138 -3.55 36.90 8.69
N VAL A 139 -3.13 38.16 8.74
CA VAL A 139 -2.06 38.69 7.89
C VAL A 139 -0.91 39.09 8.80
N LEU A 140 0.27 38.56 8.52
CA LEU A 140 1.41 38.70 9.42
C LEU A 140 2.65 39.17 8.67
N ARG A 141 3.35 40.16 9.23
CA ARG A 141 4.61 40.61 8.67
C ARG A 141 5.60 40.86 9.81
N PRO A 142 6.88 40.53 9.59
CA PRO A 142 7.90 40.72 10.62
C PRO A 142 8.33 42.18 10.77
N VAL A 143 8.65 42.59 11.99
CA VAL A 143 9.13 43.94 12.23
C VAL A 143 10.55 43.91 12.75
N THR A 144 10.81 42.98 13.67
CA THR A 144 12.14 42.79 14.23
C THR A 144 12.44 41.30 14.30
N LEU A 145 13.60 40.89 13.77
CA LEU A 145 13.92 39.46 13.69
C LEU A 145 15.27 39.17 14.35
N PRO A 146 15.37 38.00 15.00
CA PRO A 146 16.64 37.57 15.60
C PRO A 146 17.62 37.15 14.53
N SER A 147 18.89 37.02 14.90
CA SER A 147 19.94 36.69 13.96
C SER A 147 19.85 35.24 13.48
N TYR A 148 19.16 34.39 14.25
CA TYR A 148 18.87 33.03 13.85
C TYR A 148 17.60 32.55 14.51
N GLY A 149 17.02 31.47 13.97
CA GLY A 149 15.83 30.86 14.53
C GLY A 149 14.59 31.73 14.39
N GLY A 150 13.53 31.34 15.08
CA GLY A 150 12.32 32.14 15.13
C GLY A 150 11.37 31.90 13.96
N ALA A 151 11.45 30.73 13.34
CA ALA A 151 10.52 30.40 12.27
C ALA A 151 9.08 30.25 12.77
N THR A 152 8.11 30.43 11.89
CA THR A 152 6.74 30.06 12.21
C THR A 152 6.40 28.80 11.42
N THR A 153 5.73 27.84 12.05
CA THR A 153 5.30 26.67 11.30
C THR A 153 3.80 26.49 11.39
N TRP A 154 3.18 26.08 10.29
CA TRP A 154 1.73 25.87 10.23
C TRP A 154 1.40 24.41 9.93
N ALA A 155 0.27 23.91 10.44
CA ALA A 155 -0.18 22.55 10.14
C ALA A 155 -1.56 22.59 9.48
N SER A 156 -1.79 21.74 8.48
CA SER A 156 -3.11 21.67 7.86
C SER A 156 -4.05 20.77 8.63
N THR A 157 -5.10 21.34 9.22
CA THR A 157 -6.07 20.53 9.96
C THR A 157 -7.06 19.88 9.00
N VAL A 158 -7.04 20.32 7.74
CA VAL A 158 -7.80 19.68 6.68
C VAL A 158 -7.13 18.37 6.28
N ALA A 159 -5.82 18.40 6.08
CA ALA A 159 -5.11 17.18 5.75
C ALA A 159 -5.22 16.16 6.88
N ALA A 160 -5.15 16.64 8.13
CA ALA A 160 -5.25 15.73 9.27
C ALA A 160 -6.59 14.97 9.28
N TYR A 161 -7.68 15.67 8.99
CA TYR A 161 -8.95 14.99 8.92
C TYR A 161 -8.98 13.99 7.77
N GLU A 162 -8.44 14.40 6.62
CA GLU A 162 -8.42 13.53 5.43
C GLU A 162 -7.73 12.21 5.72
N GLN A 163 -6.70 12.26 6.55
CA GLN A 163 -5.85 11.11 6.80
C GLN A 163 -6.38 10.21 7.91
N LEU A 164 -7.48 10.58 8.55
CA LEU A 164 -8.06 9.72 9.59
C LEU A 164 -8.69 8.47 8.97
N PRO A 165 -8.43 7.30 9.57
CA PRO A 165 -9.15 6.09 9.17
C PRO A 165 -10.58 6.15 9.70
N LYS A 166 -11.46 5.33 9.14
CA LYS A 166 -12.88 5.34 9.46
C LYS A 166 -13.22 5.40 10.98
N PRO A 167 -12.67 4.50 11.82
CA PRO A 167 -13.08 4.54 13.22
C PRO A 167 -12.71 5.87 13.90
N LEU A 168 -11.58 6.47 13.56
CA LEU A 168 -11.22 7.76 14.17
C LEU A 168 -12.06 8.89 13.59
N ARG A 169 -12.45 8.79 12.32
CA ARG A 169 -13.40 9.74 11.74
CA ARG A 169 -13.39 9.76 11.77
C ARG A 169 -14.73 9.68 12.50
N SER A 170 -15.20 8.48 12.76
CA SER A 170 -16.45 8.28 13.49
C SER A 170 -16.36 8.92 14.87
N LEU A 171 -15.18 8.79 15.51
CA LEU A 171 -14.95 9.43 16.81
C LEU A 171 -15.07 10.96 16.73
N VAL A 172 -14.25 11.58 15.88
CA VAL A 172 -14.14 13.04 15.93
C VAL A 172 -15.40 13.74 15.38
N ASP A 173 -16.11 13.10 14.44
CA ASP A 173 -17.35 13.66 13.89
C ASP A 173 -18.39 13.90 14.99
N ASP A 174 -18.30 13.10 16.05
CA ASP A 174 -19.22 13.20 17.19
C ASP A 174 -18.63 13.93 18.41
N LEU A 175 -17.39 14.36 18.31
CA LEU A 175 -16.66 14.90 19.46
C LEU A 175 -16.80 16.42 19.55
N TRP A 176 -17.02 16.91 20.76
CA TRP A 176 -17.11 18.36 21.03
C TRP A 176 -16.12 18.75 22.12
N ALA A 177 -15.63 19.99 22.07
CA ALA A 177 -14.59 20.40 23.01
C ALA A 177 -14.84 21.79 23.56
N THR A 178 -14.53 21.98 24.83
CA THR A 178 -14.60 23.32 25.43
C THR A 178 -13.26 24.02 25.25
N HIS A 179 -13.27 25.19 24.64
CA HIS A 179 -12.08 26.03 24.50
C HIS A 179 -12.12 27.19 25.51
N THR A 180 -10.97 27.54 26.09
CA THR A 180 -10.89 28.66 27.04
C THR A 180 -9.60 29.44 26.89
N ASN A 181 -9.63 30.70 27.31
CA ASN A 181 -8.45 31.55 27.27
C ASN A 181 -7.57 31.36 28.48
N LEU A 182 -8.09 30.63 29.47
CA LEU A 182 -7.30 30.27 30.64
C LEU A 182 -6.49 29.01 30.32
N TYR A 183 -5.49 29.14 29.46
CA TYR A 183 -4.72 27.98 29.00
C TYR A 183 -3.62 27.63 29.99
N ASP A 184 -2.97 26.49 29.76
CA ASP A 184 -1.93 26.00 30.67
C ASP A 184 -0.56 26.49 30.25
N GLU A 197 9.27 37.78 34.11
CA GLU A 197 8.40 38.76 34.75
C GLU A 197 7.34 39.26 33.78
N ARG A 198 7.77 39.62 32.57
CA ARG A 198 6.88 40.15 31.54
C ARG A 198 5.92 39.10 30.99
N ARG A 199 6.36 37.84 30.97
CA ARG A 199 5.52 36.73 30.50
C ARG A 199 4.34 36.52 31.45
N ALA A 200 4.60 36.70 32.74
CA ALA A 200 3.57 36.64 33.77
C ALA A 200 2.56 37.76 33.61
N ALA A 201 3.05 38.98 33.46
CA ALA A 201 2.19 40.14 33.26
C ALA A 201 1.26 39.95 32.06
N TYR A 202 1.81 39.40 30.98
CA TYR A 202 1.03 39.15 29.77
C TYR A 202 -0.10 38.16 30.05
N TYR A 203 0.20 37.07 30.74
CA TYR A 203 -0.81 36.06 31.04
C TYR A 203 -1.92 36.64 31.90
N THR A 204 -1.56 37.57 32.80
CA THR A 204 -2.52 38.25 33.65
C THR A 204 -3.53 39.03 32.80
N GLU A 205 -3.03 39.74 31.80
CA GLU A 205 -3.91 40.50 30.92
C GLU A 205 -4.73 39.57 30.03
N PHE A 206 -4.09 38.53 29.53
CA PHE A 206 -4.69 37.55 28.63
C PHE A 206 -5.92 36.90 29.28
N THR A 207 -5.87 36.74 30.61
CA THR A 207 -6.94 36.08 31.34
C THR A 207 -7.73 37.05 32.21
N SER A 208 -7.72 38.33 31.86
CA SER A 208 -8.41 39.33 32.69
C SER A 208 -9.92 39.10 32.69
N SER A 209 -10.44 38.55 31.61
CA SER A 209 -11.84 38.11 31.56
C SER A 209 -11.94 36.66 31.03
N ARG A 210 -12.91 35.91 31.52
CA ARG A 210 -12.95 34.47 31.25
C ARG A 210 -13.88 34.09 30.09
N TYR A 211 -13.34 33.36 29.11
CA TYR A 211 -14.10 32.86 27.98
C TYR A 211 -14.15 31.34 27.95
N GLU A 212 -15.35 30.79 27.74
CA GLU A 212 -15.51 29.36 27.49
C GLU A 212 -16.52 29.16 26.37
N THR A 213 -16.10 28.41 25.36
CA THR A 213 -16.94 28.10 24.20
C THR A 213 -16.82 26.60 23.87
N VAL A 214 -17.95 25.95 23.63
CA VAL A 214 -17.96 24.54 23.24
C VAL A 214 -18.06 24.47 21.72
N HIS A 215 -16.98 23.98 21.11
CA HIS A 215 -16.86 23.85 19.66
C HIS A 215 -16.86 22.39 19.22
N PRO A 216 -17.36 22.11 18.00
CA PRO A 216 -17.16 20.75 17.49
C PRO A 216 -15.69 20.52 17.13
N VAL A 217 -15.21 19.28 17.29
CA VAL A 217 -13.85 18.93 16.93
C VAL A 217 -13.67 18.81 15.42
N VAL A 218 -14.77 18.54 14.71
CA VAL A 218 -14.74 18.64 13.23
C VAL A 218 -15.67 19.77 12.81
N ARG A 219 -15.10 20.79 12.15
CA ARG A 219 -15.94 21.85 11.61
C ARG A 219 -15.96 21.75 10.10
N VAL A 220 -17.05 22.23 9.50
CA VAL A 220 -17.16 22.28 8.05
C VAL A 220 -16.86 23.68 7.57
N HIS A 221 -15.78 23.81 6.80
CA HIS A 221 -15.33 25.11 6.30
C HIS A 221 -16.45 25.73 5.46
N PRO A 222 -16.89 26.95 5.83
CA PRO A 222 -18.04 27.61 5.21
C PRO A 222 -17.77 28.12 3.80
N GLU A 223 -16.52 28.18 3.38
CA GLU A 223 -16.23 28.68 2.05
C GLU A 223 -15.74 27.57 1.12
N THR A 224 -15.07 26.56 1.66
CA THR A 224 -14.58 25.45 0.85
C THR A 224 -15.37 24.15 1.00
N GLY A 225 -16.11 24.01 2.08
CA GLY A 225 -16.80 22.78 2.38
C GLY A 225 -15.92 21.67 2.95
N GLU A 226 -14.62 21.94 3.08
CA GLU A 226 -13.73 20.91 3.61
C GLU A 226 -13.91 20.72 5.11
N ARG A 227 -13.83 19.47 5.56
CA ARG A 227 -13.87 19.20 6.99
C ARG A 227 -12.49 19.44 7.58
N SER A 228 -12.45 20.05 8.75
CA SER A 228 -11.19 20.36 9.39
CA SER A 228 -11.22 20.47 9.39
C SER A 228 -11.26 20.16 10.89
N LEU A 229 -10.16 19.67 11.46
CA LEU A 229 -10.09 19.46 12.90
C LEU A 229 -9.91 20.81 13.63
N LEU A 230 -10.71 21.00 14.68
CA LEU A 230 -10.68 22.20 15.49
C LEU A 230 -10.26 21.79 16.90
N LEU A 231 -9.01 22.05 17.22
CA LEU A 231 -8.44 21.65 18.50
C LEU A 231 -7.47 22.70 18.94
N GLY A 232 -6.23 22.28 19.25
CA GLY A 232 -5.23 23.28 19.64
C GLY A 232 -5.15 23.54 21.14
N GLN A 233 -4.22 24.40 21.56
CA GLN A 233 -3.88 24.48 22.97
CA GLN A 233 -3.85 24.56 22.95
C GLN A 233 -4.95 25.14 23.83
N PHE A 234 -5.94 25.78 23.22
CA PHE A 234 -6.98 26.39 24.05
C PHE A 234 -8.02 25.38 24.54
N VAL A 235 -7.95 24.14 24.04
CA VAL A 235 -8.88 23.08 24.44
C VAL A 235 -8.60 22.62 25.86
N LYS A 236 -9.67 22.56 26.65
CA LYS A 236 -9.64 22.22 28.07
C LYS A 236 -10.19 20.82 28.40
N SER A 237 -11.18 20.41 27.62
CA SER A 237 -11.88 19.16 27.88
C SER A 237 -12.68 18.75 26.67
N PHE A 238 -13.12 17.49 26.64
CA PHE A 238 -14.05 16.97 25.64
C PHE A 238 -15.40 16.71 26.31
N GLN A 239 -16.50 17.08 25.65
CA GLN A 239 -17.82 16.84 26.20
C GLN A 239 -18.09 15.36 26.44
N ASP A 240 -18.60 15.05 27.63
CA ASP A 240 -19.00 13.70 28.02
C ASP A 240 -17.83 12.72 28.18
N LEU A 241 -16.60 13.24 28.22
CA LEU A 241 -15.45 12.36 28.48
C LEU A 241 -14.74 12.77 29.75
N PRO A 242 -14.27 11.79 30.53
CA PRO A 242 -13.52 12.12 31.75
C PRO A 242 -12.13 12.69 31.47
N SER A 243 -11.60 13.45 32.43
CA SER A 243 -10.31 14.14 32.31
C SER A 243 -9.16 13.22 31.92
N ALA A 244 -9.13 12.03 32.52
CA ALA A 244 -8.05 11.07 32.27
C ALA A 244 -7.99 10.69 30.80
N GLU A 245 -9.15 10.61 30.16
CA GLU A 245 -9.16 10.23 28.76
C GLU A 245 -8.89 11.42 27.86
N PHE A 246 -9.08 12.62 28.40
CA PHE A 246 -8.87 13.83 27.61
C PHE A 246 -7.43 13.92 27.12
N ALA A 247 -6.50 13.75 28.03
CA ALA A 247 -5.10 13.94 27.70
C ALA A 247 -4.64 12.97 26.62
N SER A 248 -5.06 11.71 26.73
CA SER A 248 -4.69 10.67 25.77
CA SER A 248 -4.65 10.69 25.78
CA SER A 248 -4.65 10.70 25.77
C SER A 248 -5.22 10.97 24.39
N LEU A 249 -6.50 11.31 24.33
CA LEU A 249 -7.12 11.56 23.03
C LEU A 249 -6.67 12.88 22.43
N PHE A 250 -6.49 13.90 23.27
CA PHE A 250 -5.98 15.19 22.80
C PHE A 250 -4.60 14.98 22.16
N GLN A 251 -3.75 14.24 22.82
CA GLN A 251 -2.42 13.96 22.34
C GLN A 251 -2.37 13.22 21.05
N LEU A 252 -3.21 12.21 20.94
CA LEU A 252 -3.32 11.41 19.73
C LEU A 252 -3.73 12.29 18.54
N LEU A 253 -4.77 13.09 18.73
CA LEU A 253 -5.27 13.91 17.65
C LEU A 253 -4.30 15.05 17.30
N GLN A 254 -3.70 15.70 18.30
CA GLN A 254 -2.72 16.75 17.98
C GLN A 254 -1.51 16.18 17.22
N ALA A 255 -1.08 14.96 17.54
CA ALA A 255 0.08 14.38 16.87
C ALA A 255 -0.21 14.13 15.40
N ARG A 256 -1.47 13.78 15.10
CA ARG A 256 -1.90 13.61 13.71
C ARG A 256 -1.94 14.94 12.96
N ILE A 257 -2.32 16.01 13.66
CA ILE A 257 -2.37 17.33 13.06
C ILE A 257 -0.95 17.84 12.78
N THR A 258 -0.05 17.66 13.75
CA THR A 258 1.28 18.27 13.66
C THR A 258 2.33 17.35 13.04
N LYS A 259 1.89 16.21 12.54
CA LYS A 259 2.73 15.33 11.76
C LYS A 259 3.53 16.16 10.73
N LEU A 260 4.85 15.95 10.64
CA LEU A 260 5.70 16.84 9.86
C LEU A 260 5.27 17.01 8.40
N GLU A 261 4.81 15.91 7.78
CA GLU A 261 4.32 15.94 6.40
C GLU A 261 3.15 16.92 6.20
N ASN A 262 2.44 17.23 7.29
CA ASN A 262 1.32 18.17 7.20
C ASN A 262 1.71 19.60 7.56
N THR A 263 3.01 19.87 7.67
CA THR A 263 3.43 21.18 8.14
C THR A 263 4.32 21.96 7.15
N PHE A 264 4.19 23.29 7.23
CA PHE A 264 4.94 24.24 6.44
C PHE A 264 5.67 25.16 7.42
N ARG A 265 7.00 25.22 7.32
CA ARG A 265 7.83 25.99 8.25
C ARG A 265 8.59 27.08 7.50
N TRP A 266 8.37 28.32 7.90
CA TRP A 266 8.91 29.45 7.14
C TRP A 266 9.93 30.24 7.93
N ASN A 267 11.13 30.38 7.36
CA ASN A 267 12.18 31.25 7.91
C ASN A 267 11.93 32.70 7.51
N TRP A 268 11.70 33.56 8.50
CA TRP A 268 11.34 34.95 8.23
C TRP A 268 12.48 35.80 7.70
N ARG A 269 12.16 36.65 6.73
CA ARG A 269 13.04 37.74 6.33
C ARG A 269 12.22 39.03 6.31
N LEU A 270 12.88 40.15 6.56
CA LEU A 270 12.23 41.45 6.48
C LEU A 270 11.64 41.58 5.08
N GLY A 271 10.43 42.11 4.99
CA GLY A 271 9.77 42.23 3.71
C GLY A 271 8.78 41.10 3.44
N ASP A 272 8.86 40.05 4.26
CA ASP A 272 7.95 38.92 4.11
C ASP A 272 6.58 39.28 4.63
N VAL A 273 5.56 38.63 4.08
CA VAL A 273 4.21 38.69 4.61
C VAL A 273 3.59 37.30 4.53
N ALA A 274 2.97 36.84 5.62
CA ALA A 274 2.25 35.58 5.56
C ALA A 274 0.76 35.81 5.73
N ILE A 275 -0.04 35.05 5.00
CA ILE A 275 -1.49 35.02 5.18
C ILE A 275 -1.89 33.58 5.41
N TRP A 276 -2.67 33.31 6.46
CA TRP A 276 -3.14 31.95 6.65
C TRP A 276 -4.63 31.88 6.93
N ASP A 277 -5.19 30.74 6.55
CA ASP A 277 -6.59 30.41 6.81
C ASP A 277 -6.71 29.83 8.21
N ASN A 278 -7.23 30.64 9.14
CA ASN A 278 -7.34 30.21 10.53
C ASN A 278 -8.49 29.22 10.74
N ARG A 279 -9.19 28.88 9.66
CA ARG A 279 -10.23 27.86 9.73
C ARG A 279 -9.72 26.49 9.31
N ALA A 280 -8.47 26.41 8.84
CA ALA A 280 -7.92 25.19 8.24
C ALA A 280 -6.50 24.89 8.74
N THR A 281 -6.05 25.62 9.75
CA THR A 281 -4.68 25.45 10.21
C THR A 281 -4.57 25.57 11.71
N GLN A 282 -3.42 25.12 12.23
CA GLN A 282 -2.88 25.56 13.51
C GLN A 282 -1.51 26.15 13.22
N HIS A 283 -0.94 26.90 14.16
CA HIS A 283 0.43 27.36 13.97
C HIS A 283 1.19 27.42 15.28
N TYR A 284 2.48 27.69 15.18
CA TYR A 284 3.42 27.56 16.29
C TYR A 284 4.62 28.45 15.99
N GLY A 285 4.90 29.40 16.87
CA GLY A 285 6.09 30.23 16.73
C GLY A 285 7.22 29.61 17.54
N ILE A 286 8.36 29.36 16.89
CA ILE A 286 9.40 28.59 17.55
C ILE A 286 10.36 29.45 18.37
N ALA A 287 10.52 29.09 19.64
CA ALA A 287 11.38 29.86 20.53
C ALA A 287 12.81 29.33 20.55
N ASP A 288 13.45 29.34 19.38
CA ASP A 288 14.82 28.82 19.23
C ASP A 288 15.80 29.92 18.87
N PHE A 289 15.58 31.11 19.41
CA PHE A 289 16.47 32.24 19.09
C PHE A 289 17.07 32.87 20.33
N GLY A 290 17.12 32.11 21.42
CA GLY A 290 17.73 32.59 22.66
C GLY A 290 16.99 33.79 23.25
N GLU A 291 17.76 34.75 23.74
CA GLU A 291 17.19 35.91 24.41
C GLU A 291 16.97 37.10 23.47
N GLN A 292 17.15 36.89 22.17
CA GLN A 292 17.00 37.98 21.19
C GLN A 292 15.58 38.47 21.04
N GLN A 293 15.44 39.69 20.53
CA GLN A 293 14.13 40.29 20.33
C GLN A 293 13.51 39.81 19.02
N ARG A 294 12.21 39.55 19.05
CA ARG A 294 11.48 39.12 17.87
C ARG A 294 10.10 39.77 17.91
N GLU A 295 9.76 40.49 16.85
CA GLU A 295 8.46 41.15 16.79
C GLU A 295 7.83 41.05 15.40
N LEU A 296 6.58 40.60 15.37
CA LEU A 296 5.78 40.55 14.14
C LEU A 296 4.44 41.22 14.40
N HIS A 297 3.90 41.88 13.37
CA HIS A 297 2.64 42.58 13.51
C HIS A 297 1.55 41.83 12.76
N ARG A 298 0.41 41.65 13.43
CA ARG A 298 -0.65 40.80 12.95
C ARG A 298 -1.94 41.59 12.73
N VAL A 299 -2.64 41.30 11.65
CA VAL A 299 -4.03 41.75 11.47
C VAL A 299 -4.88 40.51 11.31
N THR A 300 -5.93 40.41 12.10
CA THR A 300 -6.82 39.27 12.00
CA THR A 300 -6.82 39.27 12.03
C THR A 300 -8.18 39.70 11.50
N LEU A 301 -8.83 38.83 10.72
CA LEU A 301 -10.10 39.13 10.10
C LEU A 301 -11.23 38.32 10.73
N ALA A 302 -12.38 38.98 10.92
CA ALA A 302 -13.54 38.40 11.57
C ALA A 302 -14.02 37.13 10.88
N GLY A 303 -14.41 36.14 11.67
CA GLY A 303 -14.93 34.89 11.13
C GLY A 303 -16.37 34.67 11.53
N ASP A 304 -16.83 33.43 11.33
CA ASP A 304 -18.19 33.06 11.71
C ASP A 304 -18.15 31.99 12.80
N VAL A 305 -19.31 31.54 13.25
CA VAL A 305 -19.36 30.51 14.27
C VAL A 305 -19.23 29.12 13.62
N PRO A 306 -18.31 28.28 14.12
CA PRO A 306 -18.14 26.94 13.56
C PRO A 306 -19.42 26.11 13.58
N VAL A 307 -19.56 25.24 12.58
CA VAL A 307 -20.67 24.27 12.58
C VAL A 307 -20.08 22.87 12.40
N ASP A 308 -20.71 21.88 13.03
CA ASP A 308 -20.24 20.49 12.91
C ASP A 308 -20.79 19.87 11.62
N VAL A 309 -20.57 18.57 11.41
CA VAL A 309 -20.98 17.93 10.16
C VAL A 309 -22.51 17.80 10.04
N HIS A 310 -23.24 18.18 11.08
CA HIS A 310 -24.69 18.17 11.02
C HIS A 310 -25.25 19.59 10.93
N GLY A 311 -24.36 20.58 10.87
CA GLY A 311 -24.80 21.95 10.77
C GLY A 311 -25.12 22.62 12.10
N ARG A 312 -24.77 21.97 13.21
CA ARG A 312 -25.01 22.53 14.53
C ARG A 312 -23.89 23.47 14.95
N ARG A 313 -24.23 24.63 15.48
CA ARG A 313 -23.24 25.66 15.83
C ARG A 313 -22.64 25.50 17.23
N SER A 314 -21.45 26.06 17.40
CA SER A 314 -20.82 26.14 18.70
C SER A 314 -21.67 26.86 19.74
N GLN A 315 -21.44 26.57 21.01
CA GLN A 315 -22.19 27.19 22.10
C GLN A 315 -21.31 27.95 23.08
N ILE A 316 -21.71 29.18 23.38
CA ILE A 316 -21.02 29.99 24.38
C ILE A 316 -21.41 29.57 25.78
N LEU A 317 -20.43 29.32 26.64
CA LEU A 317 -20.70 29.08 28.05
C LEU A 317 -20.45 30.36 28.86
N LEU A 318 -19.31 31.00 28.60
CA LEU A 318 -18.91 32.20 29.31
C LEU A 318 -18.26 33.18 28.36
N GLY A 319 -18.55 34.47 28.53
CA GLY A 319 -17.89 35.51 27.77
C GLY A 319 -18.74 36.10 26.65
N ASP A 320 -18.35 37.29 26.21
CA ASP A 320 -19.01 38.00 25.14
C ASP A 320 -17.92 38.60 24.28
N ALA A 321 -17.88 38.20 23.01
CA ALA A 321 -16.81 38.63 22.12
C ALA A 321 -17.26 39.68 21.13
N SER A 322 -18.43 40.29 21.37
CA SER A 322 -19.00 41.26 20.43
C SER A 322 -18.16 42.53 20.32
N HIS A 323 -17.39 42.81 21.36
CA HIS A 323 -16.49 43.97 21.35
C HIS A 323 -15.26 43.64 20.49
N TYR A 324 -14.98 42.35 20.32
CA TYR A 324 -13.79 41.91 19.60
C TYR A 324 -14.00 41.90 18.07
N SER A 325 -15.14 41.42 17.62
CA SER A 325 -15.48 41.40 16.19
C SER A 325 -16.96 41.11 16.02
N GLY A 326 -17.47 41.34 14.81
CA GLY A 326 -18.81 40.91 14.47
C GLY A 326 -18.77 39.45 14.03
N ILE A 327 -19.92 38.91 13.67
CA ILE A 327 -19.99 37.56 13.12
C ILE A 327 -20.07 37.70 11.61
N GLU A 328 -19.08 37.16 10.89
CA GLU A 328 -19.06 37.29 9.44
C GLU A 328 -20.11 36.41 8.81
N THR A 329 -20.73 36.88 7.73
CA THR A 329 -21.55 36.00 6.90
C THR A 329 -20.71 35.46 5.77
N PRO A 330 -20.32 34.18 5.83
CA PRO A 330 -19.40 33.65 4.83
C PRO A 330 -20.06 33.37 3.49
N GLN A 331 -19.26 33.31 2.43
CA GLN A 331 -19.73 32.98 1.10
C GLN A 331 -18.95 31.79 0.54
N ARG A 332 -19.66 30.79 0.02
CA ARG A 332 -19.02 29.62 -0.59
C ARG A 332 -18.22 30.02 -1.83
N LEU A 333 -17.03 29.44 -2.00
CA LEU A 333 -16.27 29.65 -3.24
C LEU A 333 -16.83 28.68 -4.29
N GLU A 334 -17.14 29.18 -5.47
CA GLU A 334 -17.85 28.37 -6.47
C GLU A 334 -17.01 27.23 -7.07
N LEU A 335 -15.71 27.21 -6.81
CA LEU A 335 -14.88 26.15 -7.32
C LEU A 335 -14.87 24.96 -6.34
N PHE A 336 -15.34 25.21 -5.13
CA PHE A 336 -15.41 24.17 -4.10
C PHE A 336 -16.84 23.69 -3.90
N THR B 24 35.04 30.01 26.63
CA THR B 24 35.71 29.33 25.54
C THR B 24 35.11 29.71 24.19
N ASP B 25 34.46 30.88 24.13
CA ASP B 25 33.88 31.31 22.88
C ASP B 25 34.96 32.08 22.11
N ASP B 26 35.88 32.70 22.86
CA ASP B 26 37.01 33.37 22.21
C ASP B 26 37.85 32.33 21.50
N GLN B 27 38.09 31.21 22.17
CA GLN B 27 38.89 30.13 21.59
C GLN B 27 38.23 29.59 20.34
N THR B 28 36.90 29.44 20.40
CA THR B 28 36.15 28.95 19.25
C THR B 28 36.18 29.93 18.06
N ARG B 29 35.92 31.20 18.32
CA ARG B 29 35.94 32.20 17.25
C ARG B 29 37.33 32.23 16.60
N ARG B 30 38.37 32.07 17.42
CA ARG B 30 39.74 32.07 16.93
C ARG B 30 40.07 30.83 16.09
N ILE B 31 39.56 29.67 16.51
CA ILE B 31 39.82 28.47 15.74
C ILE B 31 39.19 28.54 14.34
N TYR B 32 37.94 29.03 14.28
CA TYR B 32 37.27 29.22 12.99
C TYR B 32 38.02 30.22 12.12
N ARG B 33 38.34 31.38 12.68
CA ARG B 33 39.04 32.39 11.92
C ARG B 33 40.38 31.88 11.40
N ASP B 34 41.15 31.22 12.25
CA ASP B 34 42.45 30.73 11.83
C ASP B 34 42.36 29.72 10.69
N ALA B 35 41.24 29.00 10.63
CA ALA B 35 41.03 27.99 9.58
C ALA B 35 40.30 28.56 8.36
N GLY B 36 40.04 29.86 8.38
CA GLY B 36 39.39 30.55 7.27
C GLY B 36 37.95 30.17 7.00
N ILE B 37 37.21 29.81 8.03
CA ILE B 37 35.78 29.53 7.86
C ILE B 37 34.96 30.45 8.75
N THR B 38 33.70 30.64 8.39
CA THR B 38 32.74 31.29 9.26
C THR B 38 31.70 30.24 9.61
N VAL B 39 31.21 30.30 10.84
CA VAL B 39 30.20 29.35 11.30
C VAL B 39 29.04 30.14 11.89
N GLU B 40 27.92 30.16 11.16
CA GLU B 40 26.75 30.94 11.56
CA GLU B 40 26.75 30.94 11.57
C GLU B 40 25.67 30.05 12.16
N LYS B 41 25.31 30.30 13.42
CA LYS B 41 24.22 29.53 14.06
C LYS B 41 22.92 29.69 13.27
N LEU B 42 22.16 28.61 13.12
CA LEU B 42 20.88 28.68 12.43
C LEU B 42 19.73 28.41 13.38
N GLY B 43 20.05 27.97 14.60
CA GLY B 43 19.07 27.71 15.63
C GLY B 43 19.77 27.73 16.98
N GLU B 44 19.02 27.95 18.05
CA GLU B 44 19.64 28.04 19.37
C GLU B 44 20.36 26.76 19.80
N HIS B 45 19.75 25.59 19.58
CA HIS B 45 20.28 24.33 20.08
C HIS B 45 20.95 23.45 19.01
N ILE B 46 20.76 23.79 17.74
CA ILE B 46 21.17 22.93 16.65
C ILE B 46 21.16 23.69 15.32
N GLY B 47 22.14 23.37 14.49
CA GLY B 47 22.22 23.86 13.13
C GLY B 47 23.16 25.04 12.97
N ALA B 48 24.06 24.96 12.00
CA ALA B 48 24.94 26.07 11.66
C ALA B 48 25.33 25.97 10.19
N ARG B 49 25.50 27.13 9.56
CA ARG B 49 25.97 27.19 8.17
CA ARG B 49 25.98 27.17 8.18
C ARG B 49 27.45 27.55 8.14
N VAL B 50 28.22 26.75 7.40
CA VAL B 50 29.66 26.98 7.30
C VAL B 50 29.97 27.52 5.91
N ASN B 51 30.73 28.61 5.89
CA ASN B 51 31.15 29.26 4.64
C ASN B 51 32.67 29.40 4.61
N GLY B 52 33.20 29.60 3.40
CA GLY B 52 34.62 29.89 3.23
C GLY B 52 35.42 28.64 2.93
N ILE B 53 34.74 27.52 2.68
CA ILE B 53 35.47 26.28 2.47
C ILE B 53 34.85 25.33 1.44
N GLU B 54 35.69 24.81 0.54
CA GLU B 54 35.24 23.79 -0.40
C GLU B 54 35.63 22.43 0.10
N LEU B 55 34.63 21.59 0.34
CA LEU B 55 34.85 20.25 0.88
C LEU B 55 35.56 19.37 -0.13
N ARG B 56 36.78 18.97 0.20
CA ARG B 56 37.57 18.09 -0.67
CA ARG B 56 37.59 18.10 -0.67
C ARG B 56 38.40 17.13 0.17
N GLY B 57 38.96 16.10 -0.47
CA GLY B 57 39.78 15.12 0.23
C GLY B 57 41.15 15.61 0.63
N ASP B 58 41.54 16.80 0.17
CA ASP B 58 42.89 17.29 0.47
C ASP B 58 42.90 18.50 1.39
N LEU B 59 41.82 18.72 2.13
CA LEU B 59 41.76 19.79 3.12
C LEU B 59 42.89 19.59 4.13
N SER B 60 43.52 20.68 4.56
CA SER B 60 44.58 20.61 5.54
C SER B 60 44.03 20.18 6.90
N ALA B 61 44.89 19.63 7.75
CA ALA B 61 44.44 19.06 9.02
C ALA B 61 43.75 20.08 9.93
N ASP B 62 44.26 21.31 9.94
CA ASP B 62 43.70 22.35 10.79
C ASP B 62 42.27 22.72 10.37
N ARG B 63 41.99 22.71 9.07
CA ARG B 63 40.64 23.03 8.61
C ARG B 63 39.70 21.86 8.94
N VAL B 64 40.21 20.64 8.84
CA VAL B 64 39.42 19.47 9.24
C VAL B 64 39.02 19.56 10.72
N GLU B 65 39.99 19.94 11.58
CA GLU B 65 39.71 20.01 13.01
C GLU B 65 38.74 21.15 13.37
N ALA B 66 38.77 22.23 12.60
CA ALA B 66 37.81 23.33 12.78
C ALA B 66 36.39 22.88 12.47
N ILE B 67 36.23 22.08 11.41
CA ILE B 67 34.91 21.52 11.09
C ILE B 67 34.45 20.55 12.19
N ARG B 68 35.38 19.73 12.67
CA ARG B 68 35.08 18.79 13.75
C ARG B 68 34.55 19.50 15.00
N LEU B 69 35.19 20.61 15.37
CA LEU B 69 34.74 21.40 16.52
C LEU B 69 33.38 22.03 16.24
N ALA B 70 33.21 22.59 15.04
CA ALA B 70 31.95 23.23 14.69
C ALA B 70 30.80 22.22 14.77
N LEU B 71 31.08 20.99 14.35
CA LEU B 71 30.10 19.90 14.35
C LEU B 71 29.75 19.49 15.77
N ALA B 72 30.75 19.39 16.61
CA ALA B 72 30.56 19.02 18.01
C ALA B 72 29.66 20.02 18.73
N ILE B 73 29.90 21.30 18.46
CA ILE B 73 29.16 22.37 19.11
C ILE B 73 27.74 22.52 18.55
N ASN B 74 27.60 22.45 17.23
CA ASN B 74 26.35 22.78 16.56
C ASN B 74 25.49 21.60 16.09
N LYS B 75 26.07 20.39 16.19
CA LYS B 75 25.38 19.11 15.97
C LYS B 75 25.02 18.81 14.52
N VAL B 76 24.63 19.85 13.77
CA VAL B 76 24.42 19.71 12.32
C VAL B 76 25.06 20.91 11.63
N LEU B 77 25.86 20.64 10.61
CA LEU B 77 26.44 21.66 9.74
C LEU B 77 25.91 21.56 8.33
N VAL B 78 25.62 22.70 7.72
CA VAL B 78 25.32 22.67 6.28
C VAL B 78 26.33 23.55 5.53
N PHE B 79 26.72 23.07 4.36
CA PHE B 79 27.61 23.81 3.46
C PHE B 79 26.81 23.99 2.16
N THR B 80 27.02 25.09 1.45
CA THR B 80 26.27 25.35 0.22
C THR B 80 27.20 25.58 -0.96
N GLU B 81 26.64 25.46 -2.18
CA GLU B 81 27.39 25.66 -3.42
C GLU B 81 28.62 24.76 -3.55
N GLN B 82 28.51 23.56 -3.04
CA GLN B 82 29.58 22.59 -3.18
C GLN B 82 29.40 21.82 -4.49
N HIS B 83 29.33 22.54 -5.61
CA HIS B 83 28.96 21.93 -6.88
C HIS B 83 30.05 21.05 -7.51
N HIS B 84 31.25 21.13 -6.96
CA HIS B 84 32.38 20.30 -7.41
C HIS B 84 32.26 18.85 -6.93
N LEU B 85 31.41 18.59 -5.93
CA LEU B 85 31.39 17.27 -5.32
C LEU B 85 30.66 16.20 -6.11
N ASP B 86 31.31 15.05 -6.28
CA ASP B 86 30.63 13.85 -6.73
C ASP B 86 30.78 12.77 -5.65
N ASP B 87 30.38 11.54 -5.95
CA ASP B 87 30.46 10.46 -4.96
C ASP B 87 31.90 10.28 -4.48
N ALA B 88 32.85 10.26 -5.41
CA ALA B 88 34.25 10.09 -5.06
C ALA B 88 34.76 11.21 -4.17
N GLY B 89 34.42 12.46 -4.52
CA GLY B 89 34.85 13.60 -3.75
C GLY B 89 34.24 13.63 -2.36
N GLN B 90 32.96 13.25 -2.28
CA GLN B 90 32.28 13.20 -0.98
C GLN B 90 32.90 12.14 -0.09
N TYR B 91 33.22 10.99 -0.69
CA TYR B 91 33.86 9.91 0.03
C TYR B 91 35.24 10.35 0.55
N ALA B 92 36.04 10.98 -0.32
CA ALA B 92 37.40 11.40 0.03
C ALA B 92 37.38 12.44 1.14
N PHE B 93 36.42 13.37 1.10
CA PHE B 93 36.31 14.32 2.20
C PHE B 93 35.90 13.63 3.50
N ALA B 94 34.90 12.76 3.42
CA ALA B 94 34.41 12.10 4.65
C ALA B 94 35.53 11.32 5.35
N ARG B 95 36.44 10.74 4.57
CA ARG B 95 37.57 9.99 5.11
C ARG B 95 38.45 10.82 6.04
N LEU B 96 38.40 12.13 5.87
CA LEU B 96 39.18 13.05 6.70
C LEU B 96 38.59 13.18 8.11
N LEU B 97 37.31 12.82 8.26
CA LEU B 97 36.61 12.95 9.54
C LEU B 97 36.50 11.63 10.31
N GLY B 98 36.77 10.52 9.64
CA GLY B 98 36.69 9.22 10.28
C GLY B 98 36.83 8.09 9.27
N GLU B 99 36.55 6.88 9.73
CA GLU B 99 36.62 5.71 8.85
CA GLU B 99 36.62 5.71 8.86
C GLU B 99 35.24 5.39 8.30
N PRO B 100 35.07 5.55 6.98
CA PRO B 100 33.77 5.22 6.38
C PRO B 100 33.37 3.78 6.63
N THR B 101 32.10 3.58 7.00
CA THR B 101 31.55 2.25 7.17
C THR B 101 31.14 1.69 5.83
N LEU B 102 30.70 0.44 5.81
CA LEU B 102 29.93 -0.04 4.65
C LEU B 102 28.68 0.85 4.58
N PRO B 103 28.03 0.93 3.40
CA PRO B 103 26.82 1.74 3.31
C PRO B 103 25.77 1.41 4.38
N HIS B 104 25.63 0.13 4.72
CA HIS B 104 24.64 -0.33 5.69
C HIS B 104 24.99 -1.76 6.15
N PRO B 105 24.61 -2.13 7.40
CA PRO B 105 24.92 -3.48 7.89
C PRO B 105 24.21 -4.61 7.12
N THR B 106 23.05 -4.33 6.54
CA THR B 106 22.27 -5.36 5.87
C THR B 106 21.93 -5.03 4.41
N VAL B 107 21.79 -3.74 4.11
CA VAL B 107 21.44 -3.31 2.76
C VAL B 107 22.69 -3.26 1.87
N ARG B 108 22.70 -4.06 0.81
CA ARG B 108 23.87 -4.13 -0.06
C ARG B 108 23.61 -3.67 -1.50
N SER B 109 22.33 -3.67 -1.90
CA SER B 109 21.96 -3.36 -3.30
C SER B 109 21.75 -1.88 -3.59
N HIS B 110 22.04 -1.01 -2.62
CA HIS B 110 21.78 0.41 -2.80
C HIS B 110 23.04 1.25 -2.59
N GLY B 111 24.15 0.79 -3.17
CA GLY B 111 25.41 1.50 -3.08
C GLY B 111 26.45 0.61 -2.45
N THR B 112 27.70 0.73 -2.87
CA THR B 112 28.79 -0.09 -2.32
C THR B 112 29.78 0.74 -1.51
N GLU B 113 29.93 2.01 -1.87
CA GLU B 113 30.79 2.94 -1.13
C GLU B 113 29.96 3.97 -0.37
N LEU B 114 28.91 4.46 -1.03
CA LEU B 114 27.96 5.39 -0.43
C LEU B 114 26.60 4.70 -0.34
N LEU B 115 25.76 5.17 0.59
CA LEU B 115 24.38 4.69 0.63
C LEU B 115 23.48 5.61 -0.21
N ASN B 116 22.82 5.03 -1.22
CA ASN B 116 21.94 5.80 -2.10
C ASN B 116 20.49 5.81 -1.61
N LEU B 117 20.16 6.83 -0.81
CA LEU B 117 18.82 6.94 -0.23
C LEU B 117 17.79 7.53 -1.19
N GLU B 118 16.72 6.79 -1.41
CA GLU B 118 15.62 7.22 -2.26
C GLU B 118 14.35 7.41 -1.44
N GLY B 119 13.49 8.32 -1.88
CA GLY B 119 12.27 8.63 -1.16
C GLY B 119 12.54 9.48 0.05
N ALA B 120 11.85 9.18 1.16
CA ALA B 120 12.02 9.94 2.39
C ALA B 120 12.06 9.03 3.62
N ALA B 121 13.04 9.26 4.49
CA ALA B 121 13.16 8.49 5.72
C ALA B 121 12.31 9.11 6.83
N ASN B 122 10.98 9.04 6.67
CA ASN B 122 10.04 9.73 7.57
C ASN B 122 9.66 9.00 8.85
N GLY B 123 10.63 8.86 9.75
CA GLY B 123 10.41 8.34 11.09
C GLY B 123 11.58 8.92 11.86
N TRP B 124 11.35 9.41 13.07
CA TRP B 124 12.45 9.97 13.85
C TRP B 124 13.43 8.90 14.28
N HIS B 125 14.69 9.02 13.90
CA HIS B 125 15.65 7.98 14.25
C HIS B 125 17.06 8.50 14.33
N THR B 126 17.87 7.76 15.08
CA THR B 126 19.32 7.90 15.02
C THR B 126 19.83 6.76 14.12
N ASP B 127 20.79 7.04 13.24
CA ASP B 127 21.20 6.02 12.25
C ASP B 127 21.82 4.77 12.85
N VAL B 128 21.34 3.62 12.38
CA VAL B 128 21.89 2.31 12.70
C VAL B 128 22.12 2.12 14.22
N THR B 129 21.10 2.39 15.03
CA THR B 129 21.28 2.21 16.47
C THR B 129 21.10 0.76 16.92
N PHE B 130 20.78 -0.13 15.98
CA PHE B 130 20.56 -1.53 16.36
C PHE B 130 21.85 -2.35 16.43
N VAL B 131 22.99 -1.74 16.11
CA VAL B 131 24.29 -2.41 16.27
C VAL B 131 25.01 -1.88 17.50
N ASP B 132 26.10 -2.52 17.91
CA ASP B 132 26.87 -2.01 19.06
C ASP B 132 27.63 -0.73 18.68
N ARG B 133 28.24 -0.75 17.49
CA ARG B 133 29.06 0.36 17.01
C ARG B 133 28.24 1.38 16.23
N ILE B 134 27.43 2.16 16.94
CA ILE B 134 26.61 3.17 16.29
C ILE B 134 27.52 4.16 15.56
N PRO B 135 27.30 4.37 14.24
CA PRO B 135 28.17 5.29 13.49
C PRO B 135 28.12 6.68 14.11
N LYS B 136 29.26 7.38 14.09
CA LYS B 136 29.38 8.64 14.81
C LYS B 136 28.84 9.84 14.04
N ALA B 137 28.80 9.75 12.72
CA ALA B 137 28.47 10.92 11.91
C ALA B 137 28.12 10.50 10.51
N SER B 138 27.40 11.37 9.81
CA SER B 138 27.08 11.12 8.43
C SER B 138 27.32 12.37 7.61
N VAL B 139 27.71 12.17 6.37
CA VAL B 139 27.84 13.25 5.38
C VAL B 139 26.86 13.00 4.25
N LEU B 140 26.00 13.98 3.98
CA LEU B 140 24.89 13.77 3.06
C LEU B 140 24.81 14.87 2.01
N ARG B 141 24.62 14.47 0.76
CA ARG B 141 24.41 15.45 -0.30
C ARG B 141 23.29 14.99 -1.25
N PRO B 142 22.49 15.96 -1.73
CA PRO B 142 21.41 15.65 -2.67
C PRO B 142 21.92 15.43 -4.08
N VAL B 143 21.24 14.53 -4.78
CA VAL B 143 21.52 14.22 -6.17
C VAL B 143 20.31 14.57 -7.03
N THR B 144 19.12 14.26 -6.50
CA THR B 144 17.85 14.54 -7.16
C THR B 144 16.86 15.10 -6.16
N LEU B 145 16.22 16.23 -6.48
CA LEU B 145 15.31 16.86 -5.53
C LEU B 145 13.95 17.14 -6.16
N PRO B 146 12.88 16.98 -5.36
CA PRO B 146 11.52 17.27 -5.85
C PRO B 146 11.31 18.78 -6.02
N SER B 147 10.27 19.18 -6.75
CA SER B 147 10.06 20.60 -7.03
C SER B 147 9.61 21.39 -5.79
N TYR B 148 9.05 20.70 -4.81
CA TYR B 148 8.73 21.29 -3.52
C TYR B 148 8.84 20.22 -2.46
N GLY B 149 8.91 20.63 -1.20
CA GLY B 149 8.96 19.69 -0.09
C GLY B 149 10.27 18.94 0.00
N GLY B 150 10.29 17.90 0.82
CA GLY B 150 11.45 17.03 0.93
C GLY B 150 12.55 17.53 1.86
N ALA B 151 12.23 18.41 2.80
CA ALA B 151 13.23 18.87 3.77
C ALA B 151 13.69 17.75 4.70
N THR B 152 14.89 17.91 5.26
CA THR B 152 15.33 17.05 6.36
C THR B 152 15.32 17.88 7.64
N THR B 153 14.81 17.29 8.72
CA THR B 153 14.88 17.96 10.00
C THR B 153 15.64 17.09 11.00
N TRP B 154 16.44 17.75 11.83
CA TRP B 154 17.24 17.10 12.87
C TRP B 154 16.83 17.61 14.24
N ALA B 155 16.94 16.75 15.26
CA ALA B 155 16.67 17.16 16.63
C ALA B 155 17.92 16.94 17.48
N SER B 156 18.21 17.86 18.39
CA SER B 156 19.34 17.67 19.31
C SER B 156 18.97 16.81 20.51
N THR B 157 19.56 15.62 20.62
CA THR B 157 19.28 14.76 21.77
C THR B 157 20.08 15.20 23.02
N VAL B 158 21.06 16.08 22.82
CA VAL B 158 21.78 16.74 23.91
C VAL B 158 20.88 17.80 24.57
N ALA B 159 20.26 18.64 23.75
CA ALA B 159 19.36 19.66 24.28
C ALA B 159 18.20 19.02 25.02
N ALA B 160 17.69 17.92 24.49
CA ALA B 160 16.60 17.22 25.15
C ALA B 160 17.02 16.75 26.54
N TYR B 161 18.24 16.23 26.66
CA TYR B 161 18.71 15.81 28.00
C TYR B 161 18.84 17.00 28.92
N GLU B 162 19.44 18.09 28.41
CA GLU B 162 19.63 19.32 29.19
C GLU B 162 18.30 19.85 29.77
N GLN B 163 17.23 19.67 29.01
CA GLN B 163 15.95 20.26 29.36
C GLN B 163 15.10 19.37 30.29
N LEU B 164 15.57 18.17 30.60
CA LEU B 164 14.84 17.33 31.56
C LEU B 164 14.91 17.86 32.99
N PRO B 165 13.77 17.85 33.70
CA PRO B 165 13.82 18.16 35.13
C PRO B 165 14.44 16.98 35.89
N LYS B 166 14.89 17.23 37.11
CA LYS B 166 15.59 16.21 37.91
C LYS B 166 14.93 14.82 37.92
N PRO B 167 13.62 14.72 38.22
CA PRO B 167 13.05 13.37 38.30
C PRO B 167 13.13 12.58 36.98
N LEU B 168 12.95 13.28 35.86
CA LEU B 168 13.04 12.62 34.57
C LEU B 168 14.48 12.29 34.22
N ARG B 169 15.39 13.16 34.64
CA ARG B 169 16.80 12.84 34.45
C ARG B 169 17.18 11.58 35.26
N SER B 170 16.66 11.49 36.49
CA SER B 170 16.93 10.33 37.33
C SER B 170 16.40 9.06 36.67
N LEU B 171 15.23 9.15 36.05
CA LEU B 171 14.67 8.04 35.28
C LEU B 171 15.61 7.63 34.12
N VAL B 172 15.95 8.55 33.21
CA VAL B 172 16.66 8.11 32.01
C VAL B 172 18.11 7.67 32.28
N ASP B 173 18.73 8.24 33.32
CA ASP B 173 20.11 7.87 33.65
C ASP B 173 20.23 6.35 33.95
N ASP B 174 19.14 5.75 34.41
CA ASP B 174 19.11 4.32 34.79
C ASP B 174 18.40 3.42 33.78
N LEU B 175 17.88 4.02 32.71
CA LEU B 175 17.03 3.32 31.75
C LEU B 175 17.85 2.74 30.58
N TRP B 176 17.52 1.51 30.20
CA TRP B 176 18.16 0.84 29.06
C TRP B 176 17.09 0.38 28.07
N ALA B 177 17.44 0.30 26.79
CA ALA B 177 16.46 -0.05 25.77
C ALA B 177 17.05 -1.02 24.75
N THR B 178 16.23 -1.94 24.27
CA THR B 178 16.68 -2.84 23.21
C THR B 178 16.35 -2.22 21.86
N HIS B 179 17.36 -2.08 21.01
CA HIS B 179 17.20 -1.62 19.63
C HIS B 179 17.28 -2.80 18.68
N THR B 180 16.47 -2.79 17.62
CA THR B 180 16.48 -3.85 16.64
C THR B 180 16.24 -3.30 15.24
N ASN B 181 16.70 -4.04 14.23
CA ASN B 181 16.47 -3.63 12.84
C ASN B 181 15.13 -4.14 12.30
N LEU B 182 14.44 -4.98 13.08
CA LEU B 182 13.11 -5.43 12.69
C LEU B 182 12.06 -4.40 13.13
N TYR B 183 12.06 -3.23 12.50
CA TYR B 183 11.17 -2.13 12.90
C TYR B 183 9.79 -2.28 12.28
N ALA B 200 9.09 -2.83 -0.25
CA ALA B 200 8.84 -4.17 0.28
C ALA B 200 10.09 -5.05 0.19
N ALA B 201 10.67 -5.14 -1.02
CA ALA B 201 11.90 -5.89 -1.24
C ALA B 201 13.00 -5.35 -0.34
N TYR B 202 13.00 -4.02 -0.20
CA TYR B 202 13.96 -3.34 0.64
C TYR B 202 13.84 -3.79 2.09
N TYR B 203 12.61 -3.87 2.61
CA TYR B 203 12.42 -4.26 4.00
C TYR B 203 12.91 -5.68 4.22
N THR B 204 12.74 -6.53 3.21
CA THR B 204 13.23 -7.91 3.27
C THR B 204 14.76 -7.94 3.39
N GLU B 205 15.43 -7.11 2.60
CA GLU B 205 16.88 -7.03 2.66
C GLU B 205 17.36 -6.37 3.95
N PHE B 206 16.66 -5.32 4.38
CA PHE B 206 16.97 -4.60 5.62
C PHE B 206 16.94 -5.54 6.81
N THR B 207 16.05 -6.52 6.73
CA THR B 207 15.83 -7.46 7.83
C THR B 207 16.34 -8.86 7.52
N SER B 208 17.28 -8.99 6.59
CA SER B 208 17.77 -10.30 6.17
C SER B 208 18.52 -11.01 7.30
N SER B 209 19.16 -10.23 8.17
CA SER B 209 19.76 -10.75 9.39
C SER B 209 19.31 -9.93 10.60
N ARG B 210 19.19 -10.56 11.75
CA ARG B 210 18.59 -9.91 12.91
C ARG B 210 19.63 -9.36 13.89
N TYR B 211 19.48 -8.08 14.22
CA TYR B 211 20.33 -7.41 15.20
C TYR B 211 19.51 -6.97 16.40
N GLU B 212 20.01 -7.26 17.60
CA GLU B 212 19.42 -6.73 18.82
C GLU B 212 20.53 -6.26 19.72
N THR B 213 20.43 -5.02 20.18
CA THR B 213 21.45 -4.46 21.05
C THR B 213 20.78 -3.71 22.17
N VAL B 214 21.25 -3.92 23.40
CA VAL B 214 20.71 -3.17 24.53
C VAL B 214 21.61 -1.98 24.78
N HIS B 215 21.07 -0.77 24.58
CA HIS B 215 21.82 0.49 24.74
C HIS B 215 21.30 1.28 25.93
N PRO B 216 22.18 2.05 26.58
CA PRO B 216 21.62 2.96 27.59
C PRO B 216 20.79 4.06 26.92
N VAL B 217 19.73 4.53 27.56
CA VAL B 217 18.93 5.62 27.02
C VAL B 217 19.68 6.95 27.16
N VAL B 218 20.61 7.03 28.11
CA VAL B 218 21.52 8.18 28.19
C VAL B 218 22.94 7.72 27.91
N ARG B 219 23.55 8.24 26.85
CA ARG B 219 24.96 7.95 26.59
C ARG B 219 25.80 9.18 26.84
N VAL B 220 27.07 8.98 27.18
CA VAL B 220 27.98 10.10 27.40
C VAL B 220 28.83 10.24 26.16
N HIS B 221 28.72 11.39 25.49
CA HIS B 221 29.46 11.62 24.24
C HIS B 221 30.96 11.50 24.50
N PRO B 222 31.65 10.62 23.77
CA PRO B 222 33.06 10.34 24.02
C PRO B 222 34.00 11.46 23.60
N GLU B 223 33.52 12.43 22.82
CA GLU B 223 34.41 13.51 22.39
C GLU B 223 34.07 14.85 23.06
N THR B 224 32.80 15.05 23.41
CA THR B 224 32.38 16.29 24.05
C THR B 224 32.07 16.15 25.54
N GLY B 225 31.83 14.93 26.02
CA GLY B 225 31.41 14.73 27.40
C GLY B 225 29.94 15.06 27.66
N GLU B 226 29.23 15.54 26.65
CA GLU B 226 27.83 15.89 26.84
C GLU B 226 26.94 14.65 26.93
N ARG B 227 25.93 14.68 27.79
CA ARG B 227 24.97 13.59 27.87
C ARG B 227 23.91 13.72 26.79
N SER B 228 23.56 12.61 26.15
CA SER B 228 22.57 12.66 25.07
CA SER B 228 22.64 12.63 25.01
C SER B 228 21.63 11.47 25.11
N LEU B 229 20.37 11.73 24.82
CA LEU B 229 19.37 10.66 24.81
C LEU B 229 19.57 9.79 23.58
N LEU B 230 19.54 8.48 23.79
CA LEU B 230 19.69 7.49 22.73
C LEU B 230 18.40 6.69 22.65
N LEU B 231 17.55 7.01 21.67
CA LEU B 231 16.27 6.34 21.51
C LEU B 231 15.98 6.19 20.02
N GLY B 232 14.82 6.68 19.57
CA GLY B 232 14.51 6.64 18.14
C GLY B 232 13.74 5.40 17.70
N GLN B 233 13.40 5.35 16.41
CA GLN B 233 12.42 4.36 15.95
CA GLN B 233 12.45 4.37 15.89
C GLN B 233 12.93 2.92 15.98
N PHE B 234 14.22 2.70 16.16
CA PHE B 234 14.67 1.31 16.24
C PHE B 234 14.43 0.70 17.63
N VAL B 235 14.02 1.52 18.59
CA VAL B 235 13.77 1.00 19.95
C VAL B 235 12.52 0.12 20.00
N LYS B 236 12.67 -1.07 20.58
CA LYS B 236 11.61 -2.07 20.65
C LYS B 236 11.01 -2.16 22.06
N SER B 237 11.84 -1.92 23.08
CA SER B 237 11.41 -2.11 24.45
C SER B 237 12.36 -1.45 25.44
N PHE B 238 11.89 -1.29 26.67
CA PHE B 238 12.73 -0.83 27.78
C PHE B 238 13.02 -1.98 28.74
N GLN B 239 14.27 -2.11 29.15
CA GLN B 239 14.67 -3.14 30.10
C GLN B 239 13.90 -3.00 31.43
N ASP B 240 13.35 -4.12 31.89
CA ASP B 240 12.65 -4.24 33.17
C ASP B 240 11.31 -3.50 33.21
N LEU B 241 10.83 -3.06 32.06
CA LEU B 241 9.53 -2.42 32.00
C LEU B 241 8.58 -3.18 31.08
N PRO B 242 7.32 -3.32 31.47
CA PRO B 242 6.32 -4.02 30.64
C PRO B 242 5.96 -3.24 29.38
N SER B 243 5.42 -3.95 28.38
CA SER B 243 5.06 -3.34 27.11
C SER B 243 4.15 -2.12 27.26
N ALA B 244 3.17 -2.21 28.16
CA ALA B 244 2.21 -1.11 28.36
C ALA B 244 2.90 0.18 28.77
N GLU B 245 3.95 0.07 29.58
CA GLU B 245 4.63 1.27 30.01
C GLU B 245 5.62 1.76 28.96
N PHE B 246 6.02 0.86 28.07
CA PHE B 246 6.97 1.22 27.04
C PHE B 246 6.42 2.31 26.12
N ALA B 247 5.20 2.12 25.63
CA ALA B 247 4.64 3.03 24.64
C ALA B 247 4.48 4.43 25.21
N SER B 248 4.03 4.47 26.47
CA SER B 248 3.81 5.74 27.15
CA SER B 248 3.83 5.73 27.18
C SER B 248 5.12 6.51 27.38
N LEU B 249 6.13 5.83 27.92
CA LEU B 249 7.41 6.51 28.21
C LEU B 249 8.18 6.83 26.94
N PHE B 250 8.10 5.96 25.94
CA PHE B 250 8.77 6.21 24.66
C PHE B 250 8.23 7.49 24.01
N GLN B 251 6.90 7.57 23.99
CA GLN B 251 6.21 8.72 23.41
C GLN B 251 6.53 10.00 24.15
N LEU B 252 6.56 9.92 25.47
CA LEU B 252 6.90 11.08 26.27
C LEU B 252 8.32 11.55 25.95
N LEU B 253 9.29 10.65 25.93
CA LEU B 253 10.68 11.08 25.72
C LEU B 253 10.91 11.55 24.30
N GLN B 254 10.33 10.85 23.32
CA GLN B 254 10.49 11.28 21.93
C GLN B 254 9.89 12.67 21.71
N ALA B 255 8.78 12.97 22.37
CA ALA B 255 8.17 14.29 22.22
C ALA B 255 9.10 15.38 22.77
N ARG B 256 9.85 15.08 23.83
CA ARG B 256 10.81 16.06 24.34
C ARG B 256 11.97 16.23 23.36
N ILE B 257 12.33 15.15 22.69
CA ILE B 257 13.42 15.23 21.73
C ILE B 257 13.03 16.03 20.48
N THR B 258 11.84 15.78 19.95
CA THR B 258 11.44 16.37 18.68
C THR B 258 10.66 17.68 18.84
N LYS B 259 10.58 18.15 20.07
CA LYS B 259 10.06 19.48 20.37
C LYS B 259 10.68 20.48 19.37
N LEU B 260 9.83 21.32 18.75
CA LEU B 260 10.28 22.16 17.62
C LEU B 260 11.52 23.02 17.91
N GLU B 261 11.59 23.56 19.13
CA GLU B 261 12.71 24.40 19.55
C GLU B 261 14.05 23.68 19.49
N ASN B 262 13.99 22.35 19.52
CA ASN B 262 15.20 21.54 19.49
C ASN B 262 15.52 21.04 18.08
N THR B 263 14.85 21.57 17.08
CA THR B 263 14.99 21.04 15.72
C THR B 263 15.48 22.08 14.73
N PHE B 264 16.19 21.56 13.73
CA PHE B 264 16.72 22.34 12.63
C PHE B 264 16.18 21.70 11.35
N ARG B 265 15.44 22.48 10.55
CA ARG B 265 14.82 21.93 9.35
C ARG B 265 15.38 22.59 8.09
N TRP B 266 15.95 21.80 7.19
CA TRP B 266 16.68 22.36 6.05
C TRP B 266 16.03 22.03 4.72
N ASN B 267 15.71 23.07 3.94
CA ASN B 267 15.26 22.90 2.57
C ASN B 267 16.43 22.67 1.64
N TRP B 268 16.47 21.49 1.03
CA TRP B 268 17.60 21.12 0.17
C TRP B 268 17.68 21.89 -1.14
N ARG B 269 18.90 22.25 -1.54
CA ARG B 269 19.21 22.68 -2.92
C ARG B 269 20.40 21.88 -3.40
N LEU B 270 20.49 21.65 -4.71
CA LEU B 270 21.67 20.99 -5.25
C LEU B 270 22.91 21.77 -4.85
N GLY B 271 23.98 21.07 -4.48
CA GLY B 271 25.18 21.76 -4.03
C GLY B 271 25.27 21.87 -2.51
N ASP B 272 24.17 21.60 -1.81
CA ASP B 272 24.21 21.61 -0.35
C ASP B 272 24.91 20.35 0.12
N VAL B 273 25.54 20.41 1.29
CA VAL B 273 26.06 19.22 1.96
C VAL B 273 25.74 19.34 3.45
N ALA B 274 25.21 18.28 4.05
CA ALA B 274 24.98 18.29 5.49
C ALA B 274 25.91 17.31 6.21
N ILE B 275 26.39 17.71 7.38
CA ILE B 275 27.10 16.79 8.24
C ILE B 275 26.41 16.82 9.58
N TRP B 276 26.09 15.65 10.14
CA TRP B 276 25.52 15.65 11.49
C TRP B 276 26.21 14.68 12.43
N ASP B 277 26.15 15.03 13.70
CA ASP B 277 26.70 14.20 14.76
C ASP B 277 25.67 13.17 15.17
N ASN B 278 25.88 11.91 14.76
CA ASN B 278 24.90 10.85 15.03
C ASN B 278 24.93 10.35 16.48
N ARG B 279 25.80 10.94 17.29
CA ARG B 279 25.84 10.64 18.71
C ARG B 279 25.01 11.67 19.47
N ALA B 280 24.54 12.69 18.77
CA ALA B 280 23.89 13.81 19.46
C ALA B 280 22.60 14.27 18.81
N THR B 281 22.10 13.50 17.84
CA THR B 281 20.92 13.88 17.09
C THR B 281 20.02 12.71 16.76
N GLN B 282 18.81 13.05 16.35
CA GLN B 282 17.96 12.18 15.55
C GLN B 282 17.61 12.95 14.29
N HIS B 283 17.12 12.28 13.26
CA HIS B 283 16.66 13.02 12.08
C HIS B 283 15.46 12.34 11.43
N TYR B 284 14.90 13.03 10.44
CA TYR B 284 13.61 12.68 9.87
C TYR B 284 13.56 13.30 8.48
N GLY B 285 13.36 12.47 7.45
CA GLY B 285 13.17 12.99 6.09
C GLY B 285 11.67 13.12 5.80
N ILE B 286 11.23 14.30 5.43
CA ILE B 286 9.80 14.58 5.35
C ILE B 286 9.18 14.21 4.01
N ALA B 287 8.14 13.37 4.07
CA ALA B 287 7.50 12.87 2.84
C ALA B 287 6.37 13.78 2.39
N ASP B 288 6.68 15.05 2.12
CA ASP B 288 5.67 16.03 1.74
C ASP B 288 5.85 16.51 0.30
N PHE B 289 6.31 15.63 -0.58
CA PHE B 289 6.55 16.01 -1.97
C PHE B 289 5.82 15.12 -2.96
N GLY B 290 4.75 14.46 -2.51
CA GLY B 290 3.97 13.61 -3.39
C GLY B 290 4.79 12.47 -3.94
N GLU B 291 4.59 12.15 -5.22
CA GLU B 291 5.26 11.01 -5.86
C GLU B 291 6.54 11.38 -6.62
N GLN B 292 7.03 12.59 -6.39
CA GLN B 292 8.24 13.06 -7.07
C GLN B 292 9.48 12.29 -6.60
N GLN B 293 10.53 12.33 -7.42
CA GLN B 293 11.77 11.63 -7.04
C GLN B 293 12.63 12.48 -6.11
N ARG B 294 13.24 11.81 -5.14
CA ARG B 294 14.16 12.44 -4.20
C ARG B 294 15.29 11.47 -3.91
N GLU B 295 16.52 11.88 -4.16
CA GLU B 295 17.66 11.01 -3.90
C GLU B 295 18.84 11.79 -3.31
N LEU B 296 19.36 11.29 -2.20
CA LEU B 296 20.53 11.84 -1.53
C LEU B 296 21.54 10.72 -1.28
N HIS B 297 22.83 11.07 -1.33
CA HIS B 297 23.90 10.09 -1.13
C HIS B 297 24.61 10.32 0.21
N ARG B 298 24.78 9.23 0.95
CA ARG B 298 25.25 9.28 2.32
C ARG B 298 26.57 8.56 2.48
N VAL B 299 27.47 9.13 3.29
CA VAL B 299 28.63 8.40 3.78
C VAL B 299 28.56 8.44 5.30
N THR B 300 28.64 7.28 5.94
CA THR B 300 28.66 7.29 7.40
C THR B 300 30.02 6.89 7.91
N LEU B 301 30.37 7.41 9.08
CA LEU B 301 31.67 7.17 9.67
C LEU B 301 31.56 6.33 10.93
N ALA B 302 32.53 5.43 11.10
CA ALA B 302 32.55 4.47 12.19
C ALA B 302 32.54 5.17 13.53
N GLY B 303 31.77 4.62 14.46
CA GLY B 303 31.71 5.15 15.82
C GLY B 303 32.20 4.13 16.83
N ASP B 304 31.94 4.39 18.10
CA ASP B 304 32.33 3.48 19.17
C ASP B 304 31.08 2.97 19.88
N VAL B 305 31.26 2.12 20.89
CA VAL B 305 30.13 1.58 21.63
C VAL B 305 29.69 2.60 22.69
N PRO B 306 28.39 2.89 22.73
CA PRO B 306 27.88 3.85 23.73
C PRO B 306 28.25 3.44 25.15
N VAL B 307 28.45 4.43 26.02
CA VAL B 307 28.59 4.17 27.46
C VAL B 307 27.57 5.00 28.21
N ASP B 308 27.04 4.45 29.30
CA ASP B 308 26.06 5.16 30.12
C ASP B 308 26.81 6.11 31.06
N VAL B 309 26.08 6.77 31.96
CA VAL B 309 26.72 7.75 32.83
C VAL B 309 27.58 7.10 33.91
N HIS B 310 27.52 5.78 33.98
CA HIS B 310 28.29 5.02 34.97
C HIS B 310 29.42 4.24 34.31
N GLY B 311 29.68 4.52 33.04
CA GLY B 311 30.79 3.91 32.33
C GLY B 311 30.52 2.53 31.76
N ARG B 312 29.26 2.11 31.77
CA ARG B 312 28.88 0.79 31.29
C ARG B 312 28.53 0.80 29.81
N ARG B 313 29.06 -0.17 29.05
CA ARG B 313 28.84 -0.22 27.61
C ARG B 313 27.60 -1.02 27.22
N SER B 314 27.10 -0.74 26.01
CA SER B 314 25.99 -1.49 25.46
C SER B 314 26.30 -2.98 25.39
N GLN B 315 25.25 -3.79 25.34
CA GLN B 315 25.39 -5.23 25.30
C GLN B 315 24.71 -5.79 24.05
N ILE B 316 25.46 -6.61 23.32
CA ILE B 316 24.93 -7.27 22.13
C ILE B 316 24.08 -8.47 22.54
N LEU B 317 22.87 -8.56 22.00
CA LEU B 317 22.02 -9.75 22.18
C LEU B 317 22.08 -10.65 20.93
N LEU B 318 21.96 -10.02 19.75
CA LEU B 318 22.00 -10.75 18.49
C LEU B 318 22.74 -9.94 17.46
N GLY B 319 23.54 -10.60 16.64
CA GLY B 319 24.18 -9.94 15.52
C GLY B 319 25.65 -9.64 15.69
N ASP B 320 26.32 -9.43 14.56
CA ASP B 320 27.74 -9.15 14.49
C ASP B 320 27.92 -8.06 13.43
N ALA B 321 28.45 -6.90 13.84
CA ALA B 321 28.57 -5.78 12.92
C ALA B 321 30.02 -5.53 12.49
N SER B 322 30.90 -6.50 12.72
CA SER B 322 32.32 -6.30 12.43
C SER B 322 32.59 -6.11 10.94
N HIS B 323 31.69 -6.59 10.10
CA HIS B 323 31.82 -6.44 8.65
C HIS B 323 31.43 -5.02 8.23
N TYR B 324 30.59 -4.39 9.04
CA TYR B 324 30.04 -3.07 8.73
C TYR B 324 31.06 -2.00 9.04
N SER B 325 31.71 -2.11 10.20
CA SER B 325 32.78 -1.20 10.58
C SER B 325 33.56 -1.77 11.74
N GLY B 326 34.73 -1.18 11.99
CA GLY B 326 35.46 -1.48 13.21
C GLY B 326 34.93 -0.60 14.32
N ILE B 327 35.51 -0.74 15.50
CA ILE B 327 35.15 0.12 16.62
C ILE B 327 36.20 1.21 16.72
N GLU B 328 35.78 2.47 16.60
CA GLU B 328 36.69 3.61 16.63
C GLU B 328 37.18 3.89 18.07
N THR B 329 38.44 4.28 18.20
CA THR B 329 38.90 4.81 19.49
C THR B 329 38.78 6.34 19.44
N PRO B 330 37.81 6.89 20.19
CA PRO B 330 37.50 8.32 20.14
C PRO B 330 38.54 9.18 20.87
N GLN B 331 38.57 10.47 20.56
CA GLN B 331 39.44 11.41 21.27
C GLN B 331 38.63 12.60 21.83
N ARG B 332 38.81 12.90 23.12
CA ARG B 332 38.16 14.07 23.71
C ARG B 332 38.67 15.38 23.13
N LEU B 333 37.77 16.31 22.86
CA LEU B 333 38.14 17.64 22.40
C LEU B 333 38.56 18.46 23.62
N GLU B 334 39.74 19.06 23.60
CA GLU B 334 40.21 19.76 24.80
C GLU B 334 39.51 21.10 25.03
N LEU B 335 38.46 21.36 24.25
CA LEU B 335 37.66 22.56 24.44
C LEU B 335 36.47 22.24 25.35
N PHE B 336 36.18 20.95 25.50
CA PHE B 336 35.07 20.49 26.33
C PHE B 336 35.60 19.90 27.64
N THR C 24 -41.47 -9.66 31.95
CA THR C 24 -40.11 -10.11 31.65
C THR C 24 -39.45 -10.72 32.88
N ASP C 25 -39.61 -10.05 34.02
CA ASP C 25 -38.98 -10.52 35.24
C ASP C 25 -39.89 -11.55 35.89
N ASP C 26 -41.19 -11.44 35.63
CA ASP C 26 -42.14 -12.44 36.10
C ASP C 26 -41.85 -13.77 35.41
N GLN C 27 -41.58 -13.73 34.11
CA GLN C 27 -41.23 -14.93 33.34
C GLN C 27 -39.95 -15.57 33.88
N THR C 28 -38.97 -14.71 34.18
CA THR C 28 -37.70 -15.17 34.73
C THR C 28 -37.89 -15.82 36.09
N ARG C 29 -38.70 -15.18 36.94
CA ARG C 29 -38.98 -15.73 38.26
C ARG C 29 -39.67 -17.10 38.17
N ARG C 30 -40.57 -17.27 37.19
CA ARG C 30 -41.27 -18.54 37.04
C ARG C 30 -40.32 -19.63 36.57
N ILE C 31 -39.39 -19.28 35.67
CA ILE C 31 -38.42 -20.25 35.18
C ILE C 31 -37.53 -20.75 36.32
N TYR C 32 -37.07 -19.81 37.15
CA TYR C 32 -36.28 -20.17 38.33
C TYR C 32 -37.07 -21.06 39.29
N ARG C 33 -38.32 -20.67 39.54
CA ARG C 33 -39.21 -21.40 40.43
C ARG C 33 -39.43 -22.83 39.96
N ASP C 34 -39.76 -23.01 38.69
CA ASP C 34 -40.03 -24.34 38.14
C ASP C 34 -38.81 -25.23 38.23
N ALA C 35 -37.64 -24.63 38.19
CA ALA C 35 -36.41 -25.40 38.24
C ALA C 35 -35.93 -25.59 39.67
N GLY C 36 -36.67 -25.04 40.64
CA GLY C 36 -36.30 -25.19 42.03
C GLY C 36 -34.97 -24.52 42.41
N ILE C 37 -34.65 -23.40 41.79
CA ILE C 37 -33.42 -22.70 42.17
C ILE C 37 -33.72 -21.27 42.64
N THR C 38 -32.76 -20.71 43.37
CA THR C 38 -32.76 -19.28 43.68
C THR C 38 -31.53 -18.68 43.02
N VAL C 39 -31.65 -17.44 42.52
CA VAL C 39 -30.54 -16.76 41.86
C VAL C 39 -30.42 -15.40 42.53
N GLU C 40 -29.38 -15.19 43.34
CA GLU C 40 -29.22 -13.91 44.02
CA GLU C 40 -29.25 -13.89 44.00
C GLU C 40 -28.09 -13.09 43.42
N LYS C 41 -28.42 -11.87 43.01
CA LYS C 41 -27.43 -10.96 42.44
C LYS C 41 -26.32 -10.70 43.44
N LEU C 42 -25.08 -10.65 42.97
CA LEU C 42 -23.92 -10.35 43.82
C LEU C 42 -23.27 -9.03 43.45
N GLY C 43 -23.71 -8.44 42.35
CA GLY C 43 -23.21 -7.13 41.93
C GLY C 43 -24.20 -6.51 40.96
N GLU C 44 -24.18 -5.19 40.81
CA GLU C 44 -25.14 -4.53 39.93
C GLU C 44 -25.06 -5.00 38.48
N HIS C 45 -23.84 -5.13 37.95
CA HIS C 45 -23.65 -5.43 36.53
C HIS C 45 -23.25 -6.88 36.25
N ILE C 46 -22.86 -7.61 37.28
CA ILE C 46 -22.26 -8.94 37.07
C ILE C 46 -22.22 -9.75 38.34
N GLY C 47 -22.46 -11.05 38.21
CA GLY C 47 -22.31 -11.99 39.30
C GLY C 47 -23.61 -12.36 40.00
N ALA C 48 -23.84 -13.65 40.14
CA ALA C 48 -24.98 -14.15 40.92
C ALA C 48 -24.65 -15.53 41.50
N ARG C 49 -25.17 -15.78 42.70
CA ARG C 49 -25.04 -17.09 43.33
CA ARG C 49 -25.03 -17.09 43.32
C ARG C 49 -26.33 -17.88 43.13
N VAL C 50 -26.17 -19.11 42.67
CA VAL C 50 -27.29 -20.03 42.45
C VAL C 50 -27.34 -21.08 43.54
N ASN C 51 -28.51 -21.30 44.13
CA ASN C 51 -28.71 -22.33 45.14
C ASN C 51 -29.84 -23.27 44.76
N GLY C 52 -29.84 -24.47 45.35
CA GLY C 52 -30.93 -25.41 45.16
C GLY C 52 -30.70 -26.47 44.11
N ILE C 53 -29.48 -26.57 43.59
CA ILE C 53 -29.22 -27.52 42.52
C ILE C 53 -27.83 -28.17 42.62
N GLU C 54 -27.78 -29.48 42.37
CA GLU C 54 -26.52 -30.20 42.29
C GLU C 54 -26.13 -30.39 40.83
N LEU C 55 -24.99 -29.83 40.44
CA LEU C 55 -24.54 -29.91 39.06
C LEU C 55 -24.16 -31.33 38.71
N ARG C 56 -24.91 -31.90 37.78
CA ARG C 56 -24.67 -33.26 37.33
C ARG C 56 -24.93 -33.40 35.84
N GLY C 57 -24.45 -34.49 35.24
CA GLY C 57 -24.65 -34.73 33.81
C GLY C 57 -26.07 -35.13 33.46
N ASP C 58 -26.90 -35.38 34.46
CA ASP C 58 -28.27 -35.80 34.20
C ASP C 58 -29.32 -34.78 34.64
N LEU C 59 -28.92 -33.51 34.76
CA LEU C 59 -29.87 -32.46 35.07
C LEU C 59 -30.96 -32.39 34.02
N SER C 60 -32.19 -32.20 34.48
CA SER C 60 -33.35 -32.10 33.59
C SER C 60 -33.33 -30.81 32.77
N ALA C 61 -34.04 -30.81 31.65
CA ALA C 61 -34.00 -29.69 30.71
C ALA C 61 -34.46 -28.36 31.30
N ASP C 62 -35.46 -28.39 32.18
CA ASP C 62 -35.96 -27.14 32.77
C ASP C 62 -34.86 -26.49 33.63
N ARG C 63 -34.06 -27.29 34.31
CA ARG C 63 -32.98 -26.74 35.12
C ARG C 63 -31.85 -26.21 34.25
N VAL C 64 -31.54 -26.90 33.17
CA VAL C 64 -30.52 -26.41 32.23
C VAL C 64 -30.96 -25.07 31.64
N GLU C 65 -32.23 -24.96 31.25
CA GLU C 65 -32.70 -23.70 30.68
CA GLU C 65 -32.80 -23.72 30.71
C GLU C 65 -32.67 -22.59 31.73
N ALA C 66 -32.96 -22.90 32.98
CA ALA C 66 -32.88 -21.90 34.05
C ALA C 66 -31.46 -21.39 34.25
N ILE C 67 -30.50 -22.30 34.20
CA ILE C 67 -29.10 -21.91 34.32
C ILE C 67 -28.68 -21.05 33.12
N ARG C 68 -29.10 -21.44 31.93
CA ARG C 68 -28.79 -20.68 30.71
C ARG C 68 -29.32 -19.26 30.82
N LEU C 69 -30.54 -19.10 31.30
CA LEU C 69 -31.15 -17.79 31.45
C LEU C 69 -30.44 -16.97 32.52
N ALA C 70 -30.17 -17.59 33.67
CA ALA C 70 -29.47 -16.90 34.75
C ALA C 70 -28.10 -16.42 34.28
N LEU C 71 -27.42 -17.26 33.50
CA LEU C 71 -26.09 -16.90 33.00
C LEU C 71 -26.18 -15.73 32.01
N ALA C 72 -27.17 -15.78 31.13
CA ALA C 72 -27.35 -14.73 30.13
C ALA C 72 -27.56 -13.36 30.81
N ILE C 73 -28.35 -13.36 31.87
CA ILE C 73 -28.69 -12.13 32.59
C ILE C 73 -27.54 -11.63 33.45
N ASN C 74 -26.89 -12.55 34.17
CA ASN C 74 -25.94 -12.18 35.21
C ASN C 74 -24.46 -12.34 34.85
N LYS C 75 -24.18 -12.98 33.70
CA LYS C 75 -22.83 -13.11 33.09
C LYS C 75 -21.87 -14.06 33.78
N VAL C 76 -21.90 -14.12 35.12
CA VAL C 76 -21.12 -15.10 35.87
C VAL C 76 -22.01 -15.68 36.97
N LEU C 77 -22.06 -17.01 37.06
CA LEU C 77 -22.77 -17.70 38.14
C LEU C 77 -21.80 -18.46 39.03
N VAL C 78 -22.01 -18.43 40.33
CA VAL C 78 -21.25 -19.32 41.21
C VAL C 78 -22.20 -20.27 41.94
N PHE C 79 -21.76 -21.51 42.09
CA PHE C 79 -22.47 -22.56 42.80
C PHE C 79 -21.55 -23.01 43.93
N THR C 80 -22.13 -23.43 45.06
CA THR C 80 -21.33 -23.86 46.19
C THR C 80 -21.69 -25.26 46.69
N GLU C 81 -20.78 -25.83 47.51
CA GLU C 81 -20.93 -27.16 48.11
CA GLU C 81 -20.92 -27.17 48.10
C GLU C 81 -21.18 -28.26 47.08
N GLN C 82 -20.56 -28.13 45.90
CA GLN C 82 -20.65 -29.15 44.86
C GLN C 82 -19.54 -30.18 45.07
N HIS C 83 -19.49 -30.78 46.25
CA HIS C 83 -18.40 -31.67 46.63
C HIS C 83 -18.43 -33.00 45.91
N HIS C 84 -19.53 -33.31 45.24
CA HIS C 84 -19.68 -34.55 44.48
C HIS C 84 -18.94 -34.51 43.15
N LEU C 85 -18.58 -33.31 42.70
CA LEU C 85 -18.04 -33.16 41.34
C LEU C 85 -16.60 -33.59 41.20
N ASP C 86 -16.31 -34.42 40.21
CA ASP C 86 -14.93 -34.66 39.80
C ASP C 86 -14.80 -34.23 38.34
N ASP C 87 -13.67 -34.51 37.69
CA ASP C 87 -13.47 -34.10 36.30
C ASP C 87 -14.56 -34.68 35.39
N ALA C 88 -14.85 -35.95 35.58
CA ALA C 88 -15.84 -36.64 34.75
C ALA C 88 -17.21 -35.99 34.90
N GLY C 89 -17.58 -35.67 36.14
CA GLY C 89 -18.86 -35.06 36.42
C GLY C 89 -19.00 -33.63 35.91
N GLN C 90 -17.91 -32.88 35.99
CA GLN C 90 -17.91 -31.49 35.51
C GLN C 90 -18.07 -31.45 33.99
N TYR C 91 -17.36 -32.34 33.31
CA TYR C 91 -17.47 -32.47 31.85
C TYR C 91 -18.88 -32.88 31.45
N ALA C 92 -19.45 -33.85 32.17
CA ALA C 92 -20.79 -34.34 31.88
C ALA C 92 -21.84 -33.26 32.10
N PHE C 93 -21.67 -32.47 33.14
CA PHE C 93 -22.58 -31.35 33.33
C PHE C 93 -22.42 -30.31 32.22
N ALA C 94 -21.15 -29.99 31.93
CA ALA C 94 -20.87 -28.94 30.94
C ALA C 94 -21.45 -29.25 29.57
N ARG C 95 -21.42 -30.52 29.18
CA ARG C 95 -21.96 -30.89 27.86
C ARG C 95 -23.47 -30.61 27.75
N LEU C 96 -24.16 -30.39 28.87
CA LEU C 96 -25.58 -30.02 28.81
C LEU C 96 -25.77 -28.57 28.36
N LEU C 97 -24.74 -27.76 28.47
CA LEU C 97 -24.84 -26.34 28.12
C LEU C 97 -24.35 -26.06 26.69
N GLY C 98 -23.61 -27.01 26.12
CA GLY C 98 -23.07 -26.86 24.79
C GLY C 98 -22.12 -28.01 24.50
N GLU C 99 -21.43 -27.93 23.37
CA GLU C 99 -20.48 -28.97 22.99
C GLU C 99 -19.08 -28.57 23.42
N PRO C 100 -18.48 -29.35 24.32
CA PRO C 100 -17.15 -29.06 24.83
C PRO C 100 -16.11 -29.00 23.73
N THR C 101 -15.20 -28.03 23.83
CA THR C 101 -14.04 -27.98 22.95
C THR C 101 -12.98 -28.92 23.53
N LEU C 102 -11.88 -29.10 22.80
CA LEU C 102 -10.66 -29.63 23.37
C LEU C 102 -10.23 -28.67 24.51
N PRO C 103 -9.39 -29.13 25.44
CA PRO C 103 -8.95 -28.24 26.53
C PRO C 103 -8.35 -26.92 26.04
N HIS C 104 -7.64 -26.96 24.92
CA HIS C 104 -6.99 -25.77 24.38
C HIS C 104 -6.60 -26.02 22.91
N PRO C 105 -6.58 -24.97 22.07
CA PRO C 105 -6.18 -25.17 20.68
C PRO C 105 -4.73 -25.60 20.47
N THR C 106 -3.82 -25.19 21.36
CA THR C 106 -2.39 -25.50 21.21
C THR C 106 -1.78 -26.22 22.42
N VAL C 107 -2.31 -25.98 23.62
CA VAL C 107 -1.75 -26.62 24.80
C VAL C 107 -2.24 -28.07 24.95
N ARG C 108 -1.30 -29.01 24.94
CA ARG C 108 -1.64 -30.42 24.96
C ARG C 108 -1.19 -31.15 26.22
N SER C 109 -0.23 -30.56 26.93
CA SER C 109 0.40 -31.24 28.05
C SER C 109 -0.28 -30.99 29.39
N HIS C 110 -1.40 -30.26 29.40
CA HIS C 110 -2.03 -29.90 30.67
C HIS C 110 -3.51 -30.29 30.75
N GLY C 111 -3.80 -31.52 30.35
CA GLY C 111 -5.16 -32.05 30.39
C GLY C 111 -5.64 -32.52 29.03
N THR C 112 -6.42 -33.61 29.04
CA THR C 112 -6.97 -34.19 27.82
C THR C 112 -8.50 -34.04 27.69
N GLU C 113 -9.18 -33.93 28.82
CA GLU C 113 -10.62 -33.67 28.82
C GLU C 113 -10.90 -32.27 29.36
N LEU C 114 -10.16 -31.91 30.41
CA LEU C 114 -10.26 -30.56 30.98
C LEU C 114 -8.92 -29.83 30.86
N LEU C 115 -8.93 -28.51 30.89
CA LEU C 115 -7.68 -27.78 30.93
C LEU C 115 -7.29 -27.57 32.40
N ASN C 116 -6.14 -28.11 32.79
CA ASN C 116 -5.69 -28.01 34.19
C ASN C 116 -4.86 -26.77 34.42
N LEU C 117 -5.50 -25.68 34.83
CA LEU C 117 -4.84 -24.40 35.02
C LEU C 117 -4.09 -24.36 36.34
N GLU C 118 -2.80 -24.04 36.29
CA GLU C 118 -1.99 -23.93 37.50
C GLU C 118 -1.52 -22.50 37.68
N GLY C 119 -1.30 -22.09 38.93
CA GLY C 119 -0.88 -20.72 39.19
C GLY C 119 -2.05 -19.77 39.02
N ALA C 120 -1.80 -18.61 38.43
CA ALA C 120 -2.85 -17.63 38.24
C ALA C 120 -2.77 -17.01 36.86
N ALA C 121 -3.91 -16.94 36.17
CA ALA C 121 -3.98 -16.31 34.86
C ALA C 121 -4.14 -14.79 35.04
N ASN C 122 -3.08 -14.15 35.54
CA ASN C 122 -3.14 -12.73 35.91
C ASN C 122 -2.90 -11.74 34.78
N GLY C 123 -3.83 -11.71 33.83
CA GLY C 123 -3.84 -10.72 32.75
C GLY C 123 -5.29 -10.70 32.32
N TRP C 124 -5.84 -9.54 32.06
CA TRP C 124 -7.25 -9.48 31.68
C TRP C 124 -7.48 -10.09 30.30
N HIS C 125 -8.31 -11.13 30.23
CA HIS C 125 -8.57 -11.74 28.95
C HIS C 125 -9.95 -12.35 28.83
N THR C 126 -10.38 -12.48 27.59
CA THR C 126 -11.51 -13.33 27.23
C THR C 126 -10.90 -14.63 26.71
N ASP C 127 -11.48 -15.79 27.05
CA ASP C 127 -10.82 -17.06 26.72
C ASP C 127 -10.73 -17.28 25.22
N VAL C 128 -9.53 -17.67 24.78
CA VAL C 128 -9.26 -18.10 23.41
C VAL C 128 -9.85 -17.17 22.34
N THR C 129 -9.58 -15.87 22.41
CA THR C 129 -10.11 -14.99 21.39
C THR C 129 -9.26 -14.98 20.11
N PHE C 130 -8.17 -15.76 20.08
CA PHE C 130 -7.32 -15.73 18.91
C PHE C 130 -7.78 -16.67 17.79
N VAL C 131 -8.85 -17.43 18.02
CA VAL C 131 -9.45 -18.24 16.97
C VAL C 131 -10.72 -17.58 16.45
N ASP C 132 -11.26 -18.10 15.35
CA ASP C 132 -12.51 -17.59 14.82
C ASP C 132 -13.67 -17.96 15.74
N ARG C 133 -13.69 -19.20 16.20
CA ARG C 133 -14.79 -19.73 17.00
C ARG C 133 -14.55 -19.49 18.48
N ILE C 134 -14.69 -18.24 18.91
CA ILE C 134 -14.46 -17.96 20.32
C ILE C 134 -15.44 -18.76 21.18
N PRO C 135 -14.92 -19.55 22.14
CA PRO C 135 -15.79 -20.38 22.98
C PRO C 135 -16.82 -19.51 23.70
N LYS C 136 -18.03 -20.03 23.84
CA LYS C 136 -19.13 -19.20 24.32
C LYS C 136 -19.16 -19.11 25.83
N ALA C 137 -18.62 -20.13 26.49
CA ALA C 137 -18.75 -20.19 27.94
C ALA C 137 -17.74 -21.12 28.54
N SER C 138 -17.48 -20.96 29.83
CA SER C 138 -16.58 -21.85 30.55
C SER C 138 -17.18 -22.29 31.87
N VAL C 139 -16.85 -23.52 32.26
CA VAL C 139 -17.20 -24.09 33.57
C VAL C 139 -15.89 -24.35 34.33
N LEU C 140 -15.75 -23.79 35.53
CA LEU C 140 -14.49 -23.85 36.27
C LEU C 140 -14.69 -24.31 37.71
N ARG C 141 -13.86 -25.22 38.19
CA ARG C 141 -13.92 -25.64 39.58
C ARG C 141 -12.51 -25.77 40.17
N PRO C 142 -12.37 -25.39 41.44
CA PRO C 142 -11.06 -25.48 42.08
C PRO C 142 -10.71 -26.90 42.47
N VAL C 143 -9.43 -27.24 42.39
CA VAL C 143 -8.90 -28.55 42.80
C VAL C 143 -7.93 -28.38 43.97
N THR C 144 -7.10 -27.35 43.88
CA THR C 144 -6.12 -27.03 44.92
C THR C 144 -6.11 -25.53 45.16
N LEU C 145 -6.23 -25.11 46.42
CA LEU C 145 -6.31 -23.67 46.70
C LEU C 145 -5.30 -23.24 47.75
N PRO C 146 -4.76 -22.02 47.61
CA PRO C 146 -3.85 -21.46 48.59
C PRO C 146 -4.61 -21.08 49.86
N SER C 147 -3.88 -20.90 50.97
CA SER C 147 -4.52 -20.60 52.25
C SER C 147 -5.09 -19.18 52.28
N TYR C 148 -4.59 -18.31 51.40
CA TYR C 148 -5.16 -16.97 51.22
C TYR C 148 -4.94 -16.53 49.78
N GLY C 149 -5.66 -15.50 49.36
CA GLY C 149 -5.52 -14.94 48.03
C GLY C 149 -6.01 -15.87 46.93
N GLY C 150 -5.71 -15.53 45.68
CA GLY C 150 -6.06 -16.40 44.57
C GLY C 150 -7.50 -16.31 44.06
N ALA C 151 -8.15 -15.18 44.33
CA ALA C 151 -9.50 -14.96 43.83
C ALA C 151 -9.49 -14.87 42.30
N THR C 152 -10.65 -15.12 41.70
CA THR C 152 -10.83 -14.80 40.29
C THR C 152 -11.76 -13.58 40.21
N THR C 153 -11.44 -12.63 39.33
CA THR C 153 -12.37 -11.53 39.11
C THR C 153 -12.79 -11.46 37.63
N TRP C 154 -14.06 -11.14 37.41
CA TRP C 154 -14.62 -11.04 36.06
C TRP C 154 -15.11 -9.63 35.84
N ALA C 155 -15.06 -9.17 34.59
CA ALA C 155 -15.59 -7.86 34.21
C ALA C 155 -16.66 -8.04 33.14
N SER C 156 -17.73 -7.25 33.22
CA SER C 156 -18.78 -7.26 32.19
C SER C 156 -18.40 -6.38 31.00
N THR C 157 -18.18 -6.99 29.84
CA THR C 157 -17.85 -6.21 28.64
C THR C 157 -19.13 -5.65 28.00
N VAL C 158 -20.27 -6.14 28.47
CA VAL C 158 -21.57 -5.59 28.08
C VAL C 158 -21.76 -4.25 28.77
N ALA C 159 -21.50 -4.22 30.07
CA ALA C 159 -21.63 -2.98 30.85
C ALA C 159 -20.67 -1.92 30.32
N ALA C 160 -19.45 -2.34 29.99
CA ALA C 160 -18.48 -1.36 29.50
C ALA C 160 -19.00 -0.68 28.23
N TYR C 161 -19.64 -1.45 27.34
CA TYR C 161 -20.20 -0.87 26.12
C TYR C 161 -21.35 0.08 26.43
N GLU C 162 -22.23 -0.34 27.35
CA GLU C 162 -23.36 0.49 27.78
C GLU C 162 -22.91 1.85 28.31
N GLN C 163 -21.75 1.87 28.97
CA GLN C 163 -21.28 3.06 29.67
C GLN C 163 -20.49 4.01 28.78
N LEU C 164 -20.27 3.64 27.52
CA LEU C 164 -19.55 4.52 26.60
C LEU C 164 -20.34 5.77 26.24
N PRO C 165 -19.66 6.92 26.19
CA PRO C 165 -20.29 8.11 25.62
C PRO C 165 -20.36 8.00 24.11
N LYS C 166 -21.24 8.78 23.51
CA LYS C 166 -21.49 8.76 22.07
C LYS C 166 -20.22 8.68 21.17
N PRO C 167 -19.25 9.59 21.34
CA PRO C 167 -18.10 9.56 20.42
C PRO C 167 -17.26 8.28 20.51
N LEU C 168 -17.09 7.75 21.72
CA LEU C 168 -16.32 6.53 21.89
C LEU C 168 -17.10 5.31 21.41
N ARG C 169 -18.40 5.31 21.57
CA ARG C 169 -19.20 4.23 21.01
C ARG C 169 -19.09 4.25 19.47
N SER C 170 -19.14 5.44 18.87
CA SER C 170 -18.99 5.56 17.43
C SER C 170 -17.64 5.01 16.97
N LEU C 171 -16.60 5.30 17.75
CA LEU C 171 -15.26 4.76 17.50
C LEU C 171 -15.30 3.22 17.49
N VAL C 172 -15.75 2.63 18.58
CA VAL C 172 -15.61 1.17 18.73
C VAL C 172 -16.51 0.38 17.79
N ASP C 173 -17.67 0.94 17.44
CA ASP C 173 -18.57 0.27 16.50
C ASP C 173 -17.87 0.02 15.16
N ASP C 174 -16.89 0.85 14.81
CA ASP C 174 -16.22 0.71 13.52
C ASP C 174 -14.83 0.09 13.65
N LEU C 175 -14.43 -0.24 14.87
CA LEU C 175 -13.05 -0.66 15.13
C LEU C 175 -12.89 -2.18 15.02
N TRP C 176 -11.79 -2.61 14.41
CA TRP C 176 -11.47 -4.03 14.29
C TRP C 176 -10.08 -4.28 14.86
N ALA C 177 -9.83 -5.47 15.37
CA ALA C 177 -8.56 -5.76 16.02
C ALA C 177 -8.07 -7.18 15.69
N THR C 178 -6.75 -7.33 15.53
CA THR C 178 -6.16 -8.64 15.32
C THR C 178 -5.82 -9.25 16.67
N HIS C 179 -6.33 -10.46 16.92
CA HIS C 179 -6.03 -11.24 18.11
C HIS C 179 -5.05 -12.35 17.72
N THR C 180 -4.10 -12.67 18.60
CA THR C 180 -3.13 -13.72 18.32
C THR C 180 -2.77 -14.49 19.57
N ASN C 181 -2.31 -15.72 19.40
CA ASN C 181 -1.89 -16.49 20.58
C ASN C 181 -0.45 -16.15 20.96
N LEU C 182 0.23 -15.37 20.14
CA LEU C 182 1.58 -14.93 20.51
C LEU C 182 1.50 -13.69 21.39
N TYR C 183 1.00 -13.85 22.62
CA TYR C 183 0.80 -12.71 23.53
C TYR C 183 2.05 -12.34 24.30
N ASP C 184 1.99 -11.22 25.02
CA ASP C 184 3.13 -10.74 25.82
C ASP C 184 3.03 -11.25 27.25
N SER C 191 5.99 -17.13 39.39
CA SER C 191 4.72 -16.44 39.64
C SER C 191 3.58 -17.43 39.88
N GLY C 192 2.77 -17.14 40.89
CA GLY C 192 1.63 -17.97 41.24
C GLY C 192 2.05 -19.37 41.67
N GLY C 193 3.27 -19.50 42.16
CA GLY C 193 3.75 -20.80 42.62
C GLY C 193 4.26 -21.68 41.49
N VAL C 194 4.24 -21.15 40.27
CA VAL C 194 4.76 -21.91 39.14
C VAL C 194 6.12 -21.34 38.72
N SER C 195 7.09 -22.23 38.56
CA SER C 195 8.46 -21.82 38.25
C SER C 195 8.57 -21.09 36.92
N ALA C 196 9.62 -20.27 36.79
CA ALA C 196 9.90 -19.57 35.54
C ALA C 196 10.17 -20.54 34.40
N GLU C 197 10.80 -21.66 34.75
CA GLU C 197 11.13 -22.70 33.77
C GLU C 197 9.88 -23.34 33.19
N ARG C 198 8.95 -23.73 34.06
CA ARG C 198 7.73 -24.40 33.62
C ARG C 198 6.82 -23.45 32.85
N ARG C 199 6.89 -22.16 33.20
CA ARG C 199 6.13 -21.14 32.48
C ARG C 199 6.66 -20.98 31.06
N ALA C 200 7.98 -21.14 30.92
CA ALA C 200 8.64 -21.09 29.62
C ALA C 200 8.19 -22.23 28.70
N ALA C 201 8.27 -23.45 29.21
CA ALA C 201 7.81 -24.62 28.44
C ALA C 201 6.35 -24.47 28.02
N TYR C 202 5.50 -23.96 28.91
CA TYR C 202 4.10 -23.74 28.60
C TYR C 202 3.93 -22.74 27.48
N TYR C 203 4.64 -21.62 27.57
CA TYR C 203 4.51 -20.59 26.54
C TYR C 203 5.00 -21.12 25.19
N THR C 204 6.03 -21.97 25.23
CA THR C 204 6.55 -22.58 24.00
C THR C 204 5.48 -23.45 23.33
N GLU C 205 4.79 -24.25 24.13
CA GLU C 205 3.72 -25.08 23.62
C GLU C 205 2.50 -24.25 23.21
N PHE C 206 2.18 -23.22 24.02
CA PHE C 206 1.05 -22.34 23.74
C PHE C 206 1.17 -21.71 22.34
N THR C 207 2.42 -21.44 21.94
CA THR C 207 2.70 -20.75 20.69
C THR C 207 3.33 -21.67 19.64
N SER C 208 3.09 -22.97 19.77
CA SER C 208 3.67 -23.96 18.87
C SER C 208 3.13 -23.81 17.45
N SER C 209 1.89 -23.34 17.34
CA SER C 209 1.35 -22.96 16.03
C SER C 209 0.72 -21.56 16.16
N ARG C 210 0.77 -20.80 15.08
CA ARG C 210 0.40 -19.39 15.10
C ARG C 210 -1.03 -19.13 14.65
N TYR C 211 -1.79 -18.40 15.47
CA TYR C 211 -3.16 -17.99 15.14
C TYR C 211 -3.26 -16.48 15.04
N GLU C 212 -3.90 -16.00 13.98
CA GLU C 212 -4.27 -14.60 13.90
C GLU C 212 -5.68 -14.48 13.34
N THR C 213 -6.52 -13.76 14.07
CA THR C 213 -7.90 -13.58 13.67
C THR C 213 -8.27 -12.11 13.84
N VAL C 214 -8.92 -11.52 12.84
CA VAL C 214 -9.38 -10.15 12.95
C VAL C 214 -10.85 -10.15 13.42
N HIS C 215 -11.07 -9.66 14.65
CA HIS C 215 -12.39 -9.60 15.28
C HIS C 215 -12.90 -8.16 15.40
N PRO C 216 -14.22 -7.97 15.37
CA PRO C 216 -14.73 -6.65 15.69
C PRO C 216 -14.54 -6.37 17.18
N VAL C 217 -14.29 -5.11 17.51
CA VAL C 217 -14.16 -4.69 18.90
C VAL C 217 -15.53 -4.64 19.57
N VAL C 218 -16.58 -4.49 18.75
CA VAL C 218 -17.94 -4.62 19.25
C VAL C 218 -18.62 -5.81 18.57
N ARG C 219 -19.02 -6.79 19.38
CA ARG C 219 -19.77 -7.93 18.86
C ARG C 219 -21.21 -7.90 19.37
N VAL C 220 -22.11 -8.50 18.59
CA VAL C 220 -23.50 -8.61 19.00
C VAL C 220 -23.76 -10.01 19.51
N HIS C 221 -24.11 -10.14 20.78
CA HIS C 221 -24.35 -11.44 21.40
C HIS C 221 -25.47 -12.15 20.65
N PRO C 222 -25.21 -13.38 20.15
CA PRO C 222 -26.19 -14.05 19.30
C PRO C 222 -27.41 -14.58 20.05
N GLU C 223 -27.36 -14.64 21.39
CA GLU C 223 -28.48 -15.17 22.14
C GLU C 223 -29.21 -14.06 22.93
N THR C 224 -28.51 -13.01 23.35
CA THR C 224 -29.16 -11.93 24.10
C THR C 224 -29.39 -10.65 23.26
N GLY C 225 -28.66 -10.50 22.16
CA GLY C 225 -28.73 -9.29 21.36
C GLY C 225 -27.96 -8.11 21.94
N GLU C 226 -27.37 -8.28 23.12
CA GLU C 226 -26.61 -7.21 23.77
C GLU C 226 -25.29 -6.99 23.07
N ARG C 227 -24.88 -5.73 22.94
CA ARG C 227 -23.55 -5.45 22.40
C ARG C 227 -22.47 -5.56 23.48
N SER C 228 -21.31 -6.11 23.13
CA SER C 228 -20.22 -6.21 24.10
CA SER C 228 -20.22 -6.32 24.07
C SER C 228 -18.85 -5.97 23.48
N LEU C 229 -17.95 -5.40 24.30
CA LEU C 229 -16.58 -5.18 23.85
C LEU C 229 -15.80 -6.48 23.78
N LEU C 230 -15.09 -6.66 22.68
CA LEU C 230 -14.25 -7.84 22.47
C LEU C 230 -12.81 -7.35 22.38
N LEU C 231 -12.07 -7.49 23.47
CA LEU C 231 -10.68 -7.00 23.49
C LEU C 231 -9.83 -7.99 24.27
N GLY C 232 -9.11 -7.52 25.28
CA GLY C 232 -8.32 -8.43 26.11
C GLY C 232 -6.88 -8.62 25.66
N GLN C 233 -6.13 -9.42 26.41
CA GLN C 233 -4.67 -9.42 26.24
CA GLN C 233 -4.67 -9.50 26.28
C GLN C 233 -4.20 -10.13 24.97
N PHE C 234 -5.09 -10.82 24.26
CA PHE C 234 -4.65 -11.44 23.01
C PHE C 234 -4.62 -10.44 21.85
N VAL C 235 -5.16 -9.26 22.07
CA VAL C 235 -5.17 -8.27 21.00
C VAL C 235 -3.75 -7.75 20.73
N LYS C 236 -3.36 -7.74 19.46
CA LYS C 236 -2.03 -7.30 19.01
C LYS C 236 -2.07 -5.91 18.36
N SER C 237 -3.17 -5.57 17.70
CA SER C 237 -3.22 -4.32 16.93
C SER C 237 -4.65 -3.94 16.59
N PHE C 238 -4.85 -2.70 16.20
CA PHE C 238 -6.13 -2.25 15.66
C PHE C 238 -6.00 -2.04 14.17
N GLN C 239 -6.97 -2.52 13.41
CA GLN C 239 -6.98 -2.35 11.96
C GLN C 239 -6.97 -0.86 11.59
N ASP C 240 -6.10 -0.50 10.65
CA ASP C 240 -5.96 0.85 10.09
C ASP C 240 -5.39 1.89 11.05
N LEU C 241 -4.87 1.43 12.20
CA LEU C 241 -4.23 2.33 13.16
C LEU C 241 -2.76 1.93 13.38
N PRO C 242 -1.86 2.92 13.50
CA PRO C 242 -0.43 2.66 13.75
C PRO C 242 -0.18 2.20 15.20
N SER C 243 0.97 1.56 15.45
CA SER C 243 1.29 1.01 16.78
C SER C 243 1.18 2.00 17.94
N ALA C 244 1.63 3.23 17.75
CA ALA C 244 1.60 4.21 18.84
C ALA C 244 0.19 4.45 19.30
N GLU C 245 -0.74 4.44 18.36
CA GLU C 245 -2.10 4.73 18.76
C GLU C 245 -2.75 3.49 19.34
N PHE C 246 -2.20 2.33 19.01
CA PHE C 246 -2.76 1.11 19.56
C PHE C 246 -2.67 1.08 21.09
N ALA C 247 -1.48 1.33 21.65
CA ALA C 247 -1.30 1.21 23.09
C ALA C 247 -2.20 2.17 23.88
N SER C 248 -2.33 3.40 23.39
CA SER C 248 -3.12 4.39 24.11
CA SER C 248 -3.13 4.41 24.08
C SER C 248 -4.60 4.02 24.08
N LEU C 249 -5.11 3.63 22.91
CA LEU C 249 -6.53 3.28 22.82
C LEU C 249 -6.87 1.96 23.51
N PHE C 250 -5.97 0.98 23.41
CA PHE C 250 -6.17 -0.29 24.10
C PHE C 250 -6.25 -0.06 25.61
N GLN C 251 -5.33 0.72 26.16
CA GLN C 251 -5.32 1.02 27.58
CA GLN C 251 -5.32 1.04 27.60
C GLN C 251 -6.62 1.71 28.01
N LEU C 252 -7.05 2.68 27.22
CA LEU C 252 -8.25 3.44 27.51
C LEU C 252 -9.48 2.52 27.56
N LEU C 253 -9.62 1.66 26.55
CA LEU C 253 -10.79 0.80 26.50
C LEU C 253 -10.72 -0.27 27.59
N GLN C 254 -9.53 -0.85 27.79
CA GLN C 254 -9.41 -1.85 28.86
C GLN C 254 -9.72 -1.26 30.24
N ALA C 255 -9.34 0.00 30.47
CA ALA C 255 -9.62 0.62 31.77
C ALA C 255 -11.13 0.77 32.00
N ARG C 256 -11.86 1.02 30.91
CA ARG C 256 -13.32 1.10 30.98
C ARG C 256 -13.95 -0.27 31.26
N ILE C 257 -13.35 -1.31 30.70
CA ILE C 257 -13.86 -2.65 30.92
C ILE C 257 -13.60 -3.08 32.37
N THR C 258 -12.40 -2.81 32.87
CA THR C 258 -12.02 -3.37 34.18
C THR C 258 -12.32 -2.43 35.36
N LYS C 259 -12.99 -1.32 35.08
CA LYS C 259 -13.50 -0.43 36.12
C LYS C 259 -14.17 -1.26 37.21
N LEU C 260 -13.82 -0.99 38.48
CA LEU C 260 -14.23 -1.88 39.58
C LEU C 260 -15.73 -2.14 39.64
N GLU C 261 -16.54 -1.11 39.35
CA GLU C 261 -17.99 -1.24 39.38
C GLU C 261 -18.50 -2.29 38.41
N ASN C 262 -17.69 -2.61 37.39
CA ASN C 262 -18.09 -3.60 36.41
C ASN C 262 -17.55 -4.98 36.71
N THR C 263 -17.02 -5.16 37.92
CA THR C 263 -16.33 -6.42 38.22
C THR C 263 -16.91 -7.17 39.42
N PHE C 264 -16.79 -8.49 39.33
CA PHE C 264 -17.24 -9.43 40.36
C PHE C 264 -16.03 -10.26 40.76
N ARG C 265 -15.67 -10.24 42.04
CA ARG C 265 -14.46 -10.93 42.50
C ARG C 265 -14.82 -12.01 43.50
N TRP C 266 -14.46 -13.26 43.22
CA TRP C 266 -14.90 -14.40 44.01
C TRP C 266 -13.75 -15.11 44.74
N ASN C 267 -13.86 -15.20 46.06
CA ASN C 267 -12.90 -16.00 46.85
C ASN C 267 -13.29 -17.46 46.80
N TRP C 268 -12.42 -18.28 46.23
CA TRP C 268 -12.68 -19.71 46.02
C TRP C 268 -12.67 -20.53 47.29
N ARG C 269 -13.59 -21.49 47.39
CA ARG C 269 -13.51 -22.57 48.37
C ARG C 269 -13.69 -23.91 47.63
N LEU C 270 -13.11 -24.99 48.14
CA LEU C 270 -13.35 -26.29 47.50
C LEU C 270 -14.85 -26.55 47.49
N GLY C 271 -15.34 -27.10 46.38
CA GLY C 271 -16.78 -27.34 46.20
C GLY C 271 -17.47 -26.26 45.38
N ASP C 272 -16.79 -25.14 45.16
CA ASP C 272 -17.37 -24.08 44.33
C ASP C 272 -17.31 -24.45 42.87
N VAL C 273 -18.23 -23.91 42.08
CA VAL C 273 -18.15 -23.98 40.62
C VAL C 273 -18.52 -22.63 40.04
N ALA C 274 -17.74 -22.11 39.09
CA ALA C 274 -18.13 -20.90 38.38
C ALA C 274 -18.44 -21.22 36.94
N ILE C 275 -19.46 -20.53 36.42
CA ILE C 275 -19.80 -20.56 34.99
C ILE C 275 -19.81 -19.12 34.50
N TRP C 276 -19.14 -18.84 33.41
CA TRP C 276 -19.23 -17.49 32.85
C TRP C 276 -19.53 -17.48 31.35
N ASP C 277 -20.18 -16.39 30.93
CA ASP C 277 -20.48 -16.12 29.53
C ASP C 277 -19.26 -15.50 28.89
N ASN C 278 -18.55 -16.28 28.09
CA ASN C 278 -17.29 -15.81 27.52
C ASN C 278 -17.54 -14.87 26.33
N ARG C 279 -18.80 -14.60 26.03
CA ARG C 279 -19.16 -13.61 25.00
C ARG C 279 -19.43 -12.23 25.61
N ALA C 280 -19.43 -12.17 26.95
CA ALA C 280 -19.87 -10.96 27.64
C ALA C 280 -18.97 -10.55 28.81
N THR C 281 -17.81 -11.19 28.92
CA THR C 281 -16.91 -10.97 30.05
C THR C 281 -15.43 -11.01 29.67
N GLN C 282 -14.61 -10.49 30.57
CA GLN C 282 -13.18 -10.84 30.65
C GLN C 282 -12.96 -11.35 32.05
N HIS C 283 -11.82 -11.98 32.29
CA HIS C 283 -11.51 -12.36 33.64
C HIS C 283 -10.02 -12.37 33.89
N TYR C 284 -9.67 -12.59 35.15
CA TYR C 284 -8.31 -12.40 35.64
C TYR C 284 -8.15 -13.21 36.93
N GLY C 285 -7.17 -14.10 36.96
CA GLY C 285 -6.84 -14.83 38.19
C GLY C 285 -5.72 -14.10 38.93
N ILE C 286 -5.93 -13.81 40.21
CA ILE C 286 -4.99 -12.93 40.94
C ILE C 286 -3.83 -13.70 41.61
N ALA C 287 -2.60 -13.29 41.31
CA ALA C 287 -1.40 -13.93 41.85
C ALA C 287 -0.98 -13.25 43.15
N ASP C 288 -1.86 -13.28 44.14
CA ASP C 288 -1.59 -12.65 45.43
C ASP C 288 -1.50 -13.69 46.55
N PHE C 289 -0.95 -14.86 46.23
CA PHE C 289 -0.80 -15.94 47.21
C PHE C 289 0.63 -16.45 47.34
N GLY C 290 1.60 -15.64 46.95
CA GLY C 290 3.00 -16.01 47.09
C GLY C 290 3.33 -17.26 46.28
N GLU C 291 4.11 -18.14 46.89
CA GLU C 291 4.60 -19.34 46.21
C GLU C 291 3.70 -20.56 46.43
N GLN C 292 2.52 -20.34 47.00
CA GLN C 292 1.57 -21.44 47.21
C GLN C 292 1.00 -21.98 45.90
N GLN C 293 0.48 -23.20 45.96
CA GLN C 293 -0.11 -23.88 44.80
C GLN C 293 -1.58 -23.53 44.62
N ARG C 294 -1.98 -23.40 43.36
CA ARG C 294 -3.36 -23.12 43.00
C ARG C 294 -3.67 -23.88 41.72
N GLU C 295 -4.71 -24.70 41.74
CA GLU C 295 -5.08 -25.44 40.52
C GLU C 295 -6.59 -25.47 40.36
N LEU C 296 -7.05 -25.07 39.17
CA LEU C 296 -8.47 -25.13 38.81
C LEU C 296 -8.62 -25.82 37.46
N HIS C 297 -9.73 -26.54 37.28
CA HIS C 297 -9.97 -27.28 36.05
C HIS C 297 -11.13 -26.67 35.24
N ARG C 298 -10.89 -26.48 33.95
CA ARG C 298 -11.81 -25.73 33.09
C ARG C 298 -12.36 -26.59 31.97
N VAL C 299 -13.65 -26.42 31.66
CA VAL C 299 -14.25 -26.93 30.44
C VAL C 299 -14.83 -25.74 29.69
N THR C 300 -14.49 -25.61 28.41
CA THR C 300 -15.05 -24.56 27.57
C THR C 300 -16.01 -25.16 26.56
N LEU C 301 -17.05 -24.40 26.21
CA LEU C 301 -18.08 -24.85 25.30
C LEU C 301 -17.98 -24.09 23.97
N ALA C 302 -18.21 -24.80 22.87
CA ALA C 302 -18.07 -24.21 21.54
C ALA C 302 -18.98 -23.01 21.34
N GLY C 303 -18.43 -21.97 20.71
CA GLY C 303 -19.19 -20.78 20.38
C GLY C 303 -19.27 -20.61 18.88
N ASP C 304 -19.66 -19.41 18.45
CA ASP C 304 -19.79 -19.09 17.03
C ASP C 304 -18.79 -17.99 16.69
N VAL C 305 -18.77 -17.58 15.42
CA VAL C 305 -17.88 -16.52 14.99
C VAL C 305 -18.52 -15.18 15.30
N PRO C 306 -17.76 -14.28 15.93
CA PRO C 306 -18.33 -12.97 16.26
C PRO C 306 -18.87 -12.20 15.04
N VAL C 307 -19.91 -11.39 15.25
CA VAL C 307 -20.38 -10.48 14.22
C VAL C 307 -20.42 -9.06 14.74
N ASP C 308 -20.13 -8.09 13.88
CA ASP C 308 -20.13 -6.70 14.30
C ASP C 308 -21.57 -6.18 14.27
N VAL C 309 -21.78 -4.89 14.52
CA VAL C 309 -23.14 -4.39 14.57
C VAL C 309 -23.81 -4.34 13.20
N HIS C 310 -23.07 -4.64 12.14
CA HIS C 310 -23.65 -4.70 10.80
C HIS C 310 -23.78 -6.12 10.30
N GLY C 311 -23.46 -7.08 11.16
CA GLY C 311 -23.57 -8.48 10.77
C GLY C 311 -22.36 -9.04 10.04
N ARG C 312 -21.25 -8.30 10.02
CA ARG C 312 -20.05 -8.80 9.35
C ARG C 312 -19.24 -9.72 10.28
N ARG C 313 -18.77 -10.86 9.77
CA ARG C 313 -18.07 -11.84 10.60
C ARG C 313 -16.58 -11.56 10.70
N SER C 314 -15.97 -12.06 11.76
CA SER C 314 -14.51 -12.01 11.93
C SER C 314 -13.83 -12.70 10.75
N GLN C 315 -12.57 -12.34 10.53
CA GLN C 315 -11.81 -12.91 9.41
C GLN C 315 -10.56 -13.59 9.92
N ILE C 316 -10.35 -14.83 9.47
CA ILE C 316 -9.16 -15.58 9.83
C ILE C 316 -7.96 -15.11 8.99
N LEU C 317 -6.84 -14.80 9.63
CA LEU C 317 -5.62 -14.50 8.88
C LEU C 317 -4.69 -15.71 8.87
N LEU C 318 -4.51 -16.34 10.02
CA LEU C 318 -3.64 -17.51 10.14
C LEU C 318 -4.25 -18.52 11.09
N GLY C 319 -4.17 -19.79 10.75
CA GLY C 319 -4.63 -20.83 11.66
C GLY C 319 -5.97 -21.45 11.31
N ASP C 320 -6.20 -22.63 11.87
CA ASP C 320 -7.42 -23.41 11.69
C ASP C 320 -7.79 -24.04 13.04
N ALA C 321 -8.98 -23.74 13.55
CA ALA C 321 -9.36 -24.24 14.87
C ALA C 321 -10.41 -25.37 14.82
N SER C 322 -10.63 -25.93 13.64
CA SER C 322 -11.65 -26.96 13.46
C SER C 322 -11.31 -28.25 14.21
N HIS C 323 -10.03 -28.43 14.55
CA HIS C 323 -9.62 -29.61 15.32
C HIS C 323 -9.99 -29.43 16.79
N TYR C 324 -10.08 -28.18 17.20
CA TYR C 324 -10.34 -27.73 18.56
C TYR C 324 -11.83 -27.66 18.92
N SER C 325 -12.65 -27.26 17.98
CA SER C 325 -14.05 -27.10 18.28
C SER C 325 -14.86 -27.01 17.03
N GLY C 326 -16.16 -27.26 17.16
CA GLY C 326 -17.07 -26.98 16.07
C GLY C 326 -17.50 -25.53 16.18
N ILE C 327 -18.33 -25.12 15.22
CA ILE C 327 -18.99 -23.81 15.27
C ILE C 327 -20.42 -23.99 15.69
N GLU C 328 -20.80 -23.39 16.82
CA GLU C 328 -22.16 -23.54 17.31
C GLU C 328 -23.15 -22.71 16.51
N THR C 329 -24.34 -23.28 16.26
CA THR C 329 -25.43 -22.47 15.74
C THR C 329 -26.25 -21.95 16.91
N PRO C 330 -26.14 -20.65 17.19
CA PRO C 330 -26.78 -20.10 18.37
C PRO C 330 -28.29 -19.93 18.17
N GLN C 331 -29.02 -19.86 19.28
CA GLN C 331 -30.45 -19.61 19.23
C GLN C 331 -30.74 -18.37 20.09
N ARG C 332 -31.48 -17.42 19.54
CA ARG C 332 -31.86 -16.23 20.30
C ARG C 332 -32.68 -16.70 21.49
N LEU C 333 -32.45 -16.09 22.65
CA LEU C 333 -33.16 -16.46 23.86
C LEU C 333 -34.55 -15.83 23.94
N MET D 22 9.80 -6.15 59.01
CA MET D 22 8.64 -6.00 58.15
C MET D 22 7.93 -7.33 57.93
N VAL D 23 8.26 -8.31 58.76
CA VAL D 23 7.75 -9.66 58.57
C VAL D 23 7.12 -10.22 59.85
N THR D 24 6.30 -11.25 59.68
CA THR D 24 5.73 -11.98 60.80
C THR D 24 6.67 -13.12 61.23
N ASP D 25 7.58 -12.77 62.14
CA ASP D 25 8.54 -13.70 62.70
C ASP D 25 8.02 -14.33 64.01
N ASP D 26 8.87 -15.09 64.68
CA ASP D 26 8.45 -15.70 65.93
C ASP D 26 8.17 -14.65 67.02
N GLN D 27 8.87 -13.52 66.97
CA GLN D 27 8.60 -12.43 67.89
C GLN D 27 7.18 -11.88 67.69
N THR D 28 6.80 -11.73 66.43
CA THR D 28 5.48 -11.21 66.10
C THR D 28 4.42 -12.17 66.63
N ARG D 29 4.63 -13.45 66.39
CA ARG D 29 3.71 -14.46 66.87
C ARG D 29 3.62 -14.47 68.39
N ARG D 30 4.72 -14.20 69.08
CA ARG D 30 4.69 -14.16 70.54
C ARG D 30 3.84 -12.99 71.01
N ILE D 31 3.98 -11.86 70.32
CA ILE D 31 3.22 -10.66 70.66
C ILE D 31 1.72 -10.92 70.48
N TYR D 32 1.34 -11.54 69.38
CA TYR D 32 -0.06 -11.89 69.14
C TYR D 32 -0.57 -12.87 70.22
N ARG D 33 0.22 -13.91 70.48
CA ARG D 33 -0.12 -14.89 71.49
C ARG D 33 -0.37 -14.23 72.85
N ASP D 34 0.58 -13.40 73.25
CA ASP D 34 0.48 -12.75 74.55
C ASP D 34 -0.75 -11.86 74.66
N ALA D 35 -1.20 -11.32 73.52
CA ALA D 35 -2.36 -10.45 73.49
C ALA D 35 -3.66 -11.20 73.25
N GLY D 36 -3.59 -12.52 73.12
CA GLY D 36 -4.78 -13.33 72.90
C GLY D 36 -5.51 -13.10 71.58
N ILE D 37 -4.78 -12.77 70.53
CA ILE D 37 -5.38 -12.60 69.21
C ILE D 37 -4.72 -13.51 68.20
N THR D 38 -5.44 -13.81 67.13
CA THR D 38 -4.85 -14.44 65.96
C THR D 38 -5.02 -13.49 64.79
N VAL D 39 -4.03 -13.50 63.91
CA VAL D 39 -4.02 -12.60 62.77
C VAL D 39 -3.81 -13.46 61.52
N GLU D 40 -4.87 -13.59 60.71
CA GLU D 40 -4.91 -14.45 59.55
C GLU D 40 -4.69 -13.66 58.28
N LYS D 41 -3.60 -13.90 57.55
CA LYS D 41 -3.38 -13.19 56.29
C LYS D 41 -4.51 -13.51 55.32
N LEU D 42 -4.97 -12.48 54.61
CA LEU D 42 -6.01 -12.60 53.59
C LEU D 42 -5.48 -12.30 52.17
N GLY D 43 -4.24 -11.83 52.08
CA GLY D 43 -3.60 -11.57 50.79
C GLY D 43 -2.09 -11.51 50.97
N GLU D 44 -1.32 -11.71 49.90
CA GLU D 44 0.13 -11.70 50.04
C GLU D 44 0.63 -10.35 50.53
N HIS D 45 0.13 -9.25 49.96
CA HIS D 45 0.70 -7.92 50.24
C HIS D 45 -0.17 -7.08 51.20
N ILE D 46 -1.40 -7.50 51.44
CA ILE D 46 -2.33 -6.65 52.16
C ILE D 46 -3.54 -7.42 52.67
N GLY D 47 -4.02 -7.07 53.86
CA GLY D 47 -5.24 -7.63 54.39
C GLY D 47 -5.03 -8.77 55.38
N ALA D 48 -5.67 -8.68 56.52
CA ALA D 48 -5.63 -9.74 57.54
C ALA D 48 -6.90 -9.69 58.36
N ARG D 49 -7.38 -10.84 58.78
CA ARG D 49 -8.50 -10.91 59.70
C ARG D 49 -7.99 -11.15 61.12
N VAL D 50 -8.45 -10.34 62.05
CA VAL D 50 -8.02 -10.50 63.44
C VAL D 50 -9.15 -11.14 64.23
N ASN D 51 -8.82 -12.19 64.98
CA ASN D 51 -9.82 -12.85 65.84
C ASN D 51 -9.36 -12.84 67.29
N GLY D 52 -10.32 -13.03 68.19
CA GLY D 52 -10.04 -13.16 69.60
C GLY D 52 -10.20 -11.87 70.38
N ILE D 53 -10.75 -10.84 69.75
CA ILE D 53 -10.82 -9.56 70.44
C ILE D 53 -12.10 -8.74 70.15
N GLU D 54 -12.70 -8.19 71.19
CA GLU D 54 -13.82 -7.27 71.01
C GLU D 54 -13.27 -5.84 71.08
N LEU D 55 -13.44 -5.07 70.01
CA LEU D 55 -12.93 -3.72 69.97
C LEU D 55 -13.72 -2.85 70.94
N ARG D 56 -13.06 -2.39 72.00
CA ARG D 56 -13.71 -1.54 73.01
C ARG D 56 -12.75 -0.45 73.50
N GLY D 57 -13.29 0.59 74.11
CA GLY D 57 -12.47 1.67 74.60
C GLY D 57 -11.61 1.36 75.81
N ASP D 58 -11.82 0.20 76.43
CA ASP D 58 -11.05 -0.15 77.62
C ASP D 58 -10.11 -1.34 77.40
N LEU D 59 -9.76 -1.62 76.14
CA LEU D 59 -8.75 -2.65 75.82
C LEU D 59 -7.44 -2.34 76.50
N SER D 60 -6.76 -3.36 77.01
CA SER D 60 -5.49 -3.15 77.69
C SER D 60 -4.42 -2.71 76.71
N ALA D 61 -3.38 -2.05 77.22
CA ALA D 61 -2.35 -1.45 76.38
C ALA D 61 -1.63 -2.47 75.50
N ASP D 62 -1.37 -3.65 76.03
CA ASP D 62 -0.69 -4.68 75.25
C ASP D 62 -1.53 -5.16 74.07
N ARG D 63 -2.85 -5.25 74.24
CA ARG D 63 -3.69 -5.71 73.14
C ARG D 63 -3.78 -4.62 72.06
N VAL D 64 -3.83 -3.38 72.49
CA VAL D 64 -3.79 -2.26 71.55
C VAL D 64 -2.45 -2.29 70.75
N GLU D 65 -1.33 -2.52 71.43
CA GLU D 65 -0.05 -2.53 70.72
C GLU D 65 0.06 -3.72 69.77
N ALA D 66 -0.57 -4.84 70.10
CA ALA D 66 -0.62 -5.98 69.18
C ALA D 66 -1.39 -5.62 67.92
N ILE D 67 -2.49 -4.89 68.09
CA ILE D 67 -3.25 -4.42 66.93
C ILE D 67 -2.42 -3.45 66.09
N ARG D 68 -1.71 -2.54 66.74
CA ARG D 68 -0.87 -1.57 66.03
CA ARG D 68 -0.84 -1.59 66.04
C ARG D 68 0.16 -2.31 65.19
N LEU D 69 0.78 -3.34 65.75
CA LEU D 69 1.78 -4.12 65.03
C LEU D 69 1.15 -4.87 63.85
N ALA D 70 0.01 -5.50 64.09
CA ALA D 70 -0.68 -6.25 63.04
C ALA D 70 -1.04 -5.32 61.87
N LEU D 71 -1.44 -4.10 62.20
CA LEU D 71 -1.81 -3.11 61.19
C LEU D 71 -0.58 -2.68 60.41
N ALA D 72 0.53 -2.46 61.10
CA ALA D 72 1.75 -2.05 60.41
C ALA D 72 2.18 -3.08 59.38
N ILE D 73 2.09 -4.34 59.77
CA ILE D 73 2.54 -5.43 58.92
C ILE D 73 1.58 -5.66 57.75
N ASN D 74 0.29 -5.64 58.04
CA ASN D 74 -0.72 -6.09 57.08
C ASN D 74 -1.52 -4.99 56.37
N LYS D 75 -1.34 -3.75 56.83
CA LYS D 75 -1.86 -2.53 56.18
C LYS D 75 -3.38 -2.34 56.31
N VAL D 76 -4.16 -3.43 56.25
CA VAL D 76 -5.60 -3.37 56.52
C VAL D 76 -5.97 -4.57 57.38
N LEU D 77 -6.70 -4.30 58.47
CA LEU D 77 -7.24 -5.35 59.34
C LEU D 77 -8.76 -5.37 59.30
N VAL D 78 -9.37 -6.56 59.28
CA VAL D 78 -10.81 -6.64 59.46
C VAL D 78 -11.13 -7.48 60.70
N PHE D 79 -12.17 -7.05 61.41
CA PHE D 79 -12.69 -7.71 62.60
C PHE D 79 -14.15 -8.02 62.31
N THR D 80 -14.67 -9.11 62.83
CA THR D 80 -16.07 -9.50 62.56
C THR D 80 -16.84 -9.69 63.87
N GLU D 81 -18.15 -9.73 63.75
CA GLU D 81 -19.05 -9.98 64.88
C GLU D 81 -18.88 -8.92 65.98
N GLN D 82 -18.58 -7.70 65.58
CA GLN D 82 -18.44 -6.61 66.55
C GLN D 82 -19.78 -5.90 66.75
N HIS D 83 -20.80 -6.66 67.10
CA HIS D 83 -22.17 -6.14 67.16
C HIS D 83 -22.43 -5.24 68.37
N HIS D 84 -21.49 -5.21 69.31
CA HIS D 84 -21.62 -4.36 70.50
C HIS D 84 -21.35 -2.88 70.18
N LEU D 85 -20.75 -2.62 69.03
CA LEU D 85 -20.30 -1.27 68.70
C LEU D 85 -21.39 -0.33 68.20
N ASP D 86 -21.45 0.87 68.78
CA ASP D 86 -22.20 1.97 68.17
C ASP D 86 -21.17 3.09 67.87
N ASP D 87 -21.64 4.28 67.47
CA ASP D 87 -20.72 5.38 67.15
C ASP D 87 -19.84 5.71 68.34
N ALA D 88 -20.45 5.82 69.53
CA ALA D 88 -19.73 6.18 70.75
C ALA D 88 -18.65 5.15 71.06
N GLY D 89 -19.01 3.88 70.94
CA GLY D 89 -18.05 2.81 71.21
C GLY D 89 -16.91 2.76 70.20
N GLN D 90 -17.24 3.03 68.94
CA GLN D 90 -16.23 3.03 67.87
C GLN D 90 -15.23 4.16 68.08
N TYR D 91 -15.74 5.33 68.45
CA TYR D 91 -14.89 6.47 68.77
C TYR D 91 -13.98 6.17 69.96
N ALA D 92 -14.56 5.57 71.01
CA ALA D 92 -13.82 5.28 72.22
C ALA D 92 -12.69 4.30 71.94
N PHE D 93 -12.96 3.31 71.11
CA PHE D 93 -11.90 2.40 70.70
C PHE D 93 -10.83 3.10 69.84
N ALA D 94 -11.28 3.88 68.86
CA ALA D 94 -10.35 4.52 67.93
C ALA D 94 -9.35 5.39 68.67
N ARG D 95 -9.82 6.03 69.75
CA ARG D 95 -9.01 6.88 70.62
C ARG D 95 -7.79 6.18 71.21
N LEU D 96 -7.83 4.85 71.25
CA LEU D 96 -6.72 4.08 71.79
C LEU D 96 -5.56 4.03 70.83
N LEU D 97 -5.84 4.25 69.55
CA LEU D 97 -4.83 4.16 68.49
C LEU D 97 -4.24 5.51 68.08
N GLY D 98 -4.89 6.60 68.47
CA GLY D 98 -4.42 7.92 68.12
C GLY D 98 -5.40 9.00 68.53
N GLU D 99 -5.15 10.22 68.04
CA GLU D 99 -5.99 11.36 68.34
C GLU D 99 -7.01 11.54 67.22
N PRO D 100 -8.30 11.35 67.53
CA PRO D 100 -9.29 11.50 66.46
C PRO D 100 -9.28 12.92 65.88
N THR D 101 -9.30 13.01 64.57
CA THR D 101 -9.36 14.30 63.91
C THR D 101 -10.80 14.76 63.93
N LEU D 102 -11.05 15.96 63.43
CA LEU D 102 -12.40 16.33 63.07
C LEU D 102 -12.83 15.33 62.00
N PRO D 103 -14.14 15.18 61.79
CA PRO D 103 -14.59 14.29 60.71
C PRO D 103 -13.92 14.62 59.37
N HIS D 104 -13.72 15.91 59.12
CA HIS D 104 -13.14 16.40 57.86
C HIS D 104 -12.65 17.86 58.00
N PRO D 105 -11.60 18.26 57.24
CA PRO D 105 -11.10 19.64 57.33
C PRO D 105 -12.10 20.67 56.88
N THR D 106 -12.99 20.30 55.97
CA THR D 106 -13.93 21.26 55.41
C THR D 106 -15.39 20.84 55.58
N VAL D 107 -15.65 19.53 55.55
CA VAL D 107 -17.01 19.03 55.67
C VAL D 107 -17.43 18.97 57.14
N ARG D 108 -18.45 19.74 57.49
CA ARG D 108 -18.93 19.84 58.86
C ARG D 108 -20.35 19.31 59.03
N SER D 109 -21.06 19.18 57.91
CA SER D 109 -22.48 18.81 57.93
C SER D 109 -22.74 17.30 57.94
N HIS D 110 -21.68 16.50 58.03
CA HIS D 110 -21.83 15.06 57.99
C HIS D 110 -21.16 14.34 59.18
N GLY D 111 -21.39 14.86 60.38
CA GLY D 111 -20.82 14.27 61.59
C GLY D 111 -19.98 15.25 62.37
N THR D 112 -19.97 15.10 63.70
CA THR D 112 -19.17 15.98 64.57
C THR D 112 -17.99 15.24 65.22
N GLU D 113 -18.16 13.93 65.46
CA GLU D 113 -17.09 13.09 66.00
C GLU D 113 -16.61 12.07 64.96
N LEU D 114 -17.58 11.52 64.23
CA LEU D 114 -17.31 10.57 63.17
C LEU D 114 -17.70 11.19 61.82
N LEU D 115 -17.10 10.71 60.74
CA LEU D 115 -17.54 11.10 59.41
C LEU D 115 -18.60 10.10 58.91
N ASN D 116 -19.78 10.61 58.57
CA ASN D 116 -20.86 9.77 58.07
C ASN D 116 -20.84 9.68 56.55
N LEU D 117 -20.15 8.67 56.04
CA LEU D 117 -20.04 8.46 54.60
C LEU D 117 -21.27 7.75 54.02
N GLU D 118 -21.90 8.39 53.05
CA GLU D 118 -23.02 7.79 52.33
C GLU D 118 -22.64 7.56 50.87
N GLY D 119 -23.25 6.55 50.25
CA GLY D 119 -22.93 6.18 48.89
C GLY D 119 -21.62 5.41 48.86
N ALA D 120 -20.82 5.67 47.83
CA ALA D 120 -19.54 5.00 47.67
C ALA D 120 -18.48 6.00 47.23
N ALA D 121 -17.32 5.92 47.86
CA ALA D 121 -16.19 6.77 47.52
C ALA D 121 -15.38 6.14 46.38
N ASN D 122 -15.98 6.10 45.20
CA ASN D 122 -15.39 5.40 44.05
C ASN D 122 -14.37 6.23 43.21
N GLY D 123 -13.22 6.48 43.81
CA GLY D 123 -12.07 7.05 43.11
C GLY D 123 -10.91 6.61 43.99
N TRP D 124 -9.82 6.13 43.41
CA TRP D 124 -8.69 5.66 44.23
C TRP D 124 -8.03 6.81 44.95
N HIS D 125 -8.00 6.75 46.27
CA HIS D 125 -7.42 7.84 47.04
C HIS D 125 -6.81 7.42 48.35
N THR D 126 -5.90 8.26 48.83
CA THR D 126 -5.47 8.21 50.21
C THR D 126 -6.26 9.33 50.90
N ASP D 127 -6.76 9.09 52.12
CA ASP D 127 -7.65 10.07 52.76
C ASP D 127 -6.95 11.38 53.06
N VAL D 128 -7.60 12.49 52.70
CA VAL D 128 -7.16 13.85 53.05
C VAL D 128 -5.68 14.13 52.80
N THR D 129 -5.22 13.85 51.59
CA THR D 129 -3.81 14.12 51.28
C THR D 129 -3.59 15.57 50.91
N PHE D 130 -4.64 16.39 50.87
CA PHE D 130 -4.46 17.79 50.47
C PHE D 130 -4.00 18.72 51.61
N VAL D 131 -3.88 18.19 52.82
CA VAL D 131 -3.32 18.96 53.94
C VAL D 131 -1.90 18.51 54.25
N ASP D 132 -1.21 19.25 55.11
CA ASP D 132 0.14 18.85 55.51
C ASP D 132 0.09 17.61 56.41
N ARG D 133 -0.84 17.59 57.36
CA ARG D 133 -0.94 16.51 58.33
C ARG D 133 -1.87 15.38 57.86
N ILE D 134 -1.43 14.59 56.89
CA ILE D 134 -2.26 13.50 56.36
C ILE D 134 -2.60 12.53 57.49
N PRO D 135 -3.89 12.25 57.68
CA PRO D 135 -4.25 11.34 58.78
C PRO D 135 -3.57 9.96 58.63
N LYS D 136 -3.20 9.36 59.77
CA LYS D 136 -2.38 8.14 59.74
C LYS D 136 -3.22 6.88 59.54
N ALA D 137 -4.48 6.90 59.97
CA ALA D 137 -5.31 5.69 59.95
C ALA D 137 -6.78 6.03 60.11
N SER D 138 -7.63 5.10 59.72
CA SER D 138 -9.07 5.22 59.91
C SER D 138 -9.67 3.92 60.45
N VAL D 139 -10.74 4.04 61.22
CA VAL D 139 -11.53 2.91 61.68
C VAL D 139 -12.92 3.05 61.07
N LEU D 140 -13.38 2.02 60.37
CA LEU D 140 -14.61 2.09 59.60
C LEU D 140 -15.55 0.93 59.93
N ARG D 141 -16.83 1.22 60.14
CA ARG D 141 -17.80 0.15 60.38
C ARG D 141 -19.08 0.44 59.61
N PRO D 142 -19.73 -0.60 59.07
CA PRO D 142 -20.98 -0.36 58.35
C PRO D 142 -22.16 -0.14 59.26
N VAL D 143 -23.08 0.70 58.82
CA VAL D 143 -24.30 0.97 59.57
C VAL D 143 -25.49 0.45 58.74
N THR D 144 -25.41 0.69 57.44
CA THR D 144 -26.43 0.27 56.50
C THR D 144 -25.80 -0.28 55.26
N LEU D 145 -26.23 -1.48 54.84
CA LEU D 145 -25.61 -2.13 53.68
C LEU D 145 -26.62 -2.54 52.62
N PRO D 146 -26.24 -2.43 51.35
CA PRO D 146 -27.10 -2.86 50.24
C PRO D 146 -27.18 -4.39 50.18
N SER D 147 -28.17 -4.93 49.48
CA SER D 147 -28.37 -6.38 49.43
C SER D 147 -27.30 -7.08 48.58
N TYR D 148 -26.64 -6.33 47.71
CA TYR D 148 -25.49 -6.85 46.98
C TYR D 148 -24.55 -5.70 46.70
N GLY D 149 -23.30 -6.03 46.36
CA GLY D 149 -22.29 -5.05 46.02
C GLY D 149 -21.83 -4.21 47.18
N GLY D 150 -21.09 -3.14 46.86
CA GLY D 150 -20.70 -2.15 47.85
C GLY D 150 -19.45 -2.51 48.63
N ALA D 151 -18.62 -3.38 48.07
CA ALA D 151 -17.37 -3.72 48.73
C ALA D 151 -16.43 -2.51 48.81
N THR D 152 -15.49 -2.55 49.75
CA THR D 152 -14.39 -1.60 49.75
C THR D 152 -13.13 -2.34 49.36
N THR D 153 -12.30 -1.74 48.51
CA THR D 153 -11.01 -2.36 48.18
C THR D 153 -9.88 -1.40 48.54
N TRP D 154 -8.78 -1.96 49.04
CA TRP D 154 -7.59 -1.21 49.43
C TRP D 154 -6.39 -1.67 48.60
N ALA D 155 -5.47 -0.76 48.31
CA ALA D 155 -4.24 -1.12 47.62
C ALA D 155 -3.04 -0.77 48.49
N SER D 156 -2.02 -1.62 48.48
CA SER D 156 -0.78 -1.33 49.22
C SER D 156 0.18 -0.46 48.43
N THR D 157 0.42 0.75 48.91
CA THR D 157 1.33 1.66 48.24
C THR D 157 2.78 1.35 48.63
N VAL D 158 2.95 0.51 49.64
CA VAL D 158 4.27 -0.02 50.02
C VAL D 158 4.68 -1.10 49.02
N ALA D 159 3.78 -2.04 48.74
CA ALA D 159 4.04 -3.10 47.78
C ALA D 159 4.30 -2.50 46.40
N ALA D 160 3.53 -1.47 46.04
CA ALA D 160 3.71 -0.84 44.74
C ALA D 160 5.13 -0.27 44.59
N TYR D 161 5.64 0.35 45.65
CA TYR D 161 7.01 0.88 45.62
C TYR D 161 8.05 -0.23 45.49
N GLU D 162 7.87 -1.29 46.29
CA GLU D 162 8.77 -2.46 46.29
C GLU D 162 8.89 -3.06 44.89
N GLN D 163 7.80 -3.03 44.14
CA GLN D 163 7.74 -3.68 42.84
C GLN D 163 8.25 -2.80 41.70
N LEU D 164 8.62 -1.55 41.98
CA LEU D 164 9.18 -0.70 40.94
C LEU D 164 10.58 -1.17 40.53
N PRO D 165 10.87 -1.21 39.22
CA PRO D 165 12.25 -1.43 38.77
C PRO D 165 13.08 -0.18 39.00
N LYS D 166 14.41 -0.31 38.99
CA LYS D 166 15.31 0.79 39.32
C LYS D 166 14.98 2.14 38.66
N PRO D 167 14.78 2.18 37.31
CA PRO D 167 14.57 3.50 36.69
C PRO D 167 13.33 4.20 37.20
N LEU D 168 12.26 3.44 37.45
CA LEU D 168 11.03 4.05 37.96
C LEU D 168 11.19 4.44 39.41
N ARG D 169 11.96 3.67 40.20
CA ARG D 169 12.21 4.06 41.57
CA ARG D 169 12.25 4.04 41.58
C ARG D 169 13.03 5.35 41.62
N SER D 170 14.01 5.46 40.75
CA SER D 170 14.81 6.67 40.67
C SER D 170 13.92 7.86 40.31
N LEU D 171 12.95 7.64 39.43
CA LEU D 171 12.00 8.68 39.09
C LEU D 171 11.24 9.13 40.34
N VAL D 172 10.57 8.20 41.01
CA VAL D 172 9.64 8.62 42.05
C VAL D 172 10.32 9.14 43.30
N ASP D 173 11.55 8.67 43.58
CA ASP D 173 12.28 9.16 44.75
C ASP D 173 12.50 10.67 44.67
N ASP D 174 12.55 11.20 43.45
CA ASP D 174 12.79 12.63 43.24
C ASP D 174 11.54 13.43 42.87
N LEU D 175 10.40 12.77 42.77
CA LEU D 175 9.18 13.38 42.26
C LEU D 175 8.35 13.98 43.40
N TRP D 176 7.81 15.17 43.16
CA TRP D 176 6.93 15.83 44.13
C TRP D 176 5.62 16.18 43.44
N ALA D 177 4.55 16.23 44.21
CA ALA D 177 3.23 16.44 43.65
C ALA D 177 2.40 17.40 44.51
N THR D 178 1.60 18.22 43.85
CA THR D 178 0.65 19.09 44.52
C THR D 178 -0.69 18.38 44.67
N HIS D 179 -1.16 18.28 45.91
CA HIS D 179 -2.46 17.73 46.22
C HIS D 179 -3.42 18.88 46.54
N THR D 180 -4.68 18.75 46.13
CA THR D 180 -5.67 19.78 46.44
C THR D 180 -7.04 19.18 46.72
N ASN D 181 -7.88 19.89 47.47
CA ASN D 181 -9.21 19.40 47.72
C ASN D 181 -10.17 19.78 46.60
N LEU D 182 -9.68 20.59 45.67
CA LEU D 182 -10.49 20.97 44.51
C LEU D 182 -10.38 19.92 43.42
N TYR D 183 -10.98 18.75 43.67
CA TYR D 183 -10.89 17.63 42.73
C TYR D 183 -11.96 17.76 41.65
N ALA D 201 -23.94 19.74 46.44
CA ALA D 201 -23.91 20.42 47.73
C ALA D 201 -22.71 19.96 48.56
N TYR D 202 -22.42 18.66 48.52
CA TYR D 202 -21.28 18.09 49.24
C TYR D 202 -19.96 18.66 48.75
N TYR D 203 -19.79 18.69 47.42
CA TYR D 203 -18.56 19.20 46.83
C TYR D 203 -18.37 20.68 47.14
N THR D 204 -19.48 21.42 47.22
CA THR D 204 -19.42 22.84 47.55
C THR D 204 -18.84 23.05 48.95
N GLU D 205 -19.32 22.25 49.91
CA GLU D 205 -18.83 22.31 51.28
C GLU D 205 -17.42 21.76 51.38
N PHE D 206 -17.18 20.70 50.62
CA PHE D 206 -15.87 20.05 50.56
C PHE D 206 -14.80 21.04 50.10
N THR D 207 -15.19 21.95 49.21
CA THR D 207 -14.27 22.91 48.61
C THR D 207 -14.52 24.33 49.11
N SER D 208 -15.13 24.45 50.29
CA SER D 208 -15.47 25.75 50.86
C SER D 208 -14.21 26.55 51.23
N SER D 209 -13.13 25.83 51.55
CA SER D 209 -11.82 26.45 51.73
C SER D 209 -10.83 25.70 50.87
N ARG D 210 -9.84 26.41 50.32
CA ARG D 210 -8.94 25.79 49.34
C ARG D 210 -7.63 25.34 49.98
N TYR D 211 -7.30 24.07 49.79
CA TYR D 211 -6.06 23.52 50.29
C TYR D 211 -5.16 23.09 49.13
N GLU D 212 -3.89 23.47 49.19
CA GLU D 212 -2.86 22.95 48.28
C GLU D 212 -1.59 22.66 49.08
N THR D 213 -1.12 21.43 48.95
CA THR D 213 0.08 20.99 49.65
C THR D 213 0.95 20.21 48.68
N VAL D 214 2.25 20.49 48.70
CA VAL D 214 3.21 19.77 47.88
C VAL D 214 3.83 18.65 48.69
N HIS D 215 3.51 17.42 48.31
CA HIS D 215 3.98 16.21 49.00
C HIS D 215 4.98 15.45 48.14
N PRO D 216 5.92 14.75 48.78
CA PRO D 216 6.75 13.83 48.00
C PRO D 216 5.91 12.65 47.49
N VAL D 217 6.22 12.14 46.30
CA VAL D 217 5.54 10.98 45.74
C VAL D 217 6.01 9.73 46.46
N VAL D 218 7.21 9.77 47.04
CA VAL D 218 7.65 8.70 47.92
C VAL D 218 7.82 9.21 49.34
N ARG D 219 7.04 8.67 50.30
CA ARG D 219 7.23 9.03 51.70
C ARG D 219 7.83 7.87 52.46
N VAL D 220 8.56 8.20 53.53
CA VAL D 220 9.12 7.18 54.40
C VAL D 220 8.24 7.07 55.63
N HIS D 221 7.61 5.92 55.81
CA HIS D 221 6.68 5.71 56.91
C HIS D 221 7.38 5.93 58.26
N PRO D 222 6.84 6.83 59.10
CA PRO D 222 7.54 7.21 60.34
C PRO D 222 7.55 6.13 61.43
N GLU D 223 6.72 5.09 61.31
CA GLU D 223 6.69 4.07 62.35
C GLU D 223 7.28 2.74 61.85
N THR D 224 7.19 2.47 60.55
CA THR D 224 7.75 1.24 60.00
C THR D 224 9.05 1.45 59.20
N GLY D 225 9.28 2.67 58.75
CA GLY D 225 10.43 2.95 57.91
C GLY D 225 10.28 2.51 56.45
N GLU D 226 9.16 1.89 56.12
CA GLU D 226 8.93 1.44 54.74
C GLU D 226 8.62 2.62 53.81
N ARG D 227 9.12 2.54 52.58
CA ARG D 227 8.81 3.54 51.59
C ARG D 227 7.45 3.26 50.96
N SER D 228 6.68 4.31 50.73
CA SER D 228 5.31 4.18 50.26
CA SER D 228 5.36 4.11 50.15
C SER D 228 5.01 5.24 49.19
N LEU D 229 4.30 4.88 48.12
CA LEU D 229 3.87 5.88 47.14
C LEU D 229 2.75 6.73 47.72
N LEU D 230 2.86 8.04 47.54
CA LEU D 230 1.85 8.98 47.98
C LEU D 230 1.29 9.68 46.76
N LEU D 231 0.11 9.25 46.34
CA LEU D 231 -0.52 9.79 45.13
C LEU D 231 -2.03 9.87 45.32
N GLY D 232 -2.80 9.27 44.42
CA GLY D 232 -4.24 9.28 44.60
C GLY D 232 -4.97 10.44 43.91
N GLN D 233 -6.30 10.47 43.99
CA GLN D 233 -7.07 11.40 43.16
CA GLN D 233 -7.08 11.39 43.16
C GLN D 233 -6.99 12.86 43.59
N PHE D 234 -6.40 13.13 44.74
CA PHE D 234 -6.27 14.53 45.11
C PHE D 234 -5.05 15.18 44.42
N VAL D 235 -4.23 14.39 43.75
CA VAL D 235 -3.09 14.94 43.02
C VAL D 235 -3.51 15.74 41.78
N LYS D 236 -3.01 16.96 41.67
CA LYS D 236 -3.33 17.90 40.59
C LYS D 236 -2.20 18.06 39.55
N SER D 237 -0.96 17.91 39.99
CA SER D 237 0.18 18.18 39.13
C SER D 237 1.46 17.60 39.74
N PHE D 238 2.49 17.46 38.91
CA PHE D 238 3.83 17.09 39.36
C PHE D 238 4.74 18.31 39.25
N GLN D 239 5.54 18.55 40.28
CA GLN D 239 6.48 19.65 40.29
C GLN D 239 7.47 19.54 39.13
N ASP D 240 7.66 20.66 38.43
CA ASP D 240 8.61 20.77 37.32
C ASP D 240 8.23 19.96 36.08
N LEU D 241 7.02 19.41 36.03
CA LEU D 241 6.54 18.70 34.86
C LEU D 241 5.30 19.36 34.26
N PRO D 242 5.23 19.42 32.92
CA PRO D 242 4.11 19.99 32.17
C PRO D 242 2.86 19.12 32.25
N SER D 243 1.70 19.71 32.00
CA SER D 243 0.41 19.02 32.13
CA SER D 243 0.41 19.02 32.13
C SER D 243 0.28 17.75 31.32
N ALA D 244 0.80 17.74 30.09
CA ALA D 244 0.69 16.54 29.22
C ALA D 244 1.39 15.34 29.82
N GLU D 245 2.50 15.61 30.49
CA GLU D 245 3.24 14.49 31.03
C GLU D 245 2.61 14.07 32.35
N PHE D 246 1.84 14.97 32.95
CA PHE D 246 1.21 14.65 34.22
C PHE D 246 0.26 13.46 34.09
N ALA D 247 -0.64 13.53 33.12
CA ALA D 247 -1.66 12.50 32.99
C ALA D 247 -1.03 11.13 32.68
N SER D 248 -0.05 11.13 31.78
CA SER D 248 0.59 9.88 31.43
C SER D 248 1.31 9.23 32.62
N LEU D 249 2.09 10.01 33.34
CA LEU D 249 2.84 9.46 34.46
C LEU D 249 1.94 9.11 35.64
N PHE D 250 0.93 9.94 35.87
CA PHE D 250 0.00 9.65 36.96
C PHE D 250 -0.74 8.33 36.73
N GLN D 251 -1.24 8.14 35.52
CA GLN D 251 -1.95 6.91 35.14
CA GLN D 251 -1.94 6.91 35.13
C GLN D 251 -1.04 5.69 35.29
N LEU D 252 0.20 5.85 34.86
CA LEU D 252 1.18 4.78 34.95
C LEU D 252 1.42 4.34 36.38
N LEU D 253 1.67 5.32 37.25
CA LEU D 253 1.96 5.01 38.65
C LEU D 253 0.72 4.48 39.38
N GLN D 254 -0.45 5.07 39.10
CA GLN D 254 -1.69 4.58 39.72
C GLN D 254 -1.97 3.15 39.30
N ALA D 255 -1.66 2.81 38.05
CA ALA D 255 -1.93 1.45 37.60
C ALA D 255 -1.06 0.43 38.35
N ARG D 256 0.17 0.82 38.71
CA ARG D 256 1.04 -0.05 39.50
C ARG D 256 0.53 -0.20 40.92
N ILE D 257 -0.05 0.88 41.46
CA ILE D 257 -0.59 0.84 42.80
C ILE D 257 -1.83 -0.06 42.85
N THR D 258 -2.71 0.10 41.88
CA THR D 258 -4.00 -0.58 41.94
C THR D 258 -4.05 -1.93 41.24
N LYS D 259 -2.88 -2.39 40.78
CA LYS D 259 -2.72 -3.77 40.27
C LYS D 259 -3.42 -4.75 41.20
N LEU D 260 -4.21 -5.68 40.65
CA LEU D 260 -5.08 -6.52 41.49
C LEU D 260 -4.30 -7.27 42.57
N GLU D 261 -3.10 -7.73 42.24
CA GLU D 261 -2.26 -8.44 43.20
C GLU D 261 -1.94 -7.64 44.46
N ASN D 262 -2.01 -6.30 44.37
CA ASN D 262 -1.72 -5.44 45.51
C ASN D 262 -2.98 -5.01 46.27
N THR D 263 -4.10 -5.67 45.99
CA THR D 263 -5.36 -5.19 46.57
C THR D 263 -6.09 -6.24 47.38
N PHE D 264 -6.81 -5.73 48.36
CA PHE D 264 -7.65 -6.53 49.26
C PHE D 264 -9.06 -5.96 49.15
N ARG D 265 -10.01 -6.79 48.76
CA ARG D 265 -11.38 -6.34 48.55
C ARG D 265 -12.33 -7.03 49.52
N TRP D 266 -13.03 -6.25 50.34
CA TRP D 266 -13.80 -6.84 51.43
C TRP D 266 -15.30 -6.64 51.22
N ASN D 267 -16.05 -7.74 51.21
CA ASN D 267 -17.51 -7.69 51.20
C ASN D 267 -18.02 -7.47 52.60
N TRP D 268 -18.67 -6.34 52.82
CA TRP D 268 -19.09 -5.95 54.17
C TRP D 268 -20.25 -6.78 54.72
N ARG D 269 -20.20 -7.09 56.01
CA ARG D 269 -21.36 -7.59 56.72
C ARG D 269 -21.57 -6.73 57.94
N LEU D 270 -22.80 -6.62 58.42
CA LEU D 270 -23.05 -5.91 59.67
C LEU D 270 -22.22 -6.55 60.77
N GLY D 271 -21.62 -5.72 61.63
CA GLY D 271 -20.74 -6.22 62.66
C GLY D 271 -19.25 -6.18 62.29
N ASP D 272 -18.95 -5.95 61.02
CA ASP D 272 -17.54 -5.87 60.60
C ASP D 272 -16.95 -4.53 61.03
N VAL D 273 -15.63 -4.50 61.22
CA VAL D 273 -14.89 -3.26 61.41
C VAL D 273 -13.60 -3.39 60.61
N ALA D 274 -13.25 -2.36 59.84
CA ALA D 274 -11.95 -2.35 59.19
C ALA D 274 -11.08 -1.24 59.77
N ILE D 275 -9.79 -1.53 59.87
CA ILE D 275 -8.79 -0.50 60.23
C ILE D 275 -7.73 -0.50 59.15
N TRP D 276 -7.41 0.67 58.59
CA TRP D 276 -6.32 0.70 57.62
C TRP D 276 -5.28 1.76 57.90
N ASP D 277 -4.07 1.48 57.44
CA ASP D 277 -2.93 2.39 57.56
C ASP D 277 -2.98 3.35 56.39
N ASN D 278 -3.40 4.59 56.67
CA ASN D 278 -3.56 5.57 55.60
C ASN D 278 -2.21 6.15 55.13
N ARG D 279 -1.12 5.68 55.74
CA ARG D 279 0.22 6.04 55.28
C ARG D 279 0.78 5.00 54.31
N ALA D 280 0.05 3.91 54.14
CA ALA D 280 0.58 2.77 53.39
C ALA D 280 -0.44 2.22 52.40
N THR D 281 -1.55 2.93 52.21
CA THR D 281 -2.62 2.41 51.34
C THR D 281 -3.31 3.50 50.53
N GLN D 282 -4.07 3.07 49.52
CA GLN D 282 -5.17 3.85 48.99
C GLN D 282 -6.40 2.97 49.13
N HIS D 283 -7.59 3.54 48.98
CA HIS D 283 -8.80 2.70 48.91
C HIS D 283 -9.83 3.28 47.96
N TYR D 284 -10.90 2.52 47.77
CA TYR D 284 -11.90 2.76 46.72
C TYR D 284 -13.20 2.08 47.19
N GLY D 285 -14.28 2.86 47.29
CA GLY D 285 -15.58 2.26 47.60
C GLY D 285 -16.32 1.98 46.30
N ILE D 286 -16.76 0.73 46.07
CA ILE D 286 -17.30 0.37 44.76
C ILE D 286 -18.81 0.68 44.64
N ALA D 287 -19.18 1.46 43.61
CA ALA D 287 -20.57 1.86 43.43
C ALA D 287 -21.32 0.87 42.52
N ASP D 288 -21.40 -0.40 42.96
CA ASP D 288 -22.01 -1.47 42.18
C ASP D 288 -23.24 -2.03 42.88
N PHE D 289 -23.99 -1.16 43.57
CA PHE D 289 -25.15 -1.64 44.33
C PHE D 289 -26.43 -0.91 43.95
N GLY D 290 -26.42 -0.31 42.76
CA GLY D 290 -27.60 0.38 42.25
C GLY D 290 -27.95 1.55 43.14
N GLU D 291 -29.24 1.74 43.39
CA GLU D 291 -29.72 2.90 44.14
C GLU D 291 -29.93 2.61 45.62
N GLN D 292 -29.47 1.46 46.08
CA GLN D 292 -29.66 1.08 47.48
C GLN D 292 -28.86 1.95 48.42
N GLN D 293 -29.25 1.98 49.68
CA GLN D 293 -28.56 2.80 50.66
C GLN D 293 -27.33 2.07 51.17
N ARG D 294 -26.25 2.82 51.37
CA ARG D 294 -25.02 2.30 51.93
C ARG D 294 -24.44 3.40 52.85
N GLU D 295 -24.23 3.06 54.12
CA GLU D 295 -23.70 4.03 55.07
C GLU D 295 -22.69 3.36 55.99
N LEU D 296 -21.49 3.93 56.06
CA LEU D 296 -20.44 3.45 56.94
C LEU D 296 -19.95 4.63 57.74
N HIS D 297 -19.58 4.38 58.99
CA HIS D 297 -19.15 5.46 59.86
C HIS D 297 -17.67 5.34 60.10
N ARG D 298 -16.97 6.46 59.98
CA ARG D 298 -15.50 6.50 59.98
C ARG D 298 -14.97 7.32 61.15
N VAL D 299 -13.90 6.85 61.78
CA VAL D 299 -13.12 7.72 62.66
C VAL D 299 -11.72 7.75 62.11
N THR D 300 -11.17 8.94 61.89
CA THR D 300 -9.82 9.06 61.41
CA THR D 300 -9.79 9.07 61.42
C THR D 300 -8.89 9.57 62.52
N LEU D 301 -7.64 9.13 62.51
CA LEU D 301 -6.67 9.47 63.54
C LEU D 301 -5.58 10.38 62.98
N ALA D 302 -5.18 11.36 63.79
CA ALA D 302 -4.21 12.36 63.37
C ALA D 302 -2.86 11.76 62.96
N GLY D 303 -2.27 12.31 61.90
CA GLY D 303 -0.98 11.89 61.43
C GLY D 303 0.07 12.99 61.49
N ASP D 304 1.20 12.76 60.83
CA ASP D 304 2.26 13.75 60.79
C ASP D 304 2.50 14.22 59.34
N VAL D 305 3.46 15.11 59.15
CA VAL D 305 3.77 15.62 57.82
C VAL D 305 4.69 14.63 57.09
N PRO D 306 4.34 14.24 55.86
CA PRO D 306 5.21 13.30 55.15
C PRO D 306 6.65 13.79 55.01
N VAL D 307 7.61 12.87 54.97
CA VAL D 307 9.00 13.22 54.65
C VAL D 307 9.49 12.38 53.48
N ASP D 308 10.32 12.95 52.62
CA ASP D 308 10.82 12.22 51.47
C ASP D 308 11.99 11.34 51.88
N VAL D 309 12.65 10.70 50.92
CA VAL D 309 13.72 9.77 51.28
C VAL D 309 14.96 10.47 51.81
N HIS D 310 14.97 11.80 51.76
CA HIS D 310 16.08 12.58 52.32
C HIS D 310 15.67 13.32 53.61
N GLY D 311 14.46 13.07 54.10
CA GLY D 311 13.99 13.68 55.33
C GLY D 311 13.38 15.06 55.16
N ARG D 312 13.12 15.46 53.92
CA ARG D 312 12.53 16.77 53.66
C ARG D 312 11.00 16.71 53.80
N ARG D 313 10.40 17.67 54.49
CA ARG D 313 8.96 17.63 54.72
CA ARG D 313 8.96 17.61 54.71
C ARG D 313 8.16 18.28 53.59
N SER D 314 6.90 17.88 53.47
CA SER D 314 5.96 18.51 52.56
C SER D 314 5.85 20.02 52.85
N GLN D 315 5.41 20.78 51.86
CA GLN D 315 5.29 22.24 51.97
C GLN D 315 3.88 22.73 51.72
N ILE D 316 3.36 23.57 52.60
CA ILE D 316 2.03 24.15 52.45
C ILE D 316 2.05 25.31 51.46
N LEU D 317 1.17 25.29 50.47
CA LEU D 317 0.99 26.43 49.56
C LEU D 317 -0.25 27.23 49.96
N LEU D 318 -1.35 26.54 50.24
CA LEU D 318 -2.60 27.20 50.66
C LEU D 318 -3.30 26.39 51.73
N GLY D 319 -3.86 27.07 52.72
CA GLY D 319 -4.66 26.41 53.73
C GLY D 319 -3.97 26.23 55.06
N ASP D 320 -4.79 26.01 56.08
CA ASP D 320 -4.35 25.78 57.46
C ASP D 320 -5.23 24.69 58.05
N ALA D 321 -4.62 23.58 58.46
CA ALA D 321 -5.38 22.43 58.93
C ALA D 321 -5.33 22.26 60.45
N SER D 322 -4.90 23.31 61.17
CA SER D 322 -4.71 23.25 62.61
CA SER D 322 -4.70 23.22 62.61
C SER D 322 -5.99 22.95 63.37
N HIS D 323 -7.13 23.28 62.76
CA HIS D 323 -8.44 23.03 63.36
C HIS D 323 -8.87 21.57 63.17
N TYR D 324 -8.31 20.92 62.16
CA TYR D 324 -8.69 19.55 61.80
C TYR D 324 -8.02 18.54 62.75
N SER D 325 -6.75 18.79 63.02
CA SER D 325 -5.99 17.98 63.96
C SER D 325 -4.67 18.67 64.28
N GLY D 326 -3.99 18.20 65.32
CA GLY D 326 -2.63 18.61 65.60
C GLY D 326 -1.73 17.75 64.73
N ILE D 327 -0.42 17.95 64.84
CA ILE D 327 0.55 17.12 64.13
C ILE D 327 1.06 16.08 65.11
N GLU D 328 0.84 14.80 64.81
CA GLU D 328 1.23 13.72 65.69
CA GLU D 328 1.23 13.74 65.71
C GLU D 328 2.75 13.54 65.70
N THR D 329 3.29 13.26 66.89
CA THR D 329 4.69 12.86 66.99
C THR D 329 4.72 11.33 66.95
N PRO D 330 5.19 10.76 65.85
CA PRO D 330 5.14 9.30 65.70
C PRO D 330 6.18 8.59 66.54
N GLN D 331 5.97 7.30 66.78
CA GLN D 331 7.01 6.52 67.42
C GLN D 331 7.36 5.37 66.48
N ARG D 332 8.63 5.25 66.14
CA ARG D 332 9.08 4.15 65.28
C ARG D 332 8.90 2.84 66.06
N LEU D 333 8.44 1.80 65.38
CA LEU D 333 8.28 0.48 66.00
C LEU D 333 9.62 -0.24 66.05
N GLU D 334 9.99 -0.77 67.22
CA GLU D 334 11.31 -1.40 67.33
C GLU D 334 11.40 -2.75 66.63
N LEU D 335 10.35 -3.13 65.90
CA LEU D 335 10.37 -4.33 65.09
C LEU D 335 10.77 -4.01 63.65
N PHE D 336 10.65 -2.74 63.28
CA PHE D 336 10.96 -2.30 61.92
C PHE D 336 12.28 -1.54 61.88
N MET E 22 -24.55 -39.91 12.19
CA MET E 22 -23.08 -39.93 12.16
C MET E 22 -22.55 -38.51 12.12
N VAL E 23 -22.08 -38.02 13.28
CA VAL E 23 -21.63 -36.63 13.38
C VAL E 23 -20.24 -36.49 14.01
N THR E 24 -19.59 -35.36 13.74
CA THR E 24 -18.32 -35.01 14.39
C THR E 24 -18.67 -34.26 15.66
N ASP E 25 -18.29 -34.78 16.82
CA ASP E 25 -18.57 -34.06 18.06
C ASP E 25 -17.29 -33.99 18.91
N ASP E 26 -17.44 -33.67 20.19
CA ASP E 26 -16.27 -33.56 21.08
C ASP E 26 -15.54 -34.88 21.25
N GLN E 27 -16.28 -35.99 21.31
CA GLN E 27 -15.64 -37.31 21.37
C GLN E 27 -14.83 -37.55 20.11
N THR E 28 -15.37 -37.13 18.96
CA THR E 28 -14.69 -37.37 17.70
C THR E 28 -13.36 -36.59 17.68
N ARG E 29 -13.40 -35.33 18.08
CA ARG E 29 -12.18 -34.51 18.09
C ARG E 29 -11.11 -35.05 19.05
N ARG E 30 -11.55 -35.63 20.17
CA ARG E 30 -10.60 -36.20 21.13
C ARG E 30 -9.92 -37.43 20.51
N ILE E 31 -10.69 -38.23 19.77
CA ILE E 31 -10.15 -39.40 19.09
C ILE E 31 -9.14 -38.98 18.01
N TYR E 32 -9.48 -37.95 17.23
CA TYR E 32 -8.57 -37.42 16.22
C TYR E 32 -7.31 -36.91 16.89
N ARG E 33 -7.48 -36.13 17.96
CA ARG E 33 -6.34 -35.60 18.72
C ARG E 33 -5.40 -36.69 19.19
N ASP E 34 -5.98 -37.73 19.79
CA ASP E 34 -5.18 -38.83 20.31
C ASP E 34 -4.39 -39.55 19.23
N ALA E 35 -4.93 -39.57 18.01
CA ALA E 35 -4.27 -40.25 16.90
C ALA E 35 -3.36 -39.32 16.12
N GLY E 36 -3.24 -38.09 16.57
CA GLY E 36 -2.35 -37.11 15.94
C GLY E 36 -2.74 -36.74 14.52
N ILE E 37 -4.04 -36.74 14.23
CA ILE E 37 -4.51 -36.35 12.90
C ILE E 37 -5.47 -35.16 12.95
N THR E 38 -5.59 -34.44 11.82
CA THR E 38 -6.66 -33.45 11.62
C THR E 38 -7.52 -33.92 10.46
N VAL E 39 -8.81 -33.63 10.54
CA VAL E 39 -9.75 -34.04 9.52
C VAL E 39 -10.53 -32.83 9.04
N GLU E 40 -10.25 -32.38 7.82
CA GLU E 40 -10.83 -31.15 7.28
C GLU E 40 -11.96 -31.50 6.36
N LYS E 41 -13.17 -31.12 6.73
CA LYS E 41 -14.35 -31.35 5.91
C LYS E 41 -14.19 -30.65 4.56
N LEU E 42 -14.56 -31.31 3.47
CA LEU E 42 -14.45 -30.70 2.15
C LEU E 42 -15.79 -30.50 1.45
N GLY E 43 -16.84 -31.06 2.02
CA GLY E 43 -18.19 -30.86 1.49
C GLY E 43 -19.16 -31.14 2.62
N GLU E 44 -20.38 -30.64 2.49
CA GLU E 44 -21.40 -30.81 3.52
C GLU E 44 -21.73 -32.29 3.77
N HIS E 45 -21.89 -33.07 2.70
CA HIS E 45 -22.36 -34.44 2.85
C HIS E 45 -21.28 -35.50 2.66
N ILE E 46 -20.13 -35.10 2.11
CA ILE E 46 -19.13 -36.08 1.69
C ILE E 46 -17.77 -35.40 1.46
N GLY E 47 -16.70 -36.08 1.85
CA GLY E 47 -15.35 -35.64 1.53
C GLY E 47 -14.66 -34.96 2.70
N ALA E 48 -13.45 -35.42 3.02
CA ALA E 48 -12.63 -34.81 4.06
C ALA E 48 -11.16 -35.08 3.78
N ARG E 49 -10.31 -34.11 4.11
CA ARG E 49 -8.87 -34.27 3.97
C ARG E 49 -8.25 -34.60 5.32
N VAL E 50 -7.44 -35.66 5.37
CA VAL E 50 -6.80 -36.05 6.63
C VAL E 50 -5.36 -35.64 6.58
N ASN E 51 -4.89 -34.98 7.64
CA ASN E 51 -3.49 -34.62 7.73
C ASN E 51 -2.87 -35.15 8.99
N GLY E 52 -1.55 -35.24 8.98
CA GLY E 52 -0.78 -35.60 10.15
C GLY E 52 -0.42 -37.06 10.23
N ILE E 53 -0.66 -37.81 9.16
CA ILE E 53 -0.39 -39.25 9.21
C ILE E 53 0.18 -39.78 7.89
N GLU E 54 1.20 -40.62 8.00
CA GLU E 54 1.72 -41.34 6.84
C GLU E 54 1.12 -42.74 6.81
N LEU E 55 0.39 -43.05 5.74
CA LEU E 55 -0.28 -44.34 5.62
C LEU E 55 0.76 -45.44 5.43
N ARG E 56 0.85 -46.31 6.43
CA ARG E 56 1.83 -47.41 6.39
C ARG E 56 1.22 -48.65 7.01
N GLY E 57 1.81 -49.80 6.74
CA GLY E 57 1.34 -51.06 7.29
C GLY E 57 1.59 -51.28 8.77
N ASP E 58 2.36 -50.40 9.41
CA ASP E 58 2.65 -50.57 10.83
C ASP E 58 2.01 -49.49 11.69
N LEU E 59 0.98 -48.83 11.16
CA LEU E 59 0.19 -47.87 11.93
C LEU E 59 -0.39 -48.53 13.17
N SER E 60 -0.42 -47.81 14.28
CA SER E 60 -0.97 -48.34 15.52
C SER E 60 -2.48 -48.46 15.42
N ALA E 61 -3.04 -49.34 16.24
CA ALA E 61 -4.46 -49.68 16.18
C ALA E 61 -5.34 -48.44 16.42
N ASP E 62 -4.93 -47.57 17.34
CA ASP E 62 -5.73 -46.38 17.62
C ASP E 62 -5.76 -45.41 16.44
N ARG E 63 -4.66 -45.33 15.68
CA ARG E 63 -4.66 -44.45 14.52
C ARG E 63 -5.54 -45.03 13.42
N VAL E 64 -5.50 -46.35 13.26
CA VAL E 64 -6.38 -47.04 12.31
C VAL E 64 -7.85 -46.81 12.69
N GLU E 65 -8.16 -46.90 13.98
CA GLU E 65 -9.54 -46.68 14.39
C GLU E 65 -9.99 -45.23 14.20
N ALA E 66 -9.08 -44.27 14.32
CA ALA E 66 -9.43 -42.87 14.03
C ALA E 66 -9.75 -42.67 12.54
N ILE E 67 -8.98 -43.33 11.67
CA ILE E 67 -9.24 -43.31 10.24
C ILE E 67 -10.58 -43.98 9.92
N ARG E 68 -10.85 -45.12 10.55
CA ARG E 68 -12.13 -45.79 10.39
CA ARG E 68 -12.13 -45.79 10.39
C ARG E 68 -13.29 -44.86 10.73
N LEU E 69 -13.17 -44.14 11.85
CA LEU E 69 -14.23 -43.23 12.29
C LEU E 69 -14.37 -42.05 11.32
N ALA E 70 -13.24 -41.48 10.91
CA ALA E 70 -13.27 -40.35 9.98
C ALA E 70 -13.95 -40.79 8.67
N LEU E 71 -13.68 -42.02 8.25
CA LEU E 71 -14.27 -42.55 7.01
C LEU E 71 -15.77 -42.74 7.17
N ALA E 72 -16.19 -43.27 8.32
CA ALA E 72 -17.61 -43.48 8.58
C ALA E 72 -18.40 -42.19 8.51
N ILE E 73 -17.84 -41.13 9.08
CA ILE E 73 -18.51 -39.84 9.14
C ILE E 73 -18.52 -39.17 7.77
N ASN E 74 -17.38 -39.20 7.09
CA ASN E 74 -17.16 -38.37 5.91
C ASN E 74 -17.25 -39.07 4.55
N LYS E 75 -17.34 -40.40 4.57
CA LYS E 75 -17.61 -41.26 3.40
C LYS E 75 -16.45 -41.39 2.42
N VAL E 76 -15.71 -40.30 2.20
CA VAL E 76 -14.49 -40.35 1.38
C VAL E 76 -13.40 -39.58 2.10
N LEU E 77 -12.22 -40.19 2.24
CA LEU E 77 -11.06 -39.49 2.80
C LEU E 77 -9.96 -39.31 1.74
N VAL E 78 -9.32 -38.14 1.70
CA VAL E 78 -8.11 -37.98 0.89
C VAL E 78 -6.91 -37.61 1.77
N PHE E 79 -5.78 -38.20 1.42
CA PHE E 79 -4.51 -38.00 2.09
C PHE E 79 -3.56 -37.46 1.04
N THR E 80 -2.64 -36.57 1.41
CA THR E 80 -1.73 -36.00 0.41
C THR E 80 -0.27 -36.22 0.82
N GLU E 81 0.64 -36.04 -0.14
CA GLU E 81 2.07 -36.17 0.08
CA GLU E 81 2.07 -36.16 0.11
C GLU E 81 2.46 -37.54 0.64
N GLN E 82 1.75 -38.59 0.20
CA GLN E 82 2.09 -39.95 0.62
C GLN E 82 3.10 -40.53 -0.36
N HIS E 83 4.22 -39.84 -0.54
CA HIS E 83 5.20 -40.20 -1.55
C HIS E 83 6.03 -41.44 -1.21
N HIS E 84 5.92 -41.92 0.02
CA HIS E 84 6.64 -43.14 0.45
C HIS E 84 5.99 -44.41 -0.07
N LEU E 85 4.75 -44.29 -0.53
CA LEU E 85 3.95 -45.45 -0.90
C LEU E 85 4.25 -46.05 -2.27
N ASP E 86 4.43 -47.37 -2.31
CA ASP E 86 4.39 -48.11 -3.57
C ASP E 86 3.25 -49.14 -3.45
N ASP E 87 3.11 -50.05 -4.42
CA ASP E 87 2.03 -51.03 -4.40
C ASP E 87 2.09 -51.85 -3.12
N ALA E 88 3.28 -52.30 -2.76
CA ALA E 88 3.45 -53.12 -1.56
C ALA E 88 3.05 -52.37 -0.29
N GLY E 89 3.46 -51.11 -0.17
CA GLY E 89 3.11 -50.32 0.99
C GLY E 89 1.63 -50.00 1.05
N GLN E 90 1.04 -49.75 -0.12
CA GLN E 90 -0.39 -49.47 -0.18
C GLN E 90 -1.17 -50.69 0.28
N TYR E 91 -0.76 -51.87 -0.19
CA TYR E 91 -1.37 -53.14 0.20
C TYR E 91 -1.28 -53.39 1.70
N ALA E 92 -0.08 -53.19 2.25
CA ALA E 92 0.18 -53.42 3.68
C ALA E 92 -0.69 -52.50 4.53
N PHE E 93 -0.85 -51.26 4.10
CA PHE E 93 -1.72 -50.35 4.81
C PHE E 93 -3.20 -50.78 4.73
N ALA E 94 -3.66 -51.13 3.53
CA ALA E 94 -5.05 -51.50 3.33
C ALA E 94 -5.44 -52.69 4.22
N ARG E 95 -4.51 -53.61 4.40
CA ARG E 95 -4.72 -54.78 5.25
C ARG E 95 -5.13 -54.41 6.67
N LEU E 96 -4.80 -53.20 7.10
CA LEU E 96 -5.16 -52.75 8.44
C LEU E 96 -6.64 -52.43 8.54
N LEU E 97 -7.27 -52.20 7.39
CA LEU E 97 -8.69 -51.80 7.39
C LEU E 97 -9.64 -52.95 7.12
N GLY E 98 -9.11 -54.06 6.61
CA GLY E 98 -9.94 -55.21 6.29
C GLY E 98 -9.15 -56.27 5.56
N GLU E 99 -9.84 -57.26 5.02
CA GLU E 99 -9.22 -58.35 4.27
C GLU E 99 -9.26 -58.03 2.77
N PRO E 100 -8.09 -57.82 2.18
CA PRO E 100 -8.06 -57.49 0.75
C PRO E 100 -8.68 -58.60 -0.08
N THR E 101 -9.55 -58.20 -1.01
CA THR E 101 -10.15 -59.15 -1.92
C THR E 101 -9.17 -59.44 -3.03
N LEU E 102 -9.53 -60.36 -3.91
CA LEU E 102 -8.85 -60.45 -5.17
C LEU E 102 -9.05 -59.13 -5.88
N PRO E 103 -8.18 -58.80 -6.85
CA PRO E 103 -8.40 -57.56 -7.60
C PRO E 103 -9.83 -57.44 -8.15
N HIS E 104 -10.40 -58.56 -8.59
CA HIS E 104 -11.74 -58.57 -9.19
C HIS E 104 -12.29 -60.00 -9.22
N PRO E 105 -13.64 -60.16 -9.14
CA PRO E 105 -14.21 -61.51 -9.18
C PRO E 105 -13.93 -62.25 -10.48
N THR E 106 -13.78 -61.51 -11.56
CA THR E 106 -13.59 -62.11 -12.88
C THR E 106 -12.32 -61.64 -13.59
N VAL E 107 -11.93 -60.40 -13.34
CA VAL E 107 -10.74 -59.85 -14.00
C VAL E 107 -9.47 -60.29 -13.29
N ARG E 108 -8.63 -61.03 -14.01
CA ARG E 108 -7.41 -61.58 -13.43
C ARG E 108 -6.15 -61.05 -14.10
N SER E 109 -6.30 -60.48 -15.30
CA SER E 109 -5.16 -60.07 -16.13
C SER E 109 -4.65 -58.65 -15.86
N HIS E 110 -5.24 -58.00 -14.86
CA HIS E 110 -4.88 -56.62 -14.53
C HIS E 110 -4.50 -56.44 -13.06
N GLY E 111 -3.66 -57.35 -12.56
CA GLY E 111 -3.22 -57.30 -11.18
C GLY E 111 -3.50 -58.57 -10.41
N THR E 112 -2.63 -58.90 -9.45
CA THR E 112 -2.82 -60.10 -8.63
C THR E 112 -3.13 -59.75 -7.17
N GLU E 113 -2.58 -58.64 -6.70
CA GLU E 113 -2.84 -58.14 -5.35
C GLU E 113 -3.64 -56.85 -5.39
N LEU E 114 -3.29 -56.00 -6.35
CA LEU E 114 -4.00 -54.75 -6.57
C LEU E 114 -4.69 -54.81 -7.93
N LEU E 115 -5.77 -54.04 -8.07
CA LEU E 115 -6.40 -53.89 -9.38
C LEU E 115 -5.77 -52.69 -10.09
N ASN E 116 -5.17 -52.94 -11.24
CA ASN E 116 -4.53 -51.87 -11.99
C ASN E 116 -5.51 -51.24 -12.98
N LEU E 117 -6.18 -50.19 -12.52
CA LEU E 117 -7.16 -49.49 -13.34
C LEU E 117 -6.51 -48.51 -14.31
N GLU E 118 -6.81 -48.68 -15.59
CA GLU E 118 -6.33 -47.76 -16.64
C GLU E 118 -7.52 -47.06 -17.30
N GLY E 119 -7.28 -45.85 -17.82
CA GLY E 119 -8.33 -45.07 -18.43
C GLY E 119 -9.21 -44.46 -17.35
N ALA E 120 -10.52 -44.43 -17.57
CA ALA E 120 -11.46 -43.84 -16.62
C ALA E 120 -12.74 -44.66 -16.49
N ALA E 121 -13.16 -44.91 -15.25
CA ALA E 121 -14.41 -45.62 -14.99
C ALA E 121 -15.61 -44.67 -14.98
N ASN E 122 -15.92 -44.13 -16.17
CA ASN E 122 -16.94 -43.10 -16.33
C ASN E 122 -18.38 -43.64 -16.44
N GLY E 123 -18.87 -44.19 -15.35
CA GLY E 123 -20.27 -44.59 -15.22
C GLY E 123 -20.48 -44.62 -13.73
N TRP E 124 -21.59 -44.08 -13.25
CA TRP E 124 -21.83 -44.06 -11.81
C TRP E 124 -22.08 -45.45 -11.29
N HIS E 125 -21.24 -45.88 -10.36
CA HIS E 125 -21.37 -47.20 -9.81
C HIS E 125 -20.83 -47.28 -8.40
N THR E 126 -21.33 -48.29 -7.70
CA THR E 126 -20.75 -48.79 -6.46
C THR E 126 -19.96 -50.04 -6.89
N ASP E 127 -18.77 -50.23 -6.33
CA ASP E 127 -17.89 -51.32 -6.80
C ASP E 127 -18.44 -52.71 -6.57
N VAL E 128 -18.39 -53.52 -7.62
CA VAL E 128 -18.72 -54.96 -7.56
C VAL E 128 -20.03 -55.26 -6.84
N THR E 129 -21.12 -54.61 -7.23
CA THR E 129 -22.40 -54.86 -6.57
C THR E 129 -23.11 -56.10 -7.10
N PHE E 130 -22.51 -56.76 -8.08
CA PHE E 130 -23.17 -57.92 -8.69
C PHE E 130 -22.92 -59.23 -7.93
N VAL E 131 -22.12 -59.18 -6.86
CA VAL E 131 -21.91 -60.35 -5.99
C VAL E 131 -22.69 -60.18 -4.69
N ASP E 132 -22.79 -61.24 -3.90
CA ASP E 132 -23.47 -61.11 -2.61
C ASP E 132 -22.65 -60.27 -1.64
N ARG E 133 -21.34 -60.53 -1.59
CA ARG E 133 -20.43 -59.87 -0.65
C ARG E 133 -19.82 -58.60 -1.24
N ILE E 134 -20.62 -57.54 -1.33
CA ILE E 134 -20.15 -56.28 -1.89
C ILE E 134 -19.00 -55.74 -1.04
N PRO E 135 -17.86 -55.44 -1.69
CA PRO E 135 -16.69 -54.98 -0.93
C PRO E 135 -17.04 -53.72 -0.13
N LYS E 136 -16.46 -53.58 1.06
CA LYS E 136 -16.86 -52.50 1.96
C LYS E 136 -16.15 -51.19 1.71
N ALA E 137 -14.94 -51.25 1.15
CA ALA E 137 -14.15 -50.04 0.98
C ALA E 137 -13.01 -50.25 -0.01
N SER E 138 -12.47 -49.16 -0.53
CA SER E 138 -11.28 -49.23 -1.38
C SER E 138 -10.26 -48.17 -1.01
N VAL E 139 -9.01 -48.49 -1.27
CA VAL E 139 -7.90 -47.57 -1.16
C VAL E 139 -7.31 -47.36 -2.56
N LEU E 140 -7.20 -46.11 -2.98
CA LEU E 140 -6.82 -45.80 -4.35
C LEU E 140 -5.68 -44.78 -4.38
N ARG E 141 -4.66 -45.02 -5.20
CA ARG E 141 -3.60 -44.02 -5.32
C ARG E 141 -3.18 -43.90 -6.78
N PRO E 142 -2.89 -42.67 -7.22
CA PRO E 142 -2.45 -42.49 -8.61
C PRO E 142 -1.00 -42.91 -8.83
N VAL E 143 -0.74 -43.44 -10.03
CA VAL E 143 0.60 -43.88 -10.44
C VAL E 143 1.04 -43.01 -11.61
N THR E 144 0.11 -42.78 -12.52
CA THR E 144 0.34 -41.95 -13.70
C THR E 144 -0.86 -41.06 -13.90
N LEU E 145 -0.62 -39.75 -14.09
CA LEU E 145 -1.71 -38.80 -14.24
C LEU E 145 -1.55 -37.93 -15.50
N PRO E 146 -2.67 -37.58 -16.13
CA PRO E 146 -2.66 -36.69 -17.29
C PRO E 146 -2.38 -35.25 -16.88
N SER E 147 -2.04 -34.40 -17.86
CA SER E 147 -1.67 -33.01 -17.58
C SER E 147 -2.88 -32.16 -17.19
N TYR E 148 -4.06 -32.61 -17.57
CA TYR E 148 -5.30 -31.97 -17.13
C TYR E 148 -6.39 -33.03 -17.05
N GLY E 149 -7.47 -32.70 -16.35
CA GLY E 149 -8.61 -33.60 -16.22
C GLY E 149 -8.35 -34.85 -15.41
N GLY E 150 -9.28 -35.80 -15.50
CA GLY E 150 -9.12 -37.09 -14.85
C GLY E 150 -9.50 -37.15 -13.38
N ALA E 151 -10.34 -36.22 -12.92
CA ALA E 151 -10.80 -36.26 -11.53
C ALA E 151 -11.67 -37.48 -11.27
N THR E 152 -11.74 -37.86 -9.99
CA THR E 152 -12.73 -38.83 -9.55
C THR E 152 -13.77 -38.07 -8.75
N THR E 153 -15.03 -38.38 -8.96
CA THR E 153 -16.05 -37.78 -8.13
C THR E 153 -16.85 -38.90 -7.44
N TRP E 154 -17.23 -38.65 -6.19
CA TRP E 154 -18.00 -39.58 -5.37
C TRP E 154 -19.34 -38.96 -4.95
N ALA E 155 -20.36 -39.78 -4.81
CA ALA E 155 -21.67 -39.33 -4.36
C ALA E 155 -22.07 -40.04 -3.10
N SER E 156 -22.67 -39.34 -2.14
CA SER E 156 -23.15 -40.01 -0.91
C SER E 156 -24.54 -40.64 -1.10
N THR E 157 -24.62 -41.96 -1.04
CA THR E 157 -25.91 -42.62 -1.16
C THR E 157 -26.66 -42.59 0.16
N VAL E 158 -25.97 -42.18 1.22
CA VAL E 158 -26.61 -41.92 2.52
C VAL E 158 -27.36 -40.60 2.46
N ALA E 159 -26.71 -39.55 1.97
CA ALA E 159 -27.35 -38.24 1.84
C ALA E 159 -28.56 -38.34 0.90
N ALA E 160 -28.41 -39.09 -0.19
CA ALA E 160 -29.49 -39.28 -1.15
C ALA E 160 -30.74 -39.90 -0.51
N TYR E 161 -30.54 -40.91 0.33
CA TYR E 161 -31.68 -41.50 1.06
C TYR E 161 -32.31 -40.50 2.02
N GLU E 162 -31.47 -39.77 2.76
CA GLU E 162 -31.94 -38.76 3.72
C GLU E 162 -32.84 -37.72 3.06
N GLN E 163 -32.53 -37.39 1.82
CA GLN E 163 -33.20 -36.30 1.12
C GLN E 163 -34.50 -36.72 0.44
N LEU E 164 -34.83 -38.00 0.50
CA LEU E 164 -36.08 -38.47 -0.10
C LEU E 164 -37.31 -37.98 0.67
N PRO E 165 -38.34 -37.51 -0.05
CA PRO E 165 -39.61 -37.25 0.63
C PRO E 165 -40.31 -38.58 0.99
N LYS E 166 -41.27 -38.52 1.90
CA LYS E 166 -41.93 -39.75 2.41
C LYS E 166 -42.37 -40.75 1.32
N PRO E 167 -43.11 -40.31 0.28
CA PRO E 167 -43.58 -41.30 -0.69
C PRO E 167 -42.46 -42.06 -1.41
N LEU E 168 -41.35 -41.39 -1.72
CA LEU E 168 -40.22 -42.05 -2.39
C LEU E 168 -39.44 -42.92 -1.41
N ARG E 169 -39.36 -42.50 -0.16
CA ARG E 169 -38.73 -43.34 0.86
C ARG E 169 -39.56 -44.63 1.02
N SER E 170 -40.88 -44.47 1.05
CA SER E 170 -41.76 -45.63 1.16
C SER E 170 -41.53 -46.57 -0.02
N LEU E 171 -41.35 -45.99 -1.21
CA LEU E 171 -41.05 -46.76 -2.40
C LEU E 171 -39.75 -47.57 -2.26
N VAL E 172 -38.63 -46.90 -1.99
CA VAL E 172 -37.35 -47.57 -2.04
C VAL E 172 -37.14 -48.55 -0.88
N ASP E 173 -37.78 -48.31 0.26
CA ASP E 173 -37.66 -49.24 1.39
C ASP E 173 -38.16 -50.63 0.99
N ASP E 174 -39.08 -50.69 0.03
CA ASP E 174 -39.67 -51.96 -0.41
C ASP E 174 -39.12 -52.47 -1.73
N LEU E 175 -38.20 -51.72 -2.33
CA LEU E 175 -37.74 -52.03 -3.69
C LEU E 175 -36.50 -52.93 -3.71
N TRP E 176 -36.49 -53.92 -4.58
CA TRP E 176 -35.32 -54.80 -4.74
C TRP E 176 -34.87 -54.76 -6.18
N ALA E 177 -33.59 -55.01 -6.41
CA ALA E 177 -33.03 -54.89 -7.75
C ALA E 177 -32.01 -56.00 -8.05
N THR E 178 -32.01 -56.47 -9.30
CA THR E 178 -31.02 -57.44 -9.72
C THR E 178 -29.79 -56.71 -10.27
N HIS E 179 -28.62 -57.04 -9.70
CA HIS E 179 -27.35 -56.53 -10.19
C HIS E 179 -26.63 -57.62 -10.99
N THR E 180 -25.96 -57.23 -12.08
CA THR E 180 -25.23 -58.21 -12.88
C THR E 180 -23.92 -57.62 -13.40
N ASN E 181 -22.95 -58.48 -13.71
CA ASN E 181 -21.70 -57.99 -14.27
C ASN E 181 -21.79 -57.81 -15.78
N LEU E 182 -22.89 -58.25 -16.38
CA LEU E 182 -23.07 -58.09 -17.82
C LEU E 182 -23.57 -56.69 -18.14
N ALA E 200 -12.62 -54.07 -25.37
CA ALA E 200 -13.29 -55.27 -25.84
C ALA E 200 -12.78 -56.51 -25.11
N ALA E 201 -11.46 -56.70 -25.10
CA ALA E 201 -10.83 -57.81 -24.40
C ALA E 201 -11.20 -57.79 -22.91
N TYR E 202 -11.21 -56.60 -22.33
CA TYR E 202 -11.54 -56.42 -20.92
C TYR E 202 -12.95 -56.87 -20.60
N TYR E 203 -13.90 -56.44 -21.44
CA TYR E 203 -15.31 -56.79 -21.23
C TYR E 203 -15.54 -58.30 -21.36
N THR E 204 -14.77 -58.94 -22.25
CA THR E 204 -14.86 -60.39 -22.43
C THR E 204 -14.44 -61.14 -21.15
N GLU E 205 -13.34 -60.71 -20.55
CA GLU E 205 -12.85 -61.31 -19.31
C GLU E 205 -13.75 -60.95 -18.11
N PHE E 206 -14.20 -59.70 -18.08
CA PHE E 206 -15.09 -59.22 -17.04
C PHE E 206 -16.37 -60.05 -16.99
N THR E 207 -16.80 -60.52 -18.15
CA THR E 207 -18.05 -61.28 -18.26
C THR E 207 -17.81 -62.76 -18.56
N SER E 208 -16.61 -63.25 -18.23
CA SER E 208 -16.26 -64.65 -18.47
C SER E 208 -17.11 -65.57 -17.61
N SER E 209 -17.55 -65.06 -16.46
CA SER E 209 -18.49 -65.77 -15.60
C SER E 209 -19.68 -64.87 -15.30
N ARG E 210 -20.87 -65.46 -15.15
CA ARG E 210 -22.08 -64.68 -15.02
C ARG E 210 -22.50 -64.54 -13.57
N TYR E 211 -22.69 -63.30 -13.12
CA TYR E 211 -23.17 -63.05 -11.76
C TYR E 211 -24.53 -62.35 -11.80
N GLU E 212 -25.47 -62.84 -11.00
CA GLU E 212 -26.72 -62.11 -10.79
C GLU E 212 -27.09 -62.19 -9.32
N THR E 213 -27.29 -61.04 -8.69
CA THR E 213 -27.62 -60.96 -7.27
C THR E 213 -28.77 -59.97 -7.06
N VAL E 214 -29.76 -60.36 -6.26
CA VAL E 214 -30.87 -59.47 -5.92
C VAL E 214 -30.57 -58.76 -4.61
N HIS E 215 -30.36 -57.46 -4.68
CA HIS E 215 -30.02 -56.63 -3.52
C HIS E 215 -31.19 -55.71 -3.17
N PRO E 216 -31.33 -55.35 -1.88
CA PRO E 216 -32.32 -54.29 -1.59
C PRO E 216 -31.82 -52.95 -2.13
N VAL E 217 -32.74 -52.10 -2.55
CA VAL E 217 -32.35 -50.76 -3.00
C VAL E 217 -32.00 -49.88 -1.80
N VAL E 218 -32.52 -50.21 -0.61
CA VAL E 218 -32.08 -49.55 0.62
C VAL E 218 -31.41 -50.57 1.51
N ARG E 219 -30.12 -50.37 1.81
CA ARG E 219 -29.40 -51.24 2.73
C ARG E 219 -29.12 -50.50 4.03
N VAL E 220 -29.00 -51.24 5.12
CA VAL E 220 -28.65 -50.66 6.41
C VAL E 220 -27.17 -50.93 6.67
N HIS E 221 -26.40 -49.86 6.77
CA HIS E 221 -24.94 -49.96 6.95
C HIS E 221 -24.67 -50.73 8.24
N PRO E 222 -23.87 -51.82 8.17
CA PRO E 222 -23.69 -52.70 9.34
C PRO E 222 -22.81 -52.10 10.45
N GLU E 223 -22.08 -51.03 10.15
CA GLU E 223 -21.19 -50.43 11.14
C GLU E 223 -21.67 -49.05 11.60
N THR E 224 -22.37 -48.31 10.75
CA THR E 224 -22.85 -46.99 11.13
C THR E 224 -24.36 -46.95 11.42
N GLY E 225 -25.08 -47.94 10.91
CA GLY E 225 -26.52 -47.98 11.03
C GLY E 225 -27.26 -47.06 10.06
N GLU E 226 -26.52 -46.28 9.27
CA GLU E 226 -27.17 -45.37 8.33
C GLU E 226 -27.80 -46.11 7.15
N ARG E 227 -28.96 -45.65 6.70
CA ARG E 227 -29.59 -46.24 5.51
C ARG E 227 -28.95 -45.65 4.26
N SER E 228 -28.71 -46.49 3.25
CA SER E 228 -28.01 -46.06 2.05
CA SER E 228 -28.07 -45.99 2.05
C SER E 228 -28.67 -46.63 0.80
N LEU E 229 -28.78 -45.81 -0.25
CA LEU E 229 -29.29 -46.34 -1.53
C LEU E 229 -28.24 -47.24 -2.18
N LEU E 230 -28.68 -48.41 -2.65
CA LEU E 230 -27.82 -49.37 -3.32
C LEU E 230 -28.32 -49.54 -4.74
N LEU E 231 -27.63 -48.88 -5.67
CA LEU E 231 -28.03 -48.87 -7.06
C LEU E 231 -26.80 -48.89 -7.96
N GLY E 232 -26.69 -47.95 -8.90
CA GLY E 232 -25.51 -47.89 -9.75
C GLY E 232 -25.62 -48.67 -11.06
N GLN E 233 -24.57 -48.60 -11.89
CA GLN E 233 -24.73 -49.05 -13.28
CA GLN E 233 -24.61 -49.07 -13.28
C GLN E 233 -24.78 -50.57 -13.43
N PHE E 234 -24.52 -51.33 -12.37
CA PHE E 234 -24.66 -52.77 -12.50
C PHE E 234 -26.12 -53.26 -12.38
N VAL E 235 -27.03 -52.36 -12.00
CA VAL E 235 -28.44 -52.73 -11.87
C VAL E 235 -29.06 -52.99 -13.23
N LYS E 236 -29.75 -54.13 -13.36
CA LYS E 236 -30.35 -54.56 -14.62
C LYS E 236 -31.88 -54.39 -14.62
N SER E 237 -32.50 -54.53 -13.45
CA SER E 237 -33.95 -54.54 -13.33
C SER E 237 -34.42 -54.32 -11.91
N PHE E 238 -35.68 -53.96 -11.75
CA PHE E 238 -36.30 -53.88 -10.44
C PHE E 238 -37.26 -55.04 -10.29
N GLN E 239 -37.20 -55.68 -9.13
CA GLN E 239 -38.09 -56.80 -8.84
C GLN E 239 -39.56 -56.39 -8.93
N ASP E 240 -40.34 -57.20 -9.63
CA ASP E 240 -41.80 -57.01 -9.80
C ASP E 240 -42.19 -55.80 -10.65
N LEU E 241 -41.21 -55.18 -11.30
CA LEU E 241 -41.53 -54.04 -12.17
C LEU E 241 -41.17 -54.35 -13.60
N PRO E 242 -42.03 -53.98 -14.54
CA PRO E 242 -41.78 -54.25 -15.96
C PRO E 242 -40.63 -53.40 -16.46
N SER E 243 -40.03 -53.83 -17.57
CA SER E 243 -38.88 -53.16 -18.15
CA SER E 243 -38.87 -53.15 -18.16
C SER E 243 -39.12 -51.69 -18.44
N ALA E 244 -40.31 -51.37 -18.93
CA ALA E 244 -40.63 -49.99 -19.30
C ALA E 244 -40.48 -49.04 -18.14
N GLU E 245 -40.82 -49.52 -16.94
CA GLU E 245 -40.77 -48.67 -15.75
C GLU E 245 -39.39 -48.60 -15.13
N PHE E 246 -38.55 -49.59 -15.46
CA PHE E 246 -37.21 -49.66 -14.88
C PHE E 246 -36.39 -48.43 -15.21
N ALA E 247 -36.35 -48.07 -16.48
CA ALA E 247 -35.50 -46.97 -16.92
C ALA E 247 -35.90 -45.65 -16.30
N SER E 248 -37.21 -45.40 -16.24
CA SER E 248 -37.69 -44.16 -15.66
C SER E 248 -37.36 -44.05 -14.16
N LEU E 249 -37.62 -45.11 -13.39
CA LEU E 249 -37.34 -45.08 -11.95
C LEU E 249 -35.84 -45.12 -11.65
N PHE E 250 -35.09 -45.89 -12.44
CA PHE E 250 -33.64 -45.93 -12.25
C PHE E 250 -33.02 -44.54 -12.47
N GLN E 251 -33.40 -43.90 -13.56
CA GLN E 251 -32.95 -42.54 -13.88
CA GLN E 251 -32.92 -42.53 -13.86
C GLN E 251 -33.28 -41.55 -12.75
N LEU E 252 -34.52 -41.64 -12.27
CA LEU E 252 -35.00 -40.73 -11.22
C LEU E 252 -34.15 -40.86 -9.96
N LEU E 253 -33.94 -42.11 -9.52
CA LEU E 253 -33.19 -42.35 -8.28
C LEU E 253 -31.71 -42.02 -8.45
N GLN E 254 -31.12 -42.38 -9.59
CA GLN E 254 -29.72 -42.03 -9.84
C GLN E 254 -29.52 -40.52 -9.87
N ALA E 255 -30.50 -39.79 -10.41
CA ALA E 255 -30.36 -38.33 -10.46
C ALA E 255 -30.33 -37.74 -9.03
N ARG E 256 -31.08 -38.34 -8.11
CA ARG E 256 -31.06 -37.90 -6.72
C ARG E 256 -29.74 -38.22 -6.04
N ILE E 257 -29.13 -39.34 -6.41
CA ILE E 257 -27.85 -39.74 -5.85
C ILE E 257 -26.73 -38.82 -6.34
N THR E 258 -26.73 -38.54 -7.64
CA THR E 258 -25.60 -37.84 -8.24
C THR E 258 -25.79 -36.33 -8.29
N LYS E 259 -26.87 -35.85 -7.68
CA LYS E 259 -27.08 -34.43 -7.49
C LYS E 259 -25.79 -33.77 -7.00
N LEU E 260 -25.40 -32.66 -7.62
CA LEU E 260 -24.07 -32.12 -7.39
C LEU E 260 -23.77 -31.85 -5.92
N GLU E 261 -24.78 -31.41 -5.17
CA GLU E 261 -24.66 -31.14 -3.73
C GLU E 261 -24.24 -32.37 -2.93
N ASN E 262 -24.51 -33.54 -3.48
CA ASN E 262 -24.15 -34.78 -2.80
C ASN E 262 -22.81 -35.35 -3.24
N THR E 263 -22.03 -34.57 -3.99
CA THR E 263 -20.79 -35.09 -4.58
C THR E 263 -19.54 -34.35 -4.17
N PHE E 264 -18.44 -35.10 -4.14
CA PHE E 264 -17.10 -34.62 -3.82
C PHE E 264 -16.25 -34.98 -5.01
N ARG E 265 -15.63 -33.98 -5.64
CA ARG E 265 -14.82 -34.22 -6.85
C ARG E 265 -13.37 -33.83 -6.59
N TRP E 266 -12.45 -34.79 -6.75
CA TRP E 266 -11.07 -34.58 -6.36
C TRP E 266 -10.15 -34.57 -7.56
N ASN E 267 -9.39 -33.48 -7.72
CA ASN E 267 -8.33 -33.41 -8.74
C ASN E 267 -7.10 -34.10 -8.21
N TRP E 268 -6.68 -35.19 -8.87
CA TRP E 268 -5.56 -36.00 -8.37
C TRP E 268 -4.21 -35.31 -8.53
N ARG E 269 -3.33 -35.49 -7.53
CA ARG E 269 -1.90 -35.15 -7.66
C ARG E 269 -1.10 -36.39 -7.24
N LEU E 270 0.12 -36.54 -7.76
CA LEU E 270 0.98 -37.63 -7.32
C LEU E 270 1.15 -37.51 -5.82
N GLY E 271 1.11 -38.64 -5.11
CA GLY E 271 1.21 -38.62 -3.67
C GLY E 271 -0.13 -38.68 -2.94
N ASP E 272 -1.23 -38.48 -3.67
CA ASP E 272 -2.56 -38.55 -3.08
C ASP E 272 -2.98 -39.99 -2.83
N VAL E 273 -3.83 -40.19 -1.84
CA VAL E 273 -4.47 -41.48 -1.59
C VAL E 273 -5.92 -41.19 -1.23
N ALA E 274 -6.86 -41.90 -1.85
CA ALA E 274 -8.25 -41.77 -1.41
C ALA E 274 -8.71 -43.09 -0.78
N ILE E 275 -9.56 -42.98 0.23
CA ILE E 275 -10.23 -44.13 0.81
C ILE E 275 -11.71 -43.83 0.83
N TRP E 276 -12.54 -44.74 0.32
CA TRP E 276 -13.97 -44.49 0.39
C TRP E 276 -14.74 -45.67 0.94
N ASP E 277 -15.89 -45.35 1.54
CA ASP E 277 -16.81 -46.34 2.05
C ASP E 277 -17.73 -46.80 0.91
N ASN E 278 -17.50 -48.00 0.41
CA ASN E 278 -18.27 -48.51 -0.73
C ASN E 278 -19.66 -48.99 -0.31
N ARG E 279 -19.99 -48.86 0.98
CA ARG E 279 -21.34 -49.14 1.45
C ARG E 279 -22.18 -47.88 1.49
N ALA E 280 -21.55 -46.74 1.23
CA ALA E 280 -22.25 -45.45 1.42
C ALA E 280 -22.03 -44.45 0.27
N THR E 281 -21.45 -44.93 -0.84
CA THR E 281 -21.11 -44.05 -1.96
C THR E 281 -21.31 -44.75 -3.31
N GLN E 282 -21.31 -43.94 -4.36
CA GLN E 282 -21.01 -44.38 -5.72
C GLN E 282 -19.85 -43.52 -6.17
N HIS E 283 -19.18 -43.89 -7.26
CA HIS E 283 -18.14 -43.01 -7.80
C HIS E 283 -18.09 -43.10 -9.33
N TYR E 284 -17.27 -42.23 -9.91
CA TYR E 284 -17.27 -42.00 -11.35
C TYR E 284 -15.90 -41.42 -11.69
N GLY E 285 -15.13 -42.07 -12.56
CA GLY E 285 -13.87 -41.50 -13.02
C GLY E 285 -14.12 -40.74 -14.32
N ILE E 286 -13.75 -39.47 -14.38
CA ILE E 286 -14.14 -38.63 -15.52
C ILE E 286 -13.14 -38.71 -16.67
N ALA E 287 -13.65 -39.03 -17.87
CA ALA E 287 -12.81 -39.22 -19.05
C ALA E 287 -12.68 -37.92 -19.84
N ASP E 288 -12.12 -36.89 -19.18
CA ASP E 288 -11.96 -35.57 -19.76
C ASP E 288 -10.48 -35.17 -19.91
N PHE E 289 -9.63 -36.14 -20.24
CA PHE E 289 -8.19 -35.89 -20.34
C PHE E 289 -7.64 -36.32 -21.71
N GLY E 290 -8.52 -36.41 -22.69
CA GLY E 290 -8.10 -36.80 -24.03
C GLY E 290 -7.52 -38.20 -24.03
N GLU E 291 -6.44 -38.37 -24.79
CA GLU E 291 -5.83 -39.67 -24.98
C GLU E 291 -4.67 -39.92 -24.04
N GLN E 292 -4.48 -39.03 -23.06
CA GLN E 292 -3.35 -39.17 -22.14
C GLN E 292 -3.49 -40.41 -21.27
N GLN E 293 -2.37 -40.86 -20.70
CA GLN E 293 -2.40 -42.03 -19.84
C GLN E 293 -2.82 -41.63 -18.42
N ARG E 294 -3.64 -42.49 -17.80
CA ARG E 294 -4.08 -42.31 -16.44
C ARG E 294 -4.13 -43.70 -15.79
N GLU E 295 -3.38 -43.89 -14.71
CA GLU E 295 -3.38 -45.18 -14.04
C GLU E 295 -3.40 -44.99 -12.54
N LEU E 296 -4.36 -45.62 -11.89
CA LEU E 296 -4.46 -45.60 -10.44
C LEU E 296 -4.56 -47.03 -9.97
N HIS E 297 -3.97 -47.30 -8.82
CA HIS E 297 -3.93 -48.65 -8.27
C HIS E 297 -4.84 -48.74 -7.08
N ARG E 298 -5.66 -49.79 -7.07
CA ARG E 298 -6.72 -49.97 -6.11
C ARG E 298 -6.52 -51.23 -5.28
N VAL E 299 -6.80 -51.12 -3.98
CA VAL E 299 -6.95 -52.28 -3.12
C VAL E 299 -8.35 -52.22 -2.57
N THR E 300 -9.10 -53.31 -2.70
CA THR E 300 -10.46 -53.36 -2.14
CA THR E 300 -10.45 -53.36 -2.18
C THR E 300 -10.54 -54.34 -1.00
N LEU E 301 -11.39 -54.02 -0.04
CA LEU E 301 -11.54 -54.83 1.18
C LEU E 301 -12.88 -55.56 1.25
N ALA E 302 -12.84 -56.81 1.73
CA ALA E 302 -14.02 -57.65 1.80
C ALA E 302 -15.15 -57.02 2.62
N GLY E 303 -16.40 -57.19 2.15
CA GLY E 303 -17.56 -56.69 2.85
C GLY E 303 -18.50 -57.81 3.27
N ASP E 304 -19.72 -57.46 3.65
CA ASP E 304 -20.73 -58.44 4.04
C ASP E 304 -21.91 -58.37 3.07
N VAL E 305 -22.90 -59.22 3.29
CA VAL E 305 -24.08 -59.24 2.45
C VAL E 305 -25.04 -58.15 2.91
N PRO E 306 -25.53 -57.32 1.97
CA PRO E 306 -26.48 -56.27 2.35
C PRO E 306 -27.73 -56.80 3.03
N VAL E 307 -28.31 -56.00 3.93
CA VAL E 307 -29.60 -56.29 4.53
C VAL E 307 -30.53 -55.11 4.33
N ASP E 308 -31.82 -55.38 4.15
CA ASP E 308 -32.80 -54.31 3.95
C ASP E 308 -33.22 -53.74 5.30
N VAL E 309 -34.19 -52.83 5.30
CA VAL E 309 -34.57 -52.19 6.55
C VAL E 309 -35.27 -53.16 7.51
N HIS E 310 -35.56 -54.37 7.06
CA HIS E 310 -36.17 -55.39 7.91
C HIS E 310 -35.18 -56.49 8.29
N GLY E 311 -33.94 -56.35 7.89
CA GLY E 311 -32.92 -57.34 8.21
C GLY E 311 -32.81 -58.52 7.25
N ARG E 312 -33.51 -58.45 6.13
CA ARG E 312 -33.47 -59.51 5.13
C ARG E 312 -32.27 -59.36 4.20
N ARG E 313 -31.53 -60.44 3.97
CA ARG E 313 -30.28 -60.36 3.19
C ARG E 313 -30.55 -60.50 1.69
N SER E 314 -29.60 -60.01 0.89
CA SER E 314 -29.61 -60.19 -0.56
C SER E 314 -29.66 -61.66 -0.94
N GLN E 315 -30.12 -61.95 -2.15
CA GLN E 315 -30.23 -63.33 -2.65
C GLN E 315 -29.44 -63.55 -3.93
N ILE E 316 -28.64 -64.62 -3.93
CA ILE E 316 -27.86 -64.99 -5.11
C ILE E 316 -28.73 -65.70 -6.13
N LEU E 317 -28.69 -65.23 -7.37
CA LEU E 317 -29.37 -65.93 -8.45
C LEU E 317 -28.38 -66.77 -9.26
N LEU E 318 -27.24 -66.17 -9.62
CA LEU E 318 -26.19 -66.85 -10.37
C LEU E 318 -24.82 -66.42 -9.87
N GLY E 319 -23.88 -67.36 -9.83
CA GLY E 319 -22.52 -67.01 -9.50
C GLY E 319 -22.10 -67.39 -8.10
N ASP E 320 -20.78 -67.46 -7.90
CA ASP E 320 -20.17 -67.79 -6.62
C ASP E 320 -18.96 -66.89 -6.44
N ALA E 321 -18.96 -66.06 -5.39
CA ALA E 321 -17.89 -65.10 -5.19
C ALA E 321 -16.93 -65.52 -4.08
N SER E 322 -17.00 -66.79 -3.66
CA SER E 322 -16.21 -67.26 -2.52
C SER E 322 -14.70 -67.21 -2.81
N HIS E 323 -14.35 -67.22 -4.09
CA HIS E 323 -12.94 -67.14 -4.49
C HIS E 323 -12.45 -65.70 -4.40
N TYR E 324 -13.39 -64.76 -4.49
CA TYR E 324 -13.08 -63.33 -4.54
C TYR E 324 -12.77 -62.80 -3.14
N SER E 325 -13.58 -63.22 -2.18
CA SER E 325 -13.40 -62.85 -0.79
C SER E 325 -14.26 -63.74 0.08
N GLY E 326 -14.02 -63.69 1.38
CA GLY E 326 -14.93 -64.30 2.33
C GLY E 326 -16.05 -63.30 2.64
N ILE E 327 -16.95 -63.68 3.52
CA ILE E 327 -17.99 -62.75 3.97
C ILE E 327 -17.51 -62.16 5.29
N GLU E 328 -17.30 -60.85 5.29
CA GLU E 328 -16.81 -60.18 6.48
CA GLU E 328 -16.80 -60.19 6.49
C GLU E 328 -17.85 -60.14 7.59
N THR E 329 -17.42 -60.38 8.82
CA THR E 329 -18.25 -60.17 9.98
C THR E 329 -17.98 -58.74 10.44
N PRO E 330 -18.99 -57.87 10.37
CA PRO E 330 -18.68 -56.47 10.67
C PRO E 330 -18.35 -56.26 12.14
N GLN E 331 -17.64 -55.17 12.40
CA GLN E 331 -17.15 -54.83 13.73
C GLN E 331 -17.66 -53.49 14.19
N ARG E 332 -18.03 -53.42 15.47
CA ARG E 332 -18.54 -52.18 16.03
C ARG E 332 -17.51 -51.06 15.97
N LEU E 333 -18.00 -49.89 15.57
CA LEU E 333 -17.19 -48.68 15.51
C LEU E 333 -17.12 -47.98 16.85
N GLU E 334 -15.90 -47.69 17.30
CA GLU E 334 -15.72 -47.01 18.57
C GLU E 334 -16.09 -45.53 18.39
N LEU E 335 -17.18 -45.09 19.03
CA LEU E 335 -17.63 -43.71 18.96
C LEU E 335 -17.10 -42.82 20.10
N PHE E 336 -16.61 -43.45 21.16
CA PHE E 336 -16.11 -42.72 22.33
C PHE E 336 -14.58 -42.75 22.43
N ALA E 337 -14.00 -41.74 23.09
CA ALA E 337 -12.55 -41.63 23.20
C ALA E 337 -12.00 -42.38 24.41
N THR F 24 -3.46 -23.81 -36.47
CA THR F 24 -3.42 -22.48 -35.90
C THR F 24 -3.16 -22.53 -34.40
N ASP F 25 -2.55 -23.61 -33.94
CA ASP F 25 -2.24 -23.76 -32.52
C ASP F 25 -0.89 -23.09 -32.26
N ASP F 26 -0.02 -23.11 -33.26
CA ASP F 26 1.25 -22.42 -33.15
C ASP F 26 0.97 -20.91 -33.06
N GLN F 27 0.04 -20.44 -33.88
CA GLN F 27 -0.37 -19.04 -33.86
C GLN F 27 -0.93 -18.66 -32.50
N THR F 28 -1.72 -19.55 -31.92
CA THR F 28 -2.34 -19.31 -30.62
C THR F 28 -1.29 -19.16 -29.53
N ARG F 29 -0.33 -20.07 -29.50
CA ARG F 29 0.74 -20.04 -28.50
C ARG F 29 1.59 -18.77 -28.61
N ARG F 30 1.79 -18.30 -29.83
CA ARG F 30 2.57 -17.09 -30.07
C ARG F 30 1.85 -15.86 -29.54
N ILE F 31 0.53 -15.85 -29.70
CA ILE F 31 -0.30 -14.75 -29.23
C ILE F 31 -0.24 -14.64 -27.71
N TYR F 32 -0.34 -15.80 -27.05
CA TYR F 32 -0.20 -15.88 -25.60
C TYR F 32 1.19 -15.41 -25.18
N ARG F 33 2.20 -15.93 -25.87
CA ARG F 33 3.60 -15.59 -25.55
C ARG F 33 3.85 -14.09 -25.64
N ASP F 34 3.42 -13.50 -26.74
CA ASP F 34 3.61 -12.07 -26.98
C ASP F 34 2.87 -11.21 -25.96
N ALA F 35 1.78 -11.73 -25.40
CA ALA F 35 1.01 -10.97 -24.42
C ALA F 35 1.51 -11.30 -23.01
N GLY F 36 2.53 -12.14 -22.94
CA GLY F 36 3.14 -12.50 -21.66
C GLY F 36 2.26 -13.30 -20.71
N ILE F 37 1.38 -14.13 -21.25
CA ILE F 37 0.56 -14.98 -20.41
C ILE F 37 0.76 -16.45 -20.76
N THR F 38 0.41 -17.32 -19.82
CA THR F 38 0.34 -18.74 -20.09
C THR F 38 -1.12 -19.17 -19.93
N VAL F 39 -1.55 -20.10 -20.76
CA VAL F 39 -2.92 -20.59 -20.69
C VAL F 39 -2.88 -22.12 -20.59
N GLU F 40 -3.20 -22.64 -19.41
CA GLU F 40 -3.13 -24.08 -19.19
CA GLU F 40 -3.12 -24.08 -19.14
C GLU F 40 -4.51 -24.72 -19.18
N LYS F 41 -4.72 -25.69 -20.07
CA LYS F 41 -5.99 -26.42 -20.11
C LYS F 41 -6.26 -27.13 -18.80
N LEU F 42 -7.52 -27.09 -18.35
CA LEU F 42 -7.89 -27.77 -17.10
C LEU F 42 -8.83 -28.94 -17.32
N GLY F 43 -9.34 -29.05 -18.55
CA GLY F 43 -10.21 -30.15 -18.92
C GLY F 43 -10.23 -30.24 -20.43
N GLU F 44 -10.59 -31.40 -20.96
CA GLU F 44 -10.56 -31.61 -22.41
C GLU F 44 -11.48 -30.64 -23.15
N HIS F 45 -12.68 -30.43 -22.64
CA HIS F 45 -13.68 -29.64 -23.36
C HIS F 45 -13.88 -28.23 -22.83
N ILE F 46 -13.37 -27.97 -21.63
CA ILE F 46 -13.70 -26.72 -20.96
C ILE F 46 -12.77 -26.43 -19.81
N GLY F 47 -12.44 -25.15 -19.64
CA GLY F 47 -11.69 -24.70 -18.48
C GLY F 47 -10.21 -24.51 -18.74
N ALA F 48 -9.69 -23.33 -18.36
CA ALA F 48 -8.25 -23.06 -18.46
C ALA F 48 -7.83 -22.03 -17.42
N ARG F 49 -6.61 -22.19 -16.91
CA ARG F 49 -6.03 -21.24 -15.96
CA ARG F 49 -6.03 -21.25 -15.97
C ARG F 49 -5.06 -20.33 -16.69
N VAL F 50 -5.24 -19.03 -16.48
CA VAL F 50 -4.36 -18.04 -17.08
C VAL F 50 -3.43 -17.45 -16.02
N ASN F 51 -2.14 -17.41 -16.31
CA ASN F 51 -1.17 -16.80 -15.42
C ASN F 51 -0.35 -15.75 -16.16
N GLY F 52 0.27 -14.85 -15.41
CA GLY F 52 1.14 -13.86 -15.99
C GLY F 52 0.50 -12.50 -16.20
N ILE F 53 -0.71 -12.31 -15.66
CA ILE F 53 -1.40 -11.05 -15.88
C ILE F 53 -2.27 -10.62 -14.67
N GLU F 54 -2.19 -9.34 -14.34
CA GLU F 54 -3.06 -8.76 -13.33
C GLU F 54 -4.22 -8.02 -13.98
N LEU F 55 -5.44 -8.47 -13.71
CA LEU F 55 -6.62 -7.90 -14.35
C LEU F 55 -6.90 -6.47 -13.89
N ARG F 56 -6.74 -5.52 -14.81
CA ARG F 56 -7.03 -4.11 -14.55
C ARG F 56 -7.62 -3.42 -15.77
N GLY F 57 -8.19 -2.24 -15.56
CA GLY F 57 -8.83 -1.48 -16.62
C GLY F 57 -7.88 -0.86 -17.63
N ASP F 58 -6.58 -0.93 -17.36
CA ASP F 58 -5.62 -0.30 -18.26
C ASP F 58 -4.75 -1.33 -19.00
N LEU F 59 -5.24 -2.56 -19.10
CA LEU F 59 -4.53 -3.58 -19.88
C LEU F 59 -4.36 -3.14 -21.34
N SER F 60 -3.20 -3.45 -21.92
CA SER F 60 -2.98 -3.11 -23.31
C SER F 60 -3.87 -3.95 -24.21
N ALA F 61 -4.12 -3.45 -25.42
CA ALA F 61 -5.07 -4.09 -26.32
C ALA F 61 -4.65 -5.51 -26.68
N ASP F 62 -3.35 -5.75 -26.85
CA ASP F 62 -2.88 -7.08 -27.24
C ASP F 62 -3.15 -8.12 -26.15
N ARG F 63 -3.03 -7.73 -24.88
CA ARG F 63 -3.28 -8.65 -23.78
C ARG F 63 -4.77 -8.93 -23.67
N VAL F 64 -5.59 -7.91 -23.90
CA VAL F 64 -7.03 -8.11 -23.91
C VAL F 64 -7.43 -9.08 -25.02
N GLU F 65 -6.84 -8.91 -26.20
CA GLU F 65 -7.17 -9.77 -27.33
C GLU F 65 -6.72 -11.21 -27.08
N ALA F 66 -5.63 -11.38 -26.33
CA ALA F 66 -5.17 -12.70 -25.94
C ALA F 66 -6.17 -13.36 -24.99
N ILE F 67 -6.71 -12.57 -24.07
CA ILE F 67 -7.72 -13.07 -23.15
C ILE F 67 -8.96 -13.46 -23.95
N ARG F 68 -9.35 -12.62 -24.90
CA ARG F 68 -10.52 -12.89 -25.73
CA ARG F 68 -10.52 -12.90 -25.73
C ARG F 68 -10.37 -14.22 -26.45
N LEU F 69 -9.18 -14.46 -27.01
CA LEU F 69 -8.92 -15.70 -27.73
C LEU F 69 -8.94 -16.93 -26.80
N ALA F 70 -8.29 -16.85 -25.65
CA ALA F 70 -8.25 -17.96 -24.70
C ALA F 70 -9.66 -18.32 -24.23
N LEU F 71 -10.49 -17.29 -24.05
CA LEU F 71 -11.86 -17.51 -23.63
C LEU F 71 -12.69 -18.22 -24.71
N ALA F 72 -12.54 -17.78 -25.95
CA ALA F 72 -13.26 -18.37 -27.07
C ALA F 72 -12.93 -19.84 -27.17
N ILE F 73 -11.66 -20.16 -27.01
CA ILE F 73 -11.19 -21.52 -27.15
C ILE F 73 -11.59 -22.37 -25.96
N ASN F 74 -11.43 -21.84 -24.74
CA ASN F 74 -11.53 -22.67 -23.54
C ASN F 74 -12.83 -22.54 -22.75
N LYS F 75 -13.65 -21.57 -23.17
CA LYS F 75 -15.03 -21.34 -22.66
C LYS F 75 -15.11 -20.76 -21.25
N VAL F 76 -14.21 -21.21 -20.36
CA VAL F 76 -14.09 -20.66 -19.02
C VAL F 76 -12.62 -20.45 -18.68
N LEU F 77 -12.29 -19.26 -18.19
CA LEU F 77 -10.95 -18.93 -17.72
C LEU F 77 -10.95 -18.64 -16.23
N VAL F 78 -9.93 -19.10 -15.52
CA VAL F 78 -9.77 -18.69 -14.13
C VAL F 78 -8.42 -18.02 -13.96
N PHE F 79 -8.42 -16.97 -13.16
CA PHE F 79 -7.24 -16.21 -12.81
C PHE F 79 -7.11 -16.29 -11.30
N THR F 80 -5.88 -16.29 -10.79
CA THR F 80 -5.68 -16.35 -9.36
C THR F 80 -4.79 -15.23 -8.87
N GLU F 81 -4.81 -15.04 -7.55
CA GLU F 81 -3.97 -14.02 -6.89
C GLU F 81 -4.29 -12.62 -7.40
N GLN F 82 -5.55 -12.38 -7.74
CA GLN F 82 -5.98 -11.04 -8.15
C GLN F 82 -6.49 -10.25 -6.95
N HIS F 83 -5.65 -10.11 -5.92
CA HIS F 83 -6.08 -9.50 -4.66
C HIS F 83 -6.28 -8.00 -4.72
N HIS F 84 -5.82 -7.37 -5.81
CA HIS F 84 -5.96 -5.93 -6.01
C HIS F 84 -7.38 -5.51 -6.43
N LEU F 85 -8.17 -6.46 -6.90
CA LEU F 85 -9.48 -6.12 -7.48
C LEU F 85 -10.56 -5.84 -6.43
N ASP F 86 -11.27 -4.72 -6.62
CA ASP F 86 -12.54 -4.47 -5.92
C ASP F 86 -13.64 -4.32 -6.97
N ASP F 87 -14.84 -3.91 -6.57
CA ASP F 87 -15.94 -3.77 -7.52
C ASP F 87 -15.62 -2.83 -8.70
N ALA F 88 -15.04 -1.67 -8.39
CA ALA F 88 -14.67 -0.71 -9.42
C ALA F 88 -13.62 -1.27 -10.37
N GLY F 89 -12.62 -1.96 -9.82
CA GLY F 89 -11.57 -2.52 -10.64
C GLY F 89 -12.06 -3.64 -11.54
N GLN F 90 -12.97 -4.45 -11.01
CA GLN F 90 -13.54 -5.55 -11.77
C GLN F 90 -14.37 -5.01 -12.93
N TYR F 91 -15.13 -3.95 -12.66
CA TYR F 91 -15.93 -3.28 -13.67
C TYR F 91 -15.04 -2.67 -14.77
N ALA F 92 -13.97 -2.00 -14.36
CA ALA F 92 -13.05 -1.36 -15.31
C ALA F 92 -12.40 -2.38 -16.25
N PHE F 93 -12.02 -3.54 -15.68
CA PHE F 93 -11.46 -4.58 -16.52
C PHE F 93 -12.50 -5.13 -17.49
N ALA F 94 -13.69 -5.40 -16.98
CA ALA F 94 -14.76 -6.01 -17.78
C ALA F 94 -15.11 -5.15 -19.00
N ARG F 95 -15.07 -3.83 -18.82
CA ARG F 95 -15.35 -2.86 -19.89
C ARG F 95 -14.44 -3.03 -21.09
N LEU F 96 -13.29 -3.66 -20.87
CA LEU F 96 -12.35 -3.91 -21.95
C LEU F 96 -12.84 -5.02 -22.86
N LEU F 97 -13.72 -5.87 -22.35
CA LEU F 97 -14.21 -7.03 -23.10
C LEU F 97 -15.55 -6.82 -23.76
N GLY F 98 -16.27 -5.79 -23.31
CA GLY F 98 -17.59 -5.50 -23.84
C GLY F 98 -18.29 -4.40 -23.07
N GLU F 99 -19.57 -4.19 -23.37
CA GLU F 99 -20.34 -3.16 -22.70
C GLU F 99 -21.14 -3.79 -21.56
N PRO F 100 -20.80 -3.43 -20.30
CA PRO F 100 -21.48 -4.00 -19.15
C PRO F 100 -22.96 -3.72 -19.18
N THR F 101 -23.76 -4.73 -18.89
CA THR F 101 -25.19 -4.54 -18.76
C THR F 101 -25.46 -4.02 -17.35
N LEU F 102 -26.71 -3.67 -17.07
CA LEU F 102 -27.16 -3.49 -15.70
C LEU F 102 -26.98 -4.82 -14.98
N PRO F 103 -26.91 -4.79 -13.63
CA PRO F 103 -26.74 -6.03 -12.86
C PRO F 103 -27.76 -7.12 -13.24
N HIS F 104 -29.01 -6.74 -13.50
CA HIS F 104 -30.06 -7.71 -13.81
C HIS F 104 -31.26 -7.03 -14.47
N PRO F 105 -32.00 -7.75 -15.34
CA PRO F 105 -33.16 -7.13 -15.99
C PRO F 105 -34.28 -6.76 -15.03
N THR F 106 -34.44 -7.53 -13.96
CA THR F 106 -35.55 -7.30 -13.05
C THR F 106 -35.15 -7.12 -11.59
N VAL F 107 -34.06 -7.74 -11.17
CA VAL F 107 -33.60 -7.65 -9.78
C VAL F 107 -32.86 -6.35 -9.53
N ARG F 108 -33.37 -5.54 -8.59
CA ARG F 108 -32.79 -4.23 -8.33
C ARG F 108 -32.18 -4.11 -6.92
N SER F 109 -32.58 -4.99 -6.00
CA SER F 109 -32.17 -4.87 -4.59
C SER F 109 -30.87 -5.59 -4.25
N HIS F 110 -30.19 -6.16 -5.25
CA HIS F 110 -28.98 -6.92 -4.95
C HIS F 110 -27.77 -6.44 -5.73
N GLY F 111 -27.58 -5.13 -5.73
CA GLY F 111 -26.45 -4.49 -6.37
C GLY F 111 -26.89 -3.47 -7.39
N THR F 112 -26.13 -2.38 -7.48
CA THR F 112 -26.42 -1.30 -8.43
C THR F 112 -25.34 -1.23 -9.52
N GLU F 113 -24.13 -1.63 -9.20
CA GLU F 113 -23.07 -1.64 -10.21
C GLU F 113 -22.76 -3.04 -10.65
N LEU F 114 -22.64 -3.94 -9.67
CA LEU F 114 -22.43 -5.36 -9.90
C LEU F 114 -23.62 -6.11 -9.32
N LEU F 115 -23.82 -7.34 -9.80
CA LEU F 115 -24.84 -8.20 -9.21
C LEU F 115 -24.21 -8.95 -8.05
N ASN F 116 -24.74 -8.72 -6.85
CA ASN F 116 -24.22 -9.36 -5.64
C ASN F 116 -24.95 -10.66 -5.36
N LEU F 117 -24.36 -11.76 -5.85
CA LEU F 117 -24.96 -13.08 -5.69
C LEU F 117 -24.71 -13.65 -4.30
N GLU F 118 -25.79 -14.04 -3.62
CA GLU F 118 -25.69 -14.67 -2.31
C GLU F 118 -26.15 -16.11 -2.37
N GLY F 119 -25.57 -16.97 -1.53
CA GLY F 119 -25.94 -18.37 -1.54
C GLY F 119 -25.36 -19.10 -2.74
N ALA F 120 -26.17 -19.98 -3.33
CA ALA F 120 -25.74 -20.73 -4.49
C ALA F 120 -26.83 -20.79 -5.55
N ALA F 121 -26.44 -20.55 -6.80
CA ALA F 121 -27.34 -20.66 -7.93
C ALA F 121 -27.38 -22.12 -8.39
N ASN F 122 -27.96 -22.98 -7.55
CA ASN F 122 -27.94 -24.42 -7.80
C ASN F 122 -29.04 -24.94 -8.74
N GLY F 123 -28.94 -24.52 -9.99
CA GLY F 123 -29.78 -25.04 -11.06
C GLY F 123 -28.98 -24.77 -12.32
N TRP F 124 -28.93 -25.72 -13.24
CA TRP F 124 -28.16 -25.51 -14.47
C TRP F 124 -28.82 -24.46 -15.36
N HIS F 125 -28.08 -23.40 -15.67
CA HIS F 125 -28.63 -22.35 -16.48
C HIS F 125 -27.55 -21.63 -17.26
N THR F 126 -28.00 -21.02 -18.33
CA THR F 126 -27.25 -20.00 -19.03
C THR F 126 -27.81 -18.68 -18.53
N ASP F 127 -26.96 -17.69 -18.29
CA ASP F 127 -27.42 -16.44 -17.67
C ASP F 127 -28.40 -15.68 -18.54
N VAL F 128 -29.51 -15.26 -17.93
CA VAL F 128 -30.50 -14.36 -18.51
C VAL F 128 -30.91 -14.75 -19.95
N THR F 129 -31.32 -16.00 -20.15
CA THR F 129 -31.71 -16.40 -21.50
C THR F 129 -33.15 -16.02 -21.82
N PHE F 130 -33.86 -15.40 -20.88
CA PHE F 130 -35.27 -15.06 -21.15
C PHE F 130 -35.46 -13.73 -21.89
N VAL F 131 -34.36 -13.01 -22.16
CA VAL F 131 -34.41 -11.80 -23.01
C VAL F 131 -33.89 -12.11 -24.40
N ASP F 132 -34.07 -11.16 -25.31
CA ASP F 132 -33.55 -11.35 -26.67
C ASP F 132 -32.03 -11.26 -26.65
N ARG F 133 -31.50 -10.28 -25.94
CA ARG F 133 -30.07 -10.00 -25.93
C ARG F 133 -29.37 -10.76 -24.81
N ILE F 134 -29.25 -12.08 -24.97
CA ILE F 134 -28.59 -12.90 -23.97
C ILE F 134 -27.15 -12.42 -23.82
N PRO F 135 -26.74 -12.12 -22.58
CA PRO F 135 -25.38 -11.60 -22.38
C PRO F 135 -24.33 -12.56 -22.90
N LYS F 136 -23.25 -12.02 -23.46
CA LYS F 136 -22.25 -12.87 -24.11
C LYS F 136 -21.27 -13.47 -23.10
N ALA F 137 -21.08 -12.79 -21.96
CA ALA F 137 -20.06 -13.23 -21.02
C ALA F 137 -20.25 -12.63 -19.63
N SER F 138 -19.64 -13.26 -18.64
CA SER F 138 -19.63 -12.74 -17.27
C SER F 138 -18.23 -12.81 -16.67
N VAL F 139 -17.96 -11.85 -15.81
CA VAL F 139 -16.74 -11.82 -15.00
C VAL F 139 -17.20 -11.91 -13.56
N LEU F 140 -16.66 -12.88 -12.83
CA LEU F 140 -17.11 -13.20 -11.49
C LEU F 140 -15.94 -13.26 -10.52
N ARG F 141 -16.08 -12.66 -9.35
CA ARG F 141 -15.05 -12.78 -8.32
C ARG F 141 -15.68 -13.02 -6.96
N PRO F 142 -15.04 -13.86 -6.13
CA PRO F 142 -15.62 -14.13 -4.82
C PRO F 142 -15.36 -13.00 -3.83
N VAL F 143 -16.33 -12.77 -2.95
CA VAL F 143 -16.20 -11.75 -1.93
C VAL F 143 -16.22 -12.40 -0.54
N THR F 144 -17.08 -13.39 -0.37
CA THR F 144 -17.19 -14.12 0.88
C THR F 144 -17.32 -15.60 0.59
N LEU F 145 -16.51 -16.44 1.22
CA LEU F 145 -16.56 -17.87 0.90
C LEU F 145 -16.73 -18.75 2.14
N PRO F 146 -17.49 -19.85 2.01
CA PRO F 146 -17.63 -20.79 3.13
C PRO F 146 -16.33 -21.57 3.37
N SER F 147 -16.19 -22.22 4.52
CA SER F 147 -14.95 -22.94 4.86
C SER F 147 -14.77 -24.22 4.04
N TYR F 148 -15.86 -24.73 3.45
CA TYR F 148 -15.79 -25.85 2.52
C TYR F 148 -16.94 -25.73 1.53
N GLY F 149 -16.86 -26.47 0.43
CA GLY F 149 -17.91 -26.52 -0.57
C GLY F 149 -18.05 -25.21 -1.34
N GLY F 150 -19.14 -25.09 -2.08
CA GLY F 150 -19.45 -23.84 -2.75
C GLY F 150 -18.74 -23.66 -4.08
N ALA F 151 -18.32 -24.77 -4.69
CA ALA F 151 -17.70 -24.67 -6.02
C ALA F 151 -18.71 -24.20 -7.04
N THR F 152 -18.21 -23.64 -8.14
CA THR F 152 -19.02 -23.39 -9.32
C THR F 152 -18.60 -24.42 -10.38
N THR F 153 -19.57 -24.99 -11.08
CA THR F 153 -19.23 -25.89 -12.17
C THR F 153 -19.90 -25.37 -13.45
N TRP F 154 -19.17 -25.47 -14.56
CA TRP F 154 -19.61 -25.02 -15.87
C TRP F 154 -19.66 -26.21 -16.82
N ALA F 155 -20.61 -26.19 -17.77
CA ALA F 155 -20.69 -27.23 -18.78
C ALA F 155 -20.54 -26.61 -20.16
N SER F 156 -19.84 -27.29 -21.07
CA SER F 156 -19.72 -26.79 -22.45
C SER F 156 -20.90 -27.22 -23.30
N THR F 157 -21.72 -26.25 -23.73
CA THR F 157 -22.86 -26.56 -24.58
C THR F 157 -22.41 -26.74 -26.02
N VAL F 158 -21.17 -26.32 -26.28
CA VAL F 158 -20.56 -26.56 -27.57
C VAL F 158 -20.20 -28.05 -27.67
N ALA F 159 -19.56 -28.61 -26.64
CA ALA F 159 -19.23 -30.04 -26.63
C ALA F 159 -20.48 -30.90 -26.66
N ALA F 160 -21.52 -30.51 -25.94
CA ALA F 160 -22.77 -31.27 -25.99
C ALA F 160 -23.32 -31.36 -27.43
N TYR F 161 -23.28 -30.26 -28.18
CA TYR F 161 -23.74 -30.32 -29.57
C TYR F 161 -22.87 -31.22 -30.44
N GLU F 162 -21.54 -31.11 -30.28
CA GLU F 162 -20.57 -31.95 -31.02
C GLU F 162 -20.83 -33.44 -30.81
N GLN F 163 -21.25 -33.80 -29.60
CA GLN F 163 -21.38 -35.20 -29.20
C GLN F 163 -22.74 -35.82 -29.57
N LEU F 164 -23.65 -35.04 -30.16
CA LEU F 164 -24.94 -35.58 -30.59
C LEU F 164 -24.79 -36.56 -31.76
N PRO F 165 -25.52 -37.68 -31.71
CA PRO F 165 -25.57 -38.53 -32.90
C PRO F 165 -26.49 -37.87 -33.92
N LYS F 166 -26.39 -38.29 -35.17
CA LYS F 166 -27.14 -37.69 -36.28
C LYS F 166 -28.65 -37.43 -36.02
N PRO F 167 -29.40 -38.44 -35.55
CA PRO F 167 -30.84 -38.18 -35.41
C PRO F 167 -31.16 -37.10 -34.38
N LEU F 168 -30.40 -37.05 -33.28
CA LEU F 168 -30.64 -36.03 -32.26
C LEU F 168 -30.16 -34.66 -32.73
N ARG F 169 -29.09 -34.62 -33.51
CA ARG F 169 -28.67 -33.35 -34.08
C ARG F 169 -29.75 -32.80 -35.04
N SER F 170 -30.33 -33.67 -35.85
CA SER F 170 -31.41 -33.26 -36.75
C SER F 170 -32.59 -32.69 -35.98
N LEU F 171 -32.89 -33.33 -34.86
CA LEU F 171 -33.95 -32.86 -33.96
C LEU F 171 -33.66 -31.44 -33.49
N VAL F 172 -32.50 -31.24 -32.86
CA VAL F 172 -32.28 -29.95 -32.21
C VAL F 172 -32.05 -28.82 -33.20
N ASP F 173 -31.52 -29.10 -34.39
CA ASP F 173 -31.33 -28.05 -35.40
C ASP F 173 -32.66 -27.40 -35.76
N ASP F 174 -33.75 -28.14 -35.61
CA ASP F 174 -35.07 -27.61 -35.99
C ASP F 174 -35.93 -27.20 -34.79
N LEU F 175 -35.39 -27.34 -33.59
CA LEU F 175 -36.16 -27.19 -32.35
C LEU F 175 -36.07 -25.76 -31.83
N TRP F 176 -37.19 -25.22 -31.36
CA TRP F 176 -37.21 -23.90 -30.75
C TRP F 176 -37.82 -24.00 -29.37
N ALA F 177 -37.45 -23.09 -28.47
CA ALA F 177 -37.92 -23.14 -27.09
C ALA F 177 -38.29 -21.76 -26.55
N THR F 178 -39.34 -21.71 -25.74
CA THR F 178 -39.70 -20.47 -25.08
C THR F 178 -38.98 -20.40 -23.73
N HIS F 179 -38.21 -19.33 -23.53
CA HIS F 179 -37.53 -19.06 -22.26
C HIS F 179 -38.30 -17.98 -21.51
N THR F 180 -38.39 -18.12 -20.19
CA THR F 180 -39.10 -17.14 -19.39
C THR F 180 -38.41 -16.90 -18.07
N ASN F 181 -38.64 -15.73 -17.47
CA ASN F 181 -38.05 -15.45 -16.18
C ASN F 181 -38.91 -16.03 -15.05
N LEU F 182 -40.09 -16.52 -15.39
CA LEU F 182 -40.95 -17.18 -14.39
C LEU F 182 -40.55 -18.64 -14.26
N TYR F 183 -39.37 -18.89 -13.69
CA TYR F 183 -38.81 -20.25 -13.55
C TYR F 183 -39.30 -20.99 -12.32
N ASP F 184 -38.85 -22.24 -12.17
CA ASP F 184 -39.25 -23.07 -11.03
C ASP F 184 -38.04 -23.45 -10.18
N ALA F 190 -34.86 -22.72 3.39
CA ALA F 190 -33.48 -22.24 3.50
C ALA F 190 -32.52 -23.07 2.65
N SER F 191 -31.57 -22.40 2.00
CA SER F 191 -30.61 -23.08 1.14
C SER F 191 -29.41 -22.17 0.86
N GLY F 192 -28.21 -22.73 0.97
CA GLY F 192 -26.99 -21.99 0.71
C GLY F 192 -26.78 -20.83 1.67
N GLY F 193 -27.30 -20.95 2.88
CA GLY F 193 -27.11 -19.93 3.89
C GLY F 193 -28.08 -18.77 3.77
N VAL F 194 -28.97 -18.83 2.78
CA VAL F 194 -29.98 -17.79 2.60
C VAL F 194 -31.34 -18.34 3.05
N SER F 195 -32.03 -17.58 3.89
CA SER F 195 -33.31 -17.99 4.44
C SER F 195 -34.38 -18.15 3.36
N ALA F 196 -35.42 -18.92 3.68
CA ALA F 196 -36.57 -19.08 2.78
C ALA F 196 -37.24 -17.74 2.54
N GLU F 197 -37.19 -16.86 3.54
CA GLU F 197 -37.79 -15.53 3.46
C GLU F 197 -37.14 -14.66 2.39
N ARG F 198 -35.80 -14.59 2.40
CA ARG F 198 -35.10 -13.75 1.43
C ARG F 198 -35.20 -14.33 0.02
N ARG F 199 -35.29 -15.66 -0.06
CA ARG F 199 -35.43 -16.33 -1.35
C ARG F 199 -36.79 -16.01 -1.98
N ALA F 200 -37.81 -15.88 -1.13
CA ALA F 200 -39.15 -15.52 -1.58
C ALA F 200 -39.19 -14.10 -2.16
N ALA F 201 -38.70 -13.14 -1.39
CA ALA F 201 -38.65 -11.74 -1.82
C ALA F 201 -37.87 -11.58 -3.12
N TYR F 202 -36.78 -12.33 -3.24
CA TYR F 202 -35.95 -12.31 -4.45
C TYR F 202 -36.74 -12.79 -5.66
N TYR F 203 -37.46 -13.90 -5.50
CA TYR F 203 -38.22 -14.44 -6.61
C TYR F 203 -39.33 -13.47 -7.03
N THR F 204 -39.90 -12.77 -6.04
CA THR F 204 -40.94 -11.78 -6.31
C THR F 204 -40.39 -10.66 -7.19
N GLU F 205 -39.21 -10.18 -6.83
CA GLU F 205 -38.54 -9.13 -7.56
C GLU F 205 -38.05 -9.64 -8.92
N PHE F 206 -37.56 -10.86 -8.94
CA PHE F 206 -37.09 -11.50 -10.17
C PHE F 206 -38.21 -11.59 -11.22
N THR F 207 -39.43 -11.79 -10.74
CA THR F 207 -40.59 -11.99 -11.61
C THR F 207 -41.55 -10.81 -11.60
N SER F 208 -41.05 -9.63 -11.22
CA SER F 208 -41.90 -8.45 -11.10
C SER F 208 -42.48 -8.01 -12.45
N SER F 209 -41.72 -8.24 -13.52
CA SER F 209 -42.23 -8.05 -14.88
C SER F 209 -41.91 -9.30 -15.71
N ARG F 210 -42.78 -9.62 -16.67
CA ARG F 210 -42.70 -10.89 -17.37
C ARG F 210 -41.99 -10.86 -18.72
N TYR F 211 -41.03 -11.76 -18.90
CA TYR F 211 -40.30 -11.90 -20.16
C TYR F 211 -40.56 -13.27 -20.80
N GLU F 212 -40.83 -13.29 -22.09
CA GLU F 212 -40.89 -14.54 -22.85
C GLU F 212 -40.21 -14.34 -24.18
N THR F 213 -39.24 -15.20 -24.47
CA THR F 213 -38.49 -15.13 -25.72
C THR F 213 -38.38 -16.52 -26.31
N VAL F 214 -38.64 -16.64 -27.61
CA VAL F 214 -38.49 -17.91 -28.29
C VAL F 214 -37.11 -17.95 -28.93
N HIS F 215 -36.26 -18.83 -28.42
CA HIS F 215 -34.89 -19.00 -28.89
C HIS F 215 -34.71 -20.33 -29.63
N PRO F 216 -33.78 -20.38 -30.60
CA PRO F 216 -33.44 -21.69 -31.17
C PRO F 216 -32.70 -22.54 -30.13
N VAL F 217 -32.91 -23.85 -30.16
CA VAL F 217 -32.20 -24.74 -29.25
C VAL F 217 -30.75 -24.89 -29.70
N VAL F 218 -30.49 -24.65 -30.99
CA VAL F 218 -29.11 -24.58 -31.47
C VAL F 218 -28.83 -23.18 -31.97
N ARG F 219 -27.86 -22.50 -31.36
CA ARG F 219 -27.44 -21.21 -31.88
C ARG F 219 -26.04 -21.31 -32.49
N VAL F 220 -25.75 -20.41 -33.42
CA VAL F 220 -24.44 -20.29 -34.03
C VAL F 220 -23.68 -19.13 -33.42
N HIS F 221 -22.56 -19.43 -32.77
CA HIS F 221 -21.76 -18.43 -32.08
C HIS F 221 -21.26 -17.40 -33.08
N PRO F 222 -21.55 -16.10 -32.85
CA PRO F 222 -21.21 -15.09 -33.86
C PRO F 222 -19.72 -14.76 -33.97
N GLU F 223 -18.91 -15.19 -33.01
CA GLU F 223 -17.50 -14.86 -33.05
C GLU F 223 -16.66 -16.09 -33.35
N THR F 224 -17.13 -17.27 -32.96
CA THR F 224 -16.36 -18.48 -33.23
C THR F 224 -16.96 -19.34 -34.34
N GLY F 225 -18.24 -19.16 -34.63
CA GLY F 225 -18.91 -20.01 -35.61
C GLY F 225 -19.31 -21.40 -35.10
N GLU F 226 -18.95 -21.73 -33.86
CA GLU F 226 -19.30 -23.03 -33.31
C GLU F 226 -20.79 -23.09 -32.97
N ARG F 227 -21.42 -24.23 -33.19
CA ARG F 227 -22.81 -24.43 -32.77
C ARG F 227 -22.91 -24.85 -31.31
N SER F 228 -23.90 -24.32 -30.60
CA SER F 228 -24.06 -24.66 -29.19
CA SER F 228 -24.06 -24.59 -29.17
C SER F 228 -25.51 -24.78 -28.79
N LEU F 229 -25.78 -25.69 -27.87
CA LEU F 229 -27.13 -25.88 -27.34
C LEU F 229 -27.51 -24.72 -26.42
N LEU F 230 -28.71 -24.20 -26.64
CA LEU F 230 -29.26 -23.10 -25.85
C LEU F 230 -30.50 -23.65 -25.13
N LEU F 231 -30.34 -23.96 -23.85
CA LEU F 231 -31.43 -24.54 -23.06
C LEU F 231 -31.35 -23.98 -21.65
N GLY F 232 -31.29 -24.84 -20.64
CA GLY F 232 -31.15 -24.35 -19.27
C GLY F 232 -32.46 -24.13 -18.54
N GLN F 233 -32.37 -23.72 -17.27
CA GLN F 233 -33.55 -23.73 -16.38
C GLN F 233 -34.64 -22.74 -16.77
N PHE F 234 -34.35 -21.77 -17.63
CA PHE F 234 -35.36 -20.78 -17.99
C PHE F 234 -36.31 -21.27 -19.08
N VAL F 235 -36.01 -22.41 -19.69
CA VAL F 235 -36.87 -22.96 -20.75
C VAL F 235 -38.18 -23.50 -20.15
N LYS F 236 -39.29 -23.07 -20.73
CA LYS F 236 -40.63 -23.42 -20.29
C LYS F 236 -41.29 -24.49 -21.18
N SER F 237 -41.00 -24.45 -22.47
CA SER F 237 -41.67 -25.34 -23.43
C SER F 237 -40.89 -25.43 -24.72
N PHE F 238 -41.19 -26.45 -25.53
CA PHE F 238 -40.66 -26.56 -26.88
C PHE F 238 -41.76 -26.23 -27.88
N GLN F 239 -41.41 -25.44 -28.88
CA GLN F 239 -42.35 -25.07 -29.91
C GLN F 239 -42.87 -26.31 -30.66
N ASP F 240 -44.20 -26.36 -30.80
CA ASP F 240 -44.92 -27.43 -31.51
C ASP F 240 -44.89 -28.80 -30.81
N LEU F 241 -44.44 -28.85 -29.57
CA LEU F 241 -44.44 -30.09 -28.80
C LEU F 241 -45.29 -29.96 -27.55
N PRO F 242 -46.03 -31.03 -27.20
CA PRO F 242 -46.89 -31.08 -26.01
C PRO F 242 -46.09 -31.16 -24.71
N SER F 243 -46.71 -30.77 -23.60
CA SER F 243 -46.08 -30.71 -22.29
C SER F 243 -45.41 -32.00 -21.83
N ALA F 244 -46.06 -33.14 -22.07
CA ALA F 244 -45.51 -34.44 -21.67
C ALA F 244 -44.19 -34.71 -22.35
N GLU F 245 -44.08 -34.29 -23.60
CA GLU F 245 -42.88 -34.59 -24.33
C GLU F 245 -41.81 -33.58 -23.96
N PHE F 246 -42.21 -32.43 -23.44
CA PHE F 246 -41.24 -31.42 -23.06
C PHE F 246 -40.31 -31.95 -21.98
N ALA F 247 -40.87 -32.51 -20.93
CA ALA F 247 -40.09 -32.93 -19.78
C ALA F 247 -39.06 -34.01 -20.14
N SER F 248 -39.51 -34.99 -20.92
CA SER F 248 -38.63 -36.07 -21.38
CA SER F 248 -38.63 -36.06 -21.36
C SER F 248 -37.48 -35.55 -22.22
N LEU F 249 -37.78 -34.74 -23.24
CA LEU F 249 -36.70 -34.29 -24.14
C LEU F 249 -35.79 -33.25 -23.48
N PHE F 250 -36.35 -32.38 -22.66
CA PHE F 250 -35.55 -31.39 -21.92
C PHE F 250 -34.54 -32.11 -21.03
N GLN F 251 -35.02 -33.10 -20.32
CA GLN F 251 -34.17 -33.88 -19.42
C GLN F 251 -33.08 -34.62 -20.18
N LEU F 252 -33.45 -35.20 -21.31
CA LEU F 252 -32.52 -35.91 -22.17
C LEU F 252 -31.38 -34.97 -22.64
N LEU F 253 -31.74 -33.81 -23.16
CA LEU F 253 -30.74 -32.89 -23.67
C LEU F 253 -29.90 -32.28 -22.55
N GLN F 254 -30.54 -31.95 -21.43
CA GLN F 254 -29.80 -31.39 -20.28
C GLN F 254 -28.78 -32.38 -19.74
N ALA F 255 -29.13 -33.67 -19.73
CA ALA F 255 -28.19 -34.68 -19.26
C ALA F 255 -26.97 -34.78 -20.17
N ARG F 256 -27.17 -34.55 -21.48
CA ARG F 256 -26.03 -34.55 -22.41
C ARG F 256 -25.14 -33.34 -22.18
N ILE F 257 -25.73 -32.21 -21.82
CA ILE F 257 -24.97 -31.01 -21.54
C ILE F 257 -24.16 -31.16 -20.24
N THR F 258 -24.80 -31.68 -19.21
CA THR F 258 -24.17 -31.71 -17.88
C THR F 258 -23.39 -32.98 -17.61
N LYS F 259 -23.26 -33.83 -18.63
CA LYS F 259 -22.36 -34.98 -18.57
C LYS F 259 -21.02 -34.56 -17.98
N LEU F 260 -20.53 -35.32 -16.99
CA LEU F 260 -19.36 -34.88 -16.22
C LEU F 260 -18.14 -34.54 -17.09
N GLU F 261 -17.92 -35.31 -18.15
CA GLU F 261 -16.82 -35.08 -19.07
C GLU F 261 -16.84 -33.69 -19.71
N ASN F 262 -18.03 -33.09 -19.77
CA ASN F 262 -18.18 -31.78 -20.38
C ASN F 262 -18.11 -30.66 -19.35
N THR F 263 -17.69 -30.97 -18.13
CA THR F 263 -17.77 -29.96 -17.07
C THR F 263 -16.43 -29.65 -16.40
N PHE F 264 -16.33 -28.41 -15.94
CA PHE F 264 -15.19 -27.87 -15.22
C PHE F 264 -15.70 -27.35 -13.89
N ARG F 265 -15.16 -27.85 -12.79
CA ARG F 265 -15.63 -27.48 -11.44
C ARG F 265 -14.50 -26.81 -10.68
N TRP F 266 -14.73 -25.59 -10.22
CA TRP F 266 -13.66 -24.79 -9.63
C TRP F 266 -13.90 -24.51 -8.15
N ASN F 267 -12.94 -24.87 -7.31
CA ASN F 267 -12.98 -24.50 -5.89
C ASN F 267 -12.45 -23.09 -5.67
N TRP F 268 -13.32 -22.23 -5.19
CA TRP F 268 -12.97 -20.82 -5.06
C TRP F 268 -12.00 -20.52 -3.92
N ARG F 269 -11.07 -19.60 -4.18
CA ARG F 269 -10.28 -18.95 -3.14
C ARG F 269 -10.39 -17.44 -3.34
N LEU F 270 -10.27 -16.65 -2.26
CA LEU F 270 -10.24 -15.19 -2.41
C LEU F 270 -9.10 -14.79 -3.34
N GLY F 271 -9.36 -13.84 -4.23
CA GLY F 271 -8.37 -13.47 -5.22
C GLY F 271 -8.59 -14.12 -6.58
N ASP F 272 -9.46 -15.11 -6.65
CA ASP F 272 -9.77 -15.76 -7.92
C ASP F 272 -10.66 -14.87 -8.73
N VAL F 273 -10.60 -15.03 -10.05
CA VAL F 273 -11.54 -14.42 -10.96
C VAL F 273 -11.89 -15.45 -12.02
N ALA F 274 -13.18 -15.60 -12.33
CA ALA F 274 -13.57 -16.44 -13.47
C ALA F 274 -14.22 -15.61 -14.56
N ILE F 275 -13.93 -15.97 -15.81
CA ILE F 275 -14.61 -15.38 -16.96
C ILE F 275 -15.19 -16.52 -17.76
N TRP F 276 -16.46 -16.43 -18.13
CA TRP F 276 -17.01 -17.47 -18.99
C TRP F 276 -17.77 -16.92 -20.20
N ASP F 277 -17.77 -17.72 -21.25
CA ASP F 277 -18.49 -17.44 -22.47
C ASP F 277 -19.92 -17.93 -22.27
N ASN F 278 -20.84 -17.00 -22.06
CA ASN F 278 -22.24 -17.33 -21.80
C ASN F 278 -22.98 -17.73 -23.08
N ARG F 279 -22.26 -17.73 -24.20
CA ARG F 279 -22.84 -18.21 -25.45
C ARG F 279 -22.49 -19.67 -25.67
N ALA F 280 -21.67 -20.23 -24.78
CA ALA F 280 -21.12 -21.56 -25.02
C ALA F 280 -21.12 -22.46 -23.80
N THR F 281 -21.80 -22.00 -22.73
CA THR F 281 -21.81 -22.71 -21.45
C THR F 281 -23.16 -22.64 -20.76
N GLN F 282 -23.30 -23.51 -19.76
CA GLN F 282 -24.21 -23.37 -18.64
C GLN F 282 -23.37 -23.43 -17.38
N HIS F 283 -23.91 -22.99 -16.25
CA HIS F 283 -23.21 -23.17 -14.97
C HIS F 283 -24.19 -23.40 -13.83
N TYR F 284 -23.63 -23.72 -12.67
CA TYR F 284 -24.37 -24.22 -11.52
C TYR F 284 -23.53 -23.94 -10.29
N GLY F 285 -24.08 -23.19 -9.33
CA GLY F 285 -23.39 -22.96 -8.07
C GLY F 285 -23.83 -24.02 -7.06
N ILE F 286 -22.90 -24.74 -6.45
CA ILE F 286 -23.26 -25.89 -5.62
C ILE F 286 -23.53 -25.54 -4.14
N ALA F 287 -24.72 -25.91 -3.64
CA ALA F 287 -25.13 -25.59 -2.27
C ALA F 287 -24.77 -26.72 -1.32
N ASP F 288 -23.47 -26.99 -1.23
CA ASP F 288 -22.94 -28.06 -0.40
C ASP F 288 -22.12 -27.48 0.74
N PHE F 289 -22.52 -26.33 1.26
CA PHE F 289 -21.79 -25.68 2.33
C PHE F 289 -22.68 -25.40 3.54
N GLY F 290 -23.78 -26.14 3.67
CA GLY F 290 -24.64 -25.97 4.83
C GLY F 290 -25.18 -24.57 4.94
N GLU F 291 -25.16 -24.02 6.16
CA GLU F 291 -25.74 -22.70 6.44
C GLU F 291 -24.73 -21.55 6.36
N GLN F 292 -23.52 -21.82 5.88
CA GLN F 292 -22.49 -20.78 5.76
C GLN F 292 -22.82 -19.76 4.68
N GLN F 293 -22.19 -18.59 4.78
CA GLN F 293 -22.39 -17.50 3.82
C GLN F 293 -21.49 -17.62 2.59
N ARG F 294 -22.03 -17.25 1.44
CA ARG F 294 -21.29 -17.25 0.19
C ARG F 294 -21.74 -16.06 -0.66
N GLU F 295 -20.80 -15.22 -1.08
CA GLU F 295 -21.13 -14.05 -1.90
C GLU F 295 -20.08 -13.84 -2.97
N LEU F 296 -20.52 -13.73 -4.22
CA LEU F 296 -19.64 -13.45 -5.34
C LEU F 296 -20.24 -12.30 -6.14
N HIS F 297 -19.38 -11.48 -6.74
CA HIS F 297 -19.87 -10.32 -7.50
C HIS F 297 -19.67 -10.48 -9.00
N ARG F 298 -20.72 -10.18 -9.75
CA ARG F 298 -20.75 -10.48 -11.17
C ARG F 298 -20.83 -9.20 -12.01
N VAL F 299 -20.11 -9.17 -13.13
CA VAL F 299 -20.33 -8.17 -14.17
C VAL F 299 -20.68 -8.94 -15.45
N THR F 300 -21.78 -8.60 -16.11
CA THR F 300 -22.11 -9.28 -17.36
CA THR F 300 -22.07 -9.29 -17.36
C THR F 300 -21.95 -8.33 -18.55
N LEU F 301 -21.56 -8.90 -19.70
CA LEU F 301 -21.32 -8.08 -20.88
C LEU F 301 -22.39 -8.33 -21.92
N ALA F 302 -22.81 -7.24 -22.55
CA ALA F 302 -23.91 -7.25 -23.51
C ALA F 302 -23.63 -8.21 -24.65
N GLY F 303 -24.64 -8.95 -25.05
CA GLY F 303 -24.49 -9.87 -26.18
C GLY F 303 -25.39 -9.48 -27.33
N ASP F 304 -25.58 -10.40 -28.28
CA ASP F 304 -26.47 -10.16 -29.41
C ASP F 304 -27.64 -11.15 -29.36
N VAL F 305 -28.55 -11.05 -30.32
CA VAL F 305 -29.69 -11.96 -30.38
C VAL F 305 -29.26 -13.26 -31.04
N PRO F 306 -29.60 -14.41 -30.43
CA PRO F 306 -29.22 -15.69 -31.04
C PRO F 306 -29.74 -15.88 -32.47
N VAL F 307 -29.00 -16.64 -33.27
CA VAL F 307 -29.45 -17.06 -34.60
C VAL F 307 -29.35 -18.58 -34.72
N ASP F 308 -30.31 -19.19 -35.44
CA ASP F 308 -30.29 -20.64 -35.62
C ASP F 308 -29.34 -20.99 -36.76
N VAL F 309 -29.27 -22.27 -37.13
CA VAL F 309 -28.29 -22.67 -38.15
C VAL F 309 -28.68 -22.15 -39.55
N HIS F 310 -29.86 -21.57 -39.69
CA HIS F 310 -30.27 -21.00 -40.96
C HIS F 310 -30.24 -19.48 -40.92
N GLY F 311 -29.77 -18.92 -39.81
CA GLY F 311 -29.67 -17.48 -39.68
C GLY F 311 -30.90 -16.76 -39.17
N ARG F 312 -31.88 -17.52 -38.70
CA ARG F 312 -33.12 -16.93 -38.17
C ARG F 312 -32.93 -16.50 -36.70
N ARG F 313 -33.37 -15.29 -36.38
CA ARG F 313 -33.19 -14.71 -35.04
C ARG F 313 -34.28 -15.13 -34.09
N SER F 314 -33.98 -15.09 -32.80
CA SER F 314 -34.99 -15.29 -31.76
C SER F 314 -36.12 -14.29 -31.94
N GLN F 315 -37.28 -14.64 -31.40
CA GLN F 315 -38.45 -13.79 -31.48
C GLN F 315 -38.92 -13.43 -30.07
N ILE F 316 -39.14 -12.15 -29.82
CA ILE F 316 -39.65 -11.72 -28.53
C ILE F 316 -41.16 -11.94 -28.49
N LEU F 317 -41.65 -12.56 -27.42
CA LEU F 317 -43.09 -12.67 -27.20
C LEU F 317 -43.56 -11.62 -26.20
N LEU F 318 -42.83 -11.48 -25.10
CA LEU F 318 -43.15 -10.50 -24.06
C LEU F 318 -41.89 -9.87 -23.48
N GLY F 319 -41.96 -8.56 -23.22
CA GLY F 319 -40.87 -7.87 -22.55
C GLY F 319 -39.98 -7.05 -23.47
N ASP F 320 -39.23 -6.14 -22.86
CA ASP F 320 -38.28 -5.29 -23.55
C ASP F 320 -37.02 -5.18 -22.68
N ALA F 321 -35.87 -5.55 -23.24
CA ALA F 321 -34.64 -5.56 -22.44
C ALA F 321 -33.71 -4.38 -22.72
N SER F 322 -34.19 -3.40 -23.46
CA SER F 322 -33.36 -2.23 -23.84
C SER F 322 -32.98 -1.39 -22.62
N HIS F 323 -33.72 -1.53 -21.53
CA HIS F 323 -33.40 -0.81 -20.30
C HIS F 323 -32.20 -1.48 -19.61
N TYR F 324 -32.03 -2.76 -19.91
CA TYR F 324 -31.02 -3.64 -19.30
C TYR F 324 -29.66 -3.60 -20.00
N SER F 325 -29.67 -3.62 -21.33
CA SER F 325 -28.45 -3.52 -22.10
C SER F 325 -28.76 -3.22 -23.55
N GLY F 326 -27.72 -2.82 -24.29
CA GLY F 326 -27.85 -2.70 -25.73
C GLY F 326 -27.60 -4.03 -26.41
N ILE F 327 -27.67 -4.02 -27.72
CA ILE F 327 -27.33 -5.17 -28.53
C ILE F 327 -25.93 -5.00 -29.11
N GLU F 328 -25.03 -5.90 -28.78
CA GLU F 328 -23.66 -5.83 -29.27
C GLU F 328 -23.62 -6.22 -30.74
N THR F 329 -22.81 -5.54 -31.52
CA THR F 329 -22.52 -5.97 -32.86
C THR F 329 -21.27 -6.84 -32.79
N PRO F 330 -21.43 -8.16 -32.94
CA PRO F 330 -20.29 -9.04 -32.74
C PRO F 330 -19.31 -9.00 -33.90
N GLN F 331 -18.06 -9.40 -33.65
CA GLN F 331 -17.08 -9.50 -34.69
C GLN F 331 -16.49 -10.93 -34.70
N ARG F 332 -16.49 -11.56 -35.87
CA ARG F 332 -15.92 -12.90 -36.01
C ARG F 332 -14.42 -12.84 -35.74
N LEU F 333 -13.88 -13.86 -35.08
CA LEU F 333 -12.45 -13.91 -34.82
C LEU F 333 -11.70 -14.37 -36.07
N THR G 24 18.72 27.11 -73.74
CA THR G 24 19.21 25.74 -73.61
C THR G 24 18.25 24.89 -72.79
N ASP G 25 17.30 25.52 -72.11
CA ASP G 25 16.35 24.79 -71.27
C ASP G 25 15.18 24.31 -72.09
N ASP G 26 14.85 25.05 -73.15
CA ASP G 26 13.82 24.62 -74.08
C ASP G 26 14.29 23.36 -74.80
N GLN G 27 15.56 23.37 -75.18
CA GLN G 27 16.17 22.21 -75.82
C GLN G 27 16.13 21.00 -74.90
N THR G 28 16.41 21.23 -73.62
CA THR G 28 16.42 20.16 -72.64
C THR G 28 15.03 19.55 -72.46
N ARG G 29 14.01 20.39 -72.33
CA ARG G 29 12.64 19.95 -72.16
C ARG G 29 12.15 19.16 -73.37
N ARG G 30 12.60 19.56 -74.56
CA ARG G 30 12.22 18.88 -75.79
C ARG G 30 12.84 17.49 -75.82
N ILE G 31 14.09 17.40 -75.35
CA ILE G 31 14.77 16.11 -75.29
C ILE G 31 14.03 15.17 -74.32
N TYR G 32 13.63 15.70 -73.17
CA TYR G 32 12.85 14.92 -72.21
C TYR G 32 11.53 14.44 -72.81
N ARG G 33 10.81 15.38 -73.42
CA ARG G 33 9.51 15.06 -74.05
C ARG G 33 9.62 13.97 -75.11
N ASP G 34 10.60 14.11 -76.01
CA ASP G 34 10.76 13.16 -77.10
C ASP G 34 11.10 11.75 -76.59
N ALA G 35 11.72 11.67 -75.43
CA ALA G 35 12.11 10.38 -74.85
C ALA G 35 11.01 9.85 -73.91
N GLY G 36 9.90 10.57 -73.84
CA GLY G 36 8.77 10.18 -73.01
C GLY G 36 9.02 10.15 -71.50
N ILE G 37 9.88 11.05 -71.01
CA ILE G 37 10.10 11.15 -69.56
C ILE G 37 9.81 12.56 -69.06
N THR G 38 9.53 12.66 -67.77
CA THR G 38 9.45 13.94 -67.10
C THR G 38 10.55 13.99 -66.03
N VAL G 39 11.15 15.15 -65.85
CA VAL G 39 12.23 15.33 -64.87
C VAL G 39 11.93 16.50 -63.95
N GLU G 40 11.59 16.19 -62.70
CA GLU G 40 11.13 17.23 -61.77
C GLU G 40 12.23 17.55 -60.75
N LYS G 41 12.70 18.80 -60.72
CA LYS G 41 13.73 19.21 -59.76
C LYS G 41 13.24 18.96 -58.36
N LEU G 42 14.13 18.50 -57.48
CA LEU G 42 13.77 18.28 -56.09
C LEU G 42 14.54 19.24 -55.16
N GLY G 43 15.50 19.94 -55.72
CA GLY G 43 16.27 20.91 -54.97
C GLY G 43 16.94 21.85 -55.96
N GLU G 44 17.32 23.04 -55.50
CA GLU G 44 17.91 24.05 -56.37
C GLU G 44 19.20 23.58 -57.02
N HIS G 45 20.09 22.95 -56.24
CA HIS G 45 21.41 22.61 -56.74
C HIS G 45 21.57 21.13 -57.09
N ILE G 46 20.61 20.31 -56.66
CA ILE G 46 20.80 18.86 -56.76
C ILE G 46 19.50 18.09 -56.54
N GLY G 47 19.33 17.01 -57.29
CA GLY G 47 18.21 16.11 -57.08
C GLY G 47 17.07 16.32 -58.06
N ALA G 48 16.62 15.25 -58.70
CA ALA G 48 15.47 15.29 -59.59
C ALA G 48 14.81 13.93 -59.60
N ARG G 49 13.47 13.94 -59.71
CA ARG G 49 12.72 12.69 -59.85
C ARG G 49 12.35 12.47 -61.32
N VAL G 50 12.64 11.27 -61.82
CA VAL G 50 12.34 10.94 -63.20
C VAL G 50 11.12 10.03 -63.27
N ASN G 51 10.16 10.38 -64.11
CA ASN G 51 8.97 9.58 -64.30
C ASN G 51 8.74 9.23 -65.77
N GLY G 52 7.99 8.17 -66.00
CA GLY G 52 7.58 7.80 -67.35
C GLY G 52 8.44 6.74 -68.01
N ILE G 53 9.36 6.14 -67.25
CA ILE G 53 10.26 5.16 -67.85
C ILE G 53 10.56 4.02 -66.89
N GLU G 54 10.52 2.80 -67.42
CA GLU G 54 10.88 1.61 -66.66
C GLU G 54 12.31 1.25 -67.00
N LEU G 55 13.18 1.29 -66.00
CA LEU G 55 14.60 1.03 -66.22
C LEU G 55 14.80 -0.44 -66.59
N ARG G 56 15.26 -0.68 -67.82
CA ARG G 56 15.48 -2.03 -68.32
C ARG G 56 16.74 -2.08 -69.18
N GLY G 57 17.27 -3.28 -69.39
CA GLY G 57 18.47 -3.43 -70.17
C GLY G 57 18.28 -3.20 -71.66
N ASP G 58 17.03 -3.05 -72.09
CA ASP G 58 16.77 -2.88 -73.53
C ASP G 58 16.21 -1.51 -73.87
N LEU G 59 16.45 -0.52 -73.01
CA LEU G 59 16.07 0.85 -73.29
C LEU G 59 16.72 1.35 -74.57
N SER G 60 15.97 2.08 -75.38
CA SER G 60 16.50 2.60 -76.64
C SER G 60 17.53 3.69 -76.36
N ALA G 61 18.39 3.93 -77.35
CA ALA G 61 19.51 4.86 -77.20
C ALA G 61 19.08 6.29 -76.86
N ASP G 62 17.99 6.75 -77.46
CA ASP G 62 17.54 8.12 -77.21
C ASP G 62 17.07 8.32 -75.78
N ARG G 63 16.46 7.29 -75.19
CA ARG G 63 15.98 7.38 -73.82
C ARG G 63 17.17 7.32 -72.84
N VAL G 64 18.16 6.51 -73.18
CA VAL G 64 19.38 6.42 -72.38
C VAL G 64 20.11 7.76 -72.35
N GLU G 65 20.20 8.41 -73.50
CA GLU G 65 20.89 9.69 -73.57
C GLU G 65 20.11 10.80 -72.86
N ALA G 66 18.79 10.70 -72.85
CA ALA G 66 17.98 11.65 -72.10
C ALA G 66 18.27 11.51 -70.60
N ILE G 67 18.39 10.27 -70.13
CA ILE G 67 18.75 10.02 -68.73
C ILE G 67 20.15 10.53 -68.45
N ARG G 68 21.06 10.31 -69.39
CA ARG G 68 22.44 10.78 -69.27
C ARG G 68 22.46 12.30 -69.07
N LEU G 69 21.66 13.01 -69.87
CA LEU G 69 21.59 14.47 -69.78
C LEU G 69 20.97 14.96 -68.48
N ALA G 70 19.87 14.34 -68.06
CA ALA G 70 19.21 14.70 -66.82
C ALA G 70 20.16 14.52 -65.63
N LEU G 71 20.97 13.47 -65.69
CA LEU G 71 21.93 13.19 -64.64
C LEU G 71 23.01 14.26 -64.59
N ALA G 72 23.50 14.64 -65.76
CA ALA G 72 24.56 15.65 -65.83
C ALA G 72 24.09 16.96 -65.21
N ILE G 73 22.85 17.33 -65.51
CA ILE G 73 22.28 18.59 -65.06
C ILE G 73 21.94 18.56 -63.56
N ASN G 74 21.36 17.47 -63.11
CA ASN G 74 20.77 17.42 -61.77
C ASN G 74 21.57 16.66 -60.72
N LYS G 75 22.64 16.00 -61.16
CA LYS G 75 23.66 15.34 -60.32
C LYS G 75 23.17 14.06 -59.64
N VAL G 76 21.91 14.05 -59.20
CA VAL G 76 21.30 12.85 -58.64
C VAL G 76 19.89 12.69 -59.18
N LEU G 77 19.60 11.49 -59.68
CA LEU G 77 18.27 11.14 -60.14
C LEU G 77 17.64 10.03 -59.29
N VAL G 78 16.35 10.16 -58.98
CA VAL G 78 15.64 9.04 -58.35
C VAL G 78 14.48 8.58 -59.22
N PHE G 79 14.32 7.25 -59.27
CA PHE G 79 13.24 6.59 -60.00
C PHE G 79 12.42 5.80 -58.98
N THR G 80 11.11 5.72 -59.20
CA THR G 80 10.23 5.02 -58.27
C THR G 80 9.42 3.95 -58.99
N GLU G 81 8.82 3.07 -58.21
CA GLU G 81 7.95 1.99 -58.71
C GLU G 81 8.69 1.05 -59.65
N GLN G 82 9.99 0.88 -59.45
CA GLN G 82 10.78 -0.02 -60.29
C GLN G 82 10.80 -1.43 -59.70
N HIS G 83 9.61 -1.99 -59.48
CA HIS G 83 9.46 -3.26 -58.78
C HIS G 83 9.89 -4.46 -59.63
N HIS G 84 10.07 -4.23 -60.93
CA HIS G 84 10.48 -5.28 -61.86
C HIS G 84 11.97 -5.60 -61.75
N LEU G 85 12.71 -4.71 -61.10
CA LEU G 85 14.17 -4.81 -61.07
C LEU G 85 14.71 -5.85 -60.09
N ASP G 86 15.63 -6.67 -60.57
CA ASP G 86 16.47 -7.50 -59.72
C ASP G 86 17.93 -7.12 -59.94
N ASP G 87 18.85 -7.87 -59.35
CA ASP G 87 20.28 -7.60 -59.52
C ASP G 87 20.64 -7.65 -61.00
N ALA G 88 20.17 -8.68 -61.69
CA ALA G 88 20.47 -8.85 -63.11
C ALA G 88 19.90 -7.69 -63.94
N GLY G 89 18.69 -7.27 -63.63
CA GLY G 89 18.06 -6.17 -64.35
C GLY G 89 18.74 -4.84 -64.11
N GLN G 90 19.15 -4.61 -62.87
CA GLN G 90 19.85 -3.38 -62.52
C GLN G 90 21.20 -3.29 -63.23
N TYR G 91 21.92 -4.42 -63.25
CA TYR G 91 23.20 -4.50 -63.95
C TYR G 91 23.01 -4.26 -65.45
N ALA G 92 21.99 -4.89 -66.03
CA ALA G 92 21.72 -4.77 -67.45
C ALA G 92 21.41 -3.32 -67.86
N PHE G 93 20.65 -2.61 -67.04
CA PHE G 93 20.39 -1.20 -67.31
C PHE G 93 21.68 -0.38 -67.16
N ALA G 94 22.43 -0.61 -66.09
CA ALA G 94 23.62 0.19 -65.82
C ALA G 94 24.64 0.11 -66.96
N ARG G 95 24.73 -1.06 -67.60
CA ARG G 95 25.65 -1.25 -68.72
C ARG G 95 25.39 -0.28 -69.87
N LEU G 96 24.16 0.25 -69.92
CA LEU G 96 23.78 1.20 -70.96
C LEU G 96 24.37 2.58 -70.73
N LEU G 97 24.74 2.88 -69.48
CA LEU G 97 25.28 4.20 -69.15
C LEU G 97 26.81 4.19 -69.10
N GLY G 98 27.41 3.00 -69.05
CA GLY G 98 28.85 2.88 -69.02
C GLY G 98 29.32 1.44 -68.80
N GLU G 99 30.62 1.28 -68.59
CA GLU G 99 31.19 -0.04 -68.34
CA GLU G 99 31.20 -0.04 -68.33
C GLU G 99 31.21 -0.36 -66.85
N PRO G 100 30.44 -1.36 -66.43
CA PRO G 100 30.39 -1.72 -65.01
C PRO G 100 31.77 -2.12 -64.50
N THR G 101 32.16 -1.60 -63.34
CA THR G 101 33.40 -1.99 -62.69
C THR G 101 33.21 -3.28 -61.91
N LEU G 102 34.30 -3.78 -61.32
CA LEU G 102 34.15 -4.78 -60.26
C LEU G 102 33.39 -4.14 -59.11
N PRO G 103 32.76 -4.95 -58.25
CA PRO G 103 32.02 -4.41 -57.11
C PRO G 103 32.86 -3.45 -56.26
N HIS G 104 34.14 -3.77 -56.08
CA HIS G 104 35.04 -2.96 -55.27
C HIS G 104 36.48 -3.34 -55.58
N PRO G 105 37.42 -2.38 -55.49
CA PRO G 105 38.82 -2.75 -55.77
C PRO G 105 39.43 -3.76 -54.80
N THR G 106 38.97 -3.78 -53.55
CA THR G 106 39.55 -4.68 -52.54
C THR G 106 38.52 -5.60 -51.88
N VAL G 107 37.28 -5.11 -51.75
CA VAL G 107 36.25 -5.93 -51.11
C VAL G 107 35.68 -6.93 -52.10
N ARG G 108 35.88 -8.22 -51.82
CA ARG G 108 35.47 -9.26 -52.75
C ARG G 108 34.39 -10.16 -52.16
N SER G 109 34.25 -10.12 -50.83
CA SER G 109 33.37 -11.04 -50.12
C SER G 109 31.92 -10.56 -50.02
N HIS G 110 31.62 -9.42 -50.65
CA HIS G 110 30.28 -8.83 -50.58
C HIS G 110 29.68 -8.56 -51.96
N GLY G 111 29.76 -9.56 -52.84
CA GLY G 111 29.20 -9.45 -54.17
C GLY G 111 30.23 -9.68 -55.24
N THR G 112 29.81 -10.27 -56.36
CA THR G 112 30.70 -10.56 -57.47
C THR G 112 30.38 -9.68 -58.69
N GLU G 113 29.11 -9.30 -58.83
CA GLU G 113 28.70 -8.39 -59.91
C GLU G 113 28.28 -7.03 -59.35
N LEU G 114 27.54 -7.07 -58.25
CA LEU G 114 27.10 -5.86 -57.55
C LEU G 114 27.75 -5.81 -56.17
N LEU G 115 27.87 -4.60 -55.61
CA LEU G 115 28.33 -4.46 -54.24
C LEU G 115 27.12 -4.44 -53.29
N ASN G 116 27.08 -5.41 -52.38
CA ASN G 116 25.98 -5.51 -51.42
C ASN G 116 26.30 -4.73 -50.13
N LEU G 117 25.83 -3.49 -50.09
CA LEU G 117 26.07 -2.61 -48.94
C LEU G 117 25.14 -2.92 -47.77
N GLU G 118 25.72 -3.17 -46.59
CA GLU G 118 24.94 -3.44 -45.40
C GLU G 118 25.15 -2.33 -44.37
N GLY G 119 24.14 -2.06 -43.55
CA GLY G 119 24.25 -0.98 -42.59
C GLY G 119 24.11 0.38 -43.24
N ALA G 120 24.92 1.34 -42.81
CA ALA G 120 24.88 2.69 -43.37
C ALA G 120 26.29 3.23 -43.58
N ALA G 121 26.53 3.82 -44.74
CA ALA G 121 27.83 4.41 -45.06
C ALA G 121 27.88 5.84 -44.54
N ASN G 122 27.91 5.97 -43.22
CA ASN G 122 27.83 7.27 -42.55
C ASN G 122 29.15 8.04 -42.44
N GLY G 123 29.65 8.47 -43.58
CA GLY G 123 30.78 9.38 -43.68
C GLY G 123 30.69 10.04 -45.04
N TRP G 124 30.89 11.35 -45.11
CA TRP G 124 30.80 12.05 -46.38
C TRP G 124 31.93 11.62 -47.32
N HIS G 125 31.57 11.07 -48.47
CA HIS G 125 32.60 10.60 -49.38
C HIS G 125 32.14 10.60 -50.82
N THR G 126 33.12 10.65 -51.71
CA THR G 126 32.90 10.34 -53.11
C THR G 126 33.39 8.89 -53.32
N ASP G 127 32.65 8.09 -54.10
CA ASP G 127 32.99 6.67 -54.18
C ASP G 127 34.38 6.41 -54.77
N VAL G 128 35.13 5.57 -54.07
CA VAL G 128 36.41 5.03 -54.54
C VAL G 128 37.35 6.10 -55.10
N THR G 129 37.61 7.15 -54.34
CA THR G 129 38.51 8.19 -54.85
C THR G 129 39.97 7.86 -54.62
N PHE G 130 40.26 6.72 -54.00
CA PHE G 130 41.66 6.40 -53.69
C PHE G 130 42.38 5.74 -54.87
N VAL G 131 41.67 5.53 -55.97
CA VAL G 131 42.31 5.04 -57.21
C VAL G 131 42.46 6.15 -58.23
N ASP G 132 43.19 5.88 -59.32
CA ASP G 132 43.33 6.87 -60.38
C ASP G 132 42.02 7.04 -61.16
N ARG G 133 41.40 5.91 -61.50
CA ARG G 133 40.17 5.91 -62.30
C ARG G 133 38.92 5.96 -61.43
N ILE G 134 38.66 7.13 -60.85
CA ILE G 134 37.47 7.30 -60.03
C ILE G 134 36.24 7.03 -60.87
N PRO G 135 35.38 6.12 -60.40
CA PRO G 135 34.18 5.75 -61.16
C PRO G 135 33.28 6.96 -61.39
N LYS G 136 32.64 7.04 -62.54
CA LYS G 136 31.89 8.24 -62.93
C LYS G 136 30.50 8.30 -62.36
N ALA G 137 29.92 7.15 -62.04
CA ALA G 137 28.53 7.10 -61.61
C ALA G 137 28.19 5.80 -60.91
N SER G 138 27.11 5.81 -60.15
CA SER G 138 26.60 4.62 -59.51
C SER G 138 25.10 4.48 -59.66
N VAL G 139 24.63 3.24 -59.70
CA VAL G 139 23.23 2.91 -59.70
C VAL G 139 22.92 2.12 -58.43
N LEU G 140 21.95 2.61 -57.65
CA LEU G 140 21.68 2.03 -56.34
C LEU G 140 20.20 1.70 -56.15
N ARG G 141 19.91 0.53 -55.61
CA ARG G 141 18.52 0.19 -55.29
C ARG G 141 18.46 -0.51 -53.93
N PRO G 142 17.41 -0.23 -53.16
CA PRO G 142 17.29 -0.83 -51.84
C PRO G 142 16.81 -2.26 -51.97
N VAL G 143 17.26 -3.12 -51.07
CA VAL G 143 16.81 -4.50 -51.05
C VAL G 143 16.10 -4.74 -49.73
N THR G 144 16.68 -4.19 -48.67
CA THR G 144 16.11 -4.31 -47.34
C THR G 144 16.17 -2.96 -46.65
N LEU G 145 15.04 -2.51 -46.10
CA LEU G 145 14.97 -1.19 -45.46
C LEU G 145 14.39 -1.27 -44.06
N PRO G 146 14.90 -0.42 -43.16
CA PRO G 146 14.37 -0.37 -41.79
C PRO G 146 13.00 0.31 -41.75
N SER G 147 12.27 0.15 -40.65
CA SER G 147 10.92 0.69 -40.53
C SER G 147 10.92 2.21 -40.44
N TYR G 148 12.06 2.80 -40.07
CA TYR G 148 12.25 4.25 -40.09
C TYR G 148 13.71 4.60 -40.33
N GLY G 149 13.98 5.85 -40.70
CA GLY G 149 15.34 6.32 -40.91
C GLY G 149 16.04 5.71 -42.11
N GLY G 150 17.34 5.87 -42.19
CA GLY G 150 18.11 5.21 -43.24
C GLY G 150 18.13 5.94 -44.57
N ALA G 151 17.86 7.24 -44.56
CA ALA G 151 17.93 8.03 -45.77
C ALA G 151 19.36 8.09 -46.29
N THR G 152 19.48 8.36 -47.59
CA THR G 152 20.76 8.72 -48.19
C THR G 152 20.71 10.20 -48.52
N THR G 153 21.79 10.91 -48.23
CA THR G 153 21.85 12.30 -48.62
C THR G 153 23.08 12.51 -49.51
N TRP G 154 22.92 13.34 -50.54
CA TRP G 154 23.97 13.68 -51.50
C TRP G 154 24.24 15.18 -51.45
N ALA G 155 25.50 15.57 -51.69
CA ALA G 155 25.88 16.98 -51.78
C ALA G 155 26.51 17.26 -53.15
N SER G 156 26.19 18.43 -53.73
CA SER G 156 26.78 18.86 -54.99
C SER G 156 28.14 19.55 -54.81
N THR G 157 29.19 18.91 -55.31
CA THR G 157 30.53 19.49 -55.21
C THR G 157 30.74 20.53 -56.33
N VAL G 158 29.83 20.56 -57.29
CA VAL G 158 29.80 21.63 -58.29
C VAL G 158 29.28 22.93 -57.66
N ALA G 159 28.18 22.84 -56.93
CA ALA G 159 27.62 24.01 -56.25
C ALA G 159 28.61 24.56 -55.23
N ALA G 160 29.28 23.67 -54.51
CA ALA G 160 30.26 24.08 -53.51
C ALA G 160 31.38 24.93 -54.16
N TYR G 161 31.86 24.52 -55.32
CA TYR G 161 32.89 25.31 -56.00
C TYR G 161 32.35 26.67 -56.46
N GLU G 162 31.14 26.68 -57.06
CA GLU G 162 30.51 27.90 -57.54
C GLU G 162 30.40 28.95 -56.42
N GLN G 163 30.20 28.47 -55.19
CA GLN G 163 29.93 29.32 -54.04
C GLN G 163 31.20 29.84 -53.36
N LEU G 164 32.37 29.40 -53.82
CA LEU G 164 33.62 29.91 -53.24
C LEU G 164 33.88 31.35 -53.67
N PRO G 165 34.29 32.20 -52.72
CA PRO G 165 34.75 33.53 -53.11
C PRO G 165 36.15 33.45 -53.73
N LYS G 166 36.58 34.49 -54.45
CA LYS G 166 37.86 34.49 -55.16
C LYS G 166 39.07 33.94 -54.37
N PRO G 167 39.31 34.44 -53.13
CA PRO G 167 40.52 33.93 -52.46
C PRO G 167 40.48 32.41 -52.19
N LEU G 168 39.32 31.86 -51.87
CA LEU G 168 39.23 30.41 -51.62
C LEU G 168 39.30 29.64 -52.95
N ARG G 169 38.76 30.20 -54.03
CA ARG G 169 38.98 29.55 -55.33
C ARG G 169 40.47 29.54 -55.67
N SER G 170 41.16 30.65 -55.39
CA SER G 170 42.60 30.71 -55.66
C SER G 170 43.36 29.61 -54.89
N LEU G 171 42.92 29.38 -53.66
CA LEU G 171 43.48 28.30 -52.86
C LEU G 171 43.24 26.93 -53.49
N VAL G 172 41.99 26.57 -53.72
CA VAL G 172 41.67 25.18 -54.10
C VAL G 172 42.11 24.86 -55.53
N ASP G 173 42.13 25.86 -56.42
CA ASP G 173 42.60 25.67 -57.79
C ASP G 173 44.05 25.16 -57.82
N ASP G 174 44.83 25.50 -56.78
CA ASP G 174 46.23 25.09 -56.69
C ASP G 174 46.45 23.93 -55.70
N LEU G 175 45.39 23.44 -55.08
CA LEU G 175 45.52 22.47 -54.00
C LEU G 175 45.43 21.04 -54.53
N TRP G 176 46.29 20.16 -54.03
CA TRP G 176 46.26 18.75 -54.39
C TRP G 176 46.19 17.91 -53.10
N ALA G 177 45.60 16.73 -53.18
CA ALA G 177 45.39 15.90 -51.99
C ALA G 177 45.68 14.43 -52.24
N THR G 178 46.23 13.79 -51.22
CA THR G 178 46.43 12.34 -51.27
C THR G 178 45.21 11.63 -50.74
N HIS G 179 44.65 10.74 -51.57
CA HIS G 179 43.54 9.89 -51.17
C HIS G 179 44.05 8.48 -50.92
N THR G 180 43.51 7.83 -49.91
CA THR G 180 43.91 6.47 -49.60
C THR G 180 42.73 5.64 -49.10
N ASN G 181 42.82 4.32 -49.26
CA ASN G 181 41.77 3.43 -48.77
C ASN G 181 41.97 3.09 -47.30
N LEU G 182 43.10 3.51 -46.73
CA LEU G 182 43.33 3.33 -45.30
C LEU G 182 42.68 4.49 -44.56
N TYR G 183 41.36 4.54 -44.55
CA TYR G 183 40.61 5.65 -43.93
C TYR G 183 40.42 5.41 -42.43
N ALA G 196 29.87 -5.49 -34.39
CA ALA G 196 31.20 -4.90 -34.38
C ALA G 196 32.23 -5.83 -35.03
N GLU G 197 32.02 -7.13 -34.88
CA GLU G 197 32.92 -8.15 -35.43
C GLU G 197 32.97 -8.11 -36.96
N ARG G 198 31.79 -8.05 -37.58
CA ARG G 198 31.70 -8.04 -39.04
C ARG G 198 32.23 -6.72 -39.61
N ARG G 199 32.08 -5.64 -38.84
CA ARG G 199 32.59 -4.33 -39.25
C ARG G 199 34.12 -4.31 -39.30
N ALA G 200 34.74 -4.98 -38.33
CA ALA G 200 36.20 -5.11 -38.28
C ALA G 200 36.73 -5.93 -39.45
N ALA G 201 36.18 -7.13 -39.64
CA ALA G 201 36.57 -8.02 -40.73
C ALA G 201 36.47 -7.34 -42.09
N TYR G 202 35.43 -6.52 -42.26
CA TYR G 202 35.23 -5.76 -43.49
C TYR G 202 36.39 -4.80 -43.73
N TYR G 203 36.79 -4.08 -42.68
CA TYR G 203 37.87 -3.11 -42.79
C TYR G 203 39.20 -3.78 -43.15
N THR G 204 39.39 -4.99 -42.64
CA THR G 204 40.58 -5.78 -42.93
C THR G 204 40.67 -6.11 -44.42
N GLU G 205 39.55 -6.53 -44.99
CA GLU G 205 39.47 -6.80 -46.42
C GLU G 205 39.53 -5.51 -47.24
N PHE G 206 38.86 -4.47 -46.75
CA PHE G 206 38.84 -3.17 -47.43
C PHE G 206 40.25 -2.62 -47.60
N THR G 207 41.12 -2.91 -46.64
CA THR G 207 42.48 -2.40 -46.65
C THR G 207 43.49 -3.51 -46.89
N SER G 208 43.07 -4.61 -47.52
CA SER G 208 43.96 -5.75 -47.73
C SER G 208 45.12 -5.40 -48.66
N SER G 209 44.90 -4.44 -49.55
CA SER G 209 46.00 -3.89 -50.34
C SER G 209 45.92 -2.36 -50.30
N ARG G 210 47.07 -1.70 -50.36
CA ARG G 210 47.15 -0.27 -50.11
C ARG G 210 47.14 0.58 -51.38
N TYR G 211 46.25 1.57 -51.41
CA TYR G 211 46.14 2.52 -52.52
C TYR G 211 46.44 3.95 -52.05
N GLU G 212 47.26 4.66 -52.82
CA GLU G 212 47.48 6.10 -52.61
C GLU G 212 47.52 6.79 -53.96
N THR G 213 46.69 7.82 -54.11
CA THR G 213 46.60 8.60 -55.34
C THR G 213 46.54 10.08 -55.01
N VAL G 214 47.33 10.89 -55.70
CA VAL G 214 47.30 12.34 -55.51
C VAL G 214 46.36 12.94 -56.56
N HIS G 215 45.24 13.48 -56.10
CA HIS G 215 44.20 14.07 -56.97
C HIS G 215 44.15 15.60 -56.80
N PRO G 216 43.76 16.34 -57.83
CA PRO G 216 43.52 17.77 -57.62
C PRO G 216 42.28 17.97 -56.74
N VAL G 217 42.25 19.00 -55.90
CA VAL G 217 41.06 19.29 -55.09
C VAL G 217 39.97 19.91 -56.00
N VAL G 218 40.37 20.51 -57.12
CA VAL G 218 39.41 20.96 -58.13
C VAL G 218 39.58 20.15 -59.40
N ARG G 219 38.57 19.40 -59.82
CA ARG G 219 38.67 18.68 -61.08
C ARG G 219 37.72 19.30 -62.08
N VAL G 220 38.04 19.18 -63.37
CA VAL G 220 37.17 19.68 -64.43
C VAL G 220 36.38 18.52 -65.02
N HIS G 221 35.06 18.57 -64.86
CA HIS G 221 34.20 17.48 -65.33
C HIS G 221 34.39 17.28 -66.83
N PRO G 222 34.72 16.06 -67.24
CA PRO G 222 35.06 15.86 -68.66
C PRO G 222 33.85 15.92 -69.61
N GLU G 223 32.63 15.83 -69.08
CA GLU G 223 31.47 15.85 -69.95
C GLU G 223 30.68 17.15 -69.85
N THR G 224 30.73 17.81 -68.70
CA THR G 224 30.03 19.06 -68.51
C THR G 224 30.93 20.29 -68.51
N GLY G 225 32.22 20.08 -68.25
CA GLY G 225 33.16 21.19 -68.12
C GLY G 225 33.07 21.94 -66.79
N GLU G 226 32.13 21.56 -65.94
CA GLU G 226 31.97 22.22 -64.65
C GLU G 226 33.09 21.84 -63.69
N ARG G 227 33.55 22.82 -62.93
CA ARG G 227 34.56 22.57 -61.91
C ARG G 227 33.88 22.03 -60.67
N SER G 228 34.52 21.05 -60.05
CA SER G 228 33.94 20.31 -58.93
CA SER G 228 33.93 20.41 -58.88
C SER G 228 35.00 20.05 -57.85
N LEU G 229 34.65 20.20 -56.58
CA LEU G 229 35.57 19.86 -55.50
C LEU G 229 35.70 18.33 -55.36
N LEU G 230 36.93 17.87 -55.27
CA LEU G 230 37.21 16.46 -55.10
C LEU G 230 37.88 16.29 -53.75
N LEU G 231 37.12 15.81 -52.77
CA LEU G 231 37.63 15.65 -51.41
C LEU G 231 37.02 14.40 -50.79
N GLY G 232 36.41 14.54 -49.61
CA GLY G 232 35.76 13.41 -48.98
C GLY G 232 36.62 12.64 -48.00
N GLN G 233 36.03 11.62 -47.39
CA GLN G 233 36.65 10.91 -46.27
CA GLN G 233 36.67 10.95 -46.25
C GLN G 233 37.92 10.15 -46.63
N PHE G 234 38.16 9.91 -47.91
CA PHE G 234 39.36 9.16 -48.24
C PHE G 234 40.63 10.02 -48.26
N VAL G 235 40.47 11.34 -48.13
CA VAL G 235 41.60 12.28 -48.14
C VAL G 235 42.41 12.19 -46.85
N LYS G 236 43.72 12.04 -47.02
CA LYS G 236 44.69 11.83 -45.95
C LYS G 236 45.52 13.08 -45.65
N SER G 237 45.81 13.87 -46.67
CA SER G 237 46.71 15.01 -46.52
C SER G 237 46.60 15.97 -47.72
N PHE G 238 47.12 17.19 -47.56
CA PHE G 238 47.24 18.11 -48.67
C PHE G 238 48.71 18.21 -49.06
N GLN G 239 49.00 18.18 -50.36
CA GLN G 239 50.39 18.31 -50.82
C GLN G 239 51.01 19.62 -50.38
N ASP G 240 52.21 19.54 -49.80
CA ASP G 240 52.98 20.72 -49.37
C ASP G 240 52.39 21.49 -48.18
N LEU G 241 51.38 20.90 -47.52
CA LEU G 241 50.85 21.51 -46.29
C LEU G 241 51.08 20.57 -45.11
N PRO G 242 51.44 21.12 -43.94
CA PRO G 242 51.66 20.29 -42.76
C PRO G 242 50.37 19.71 -42.19
N SER G 243 50.48 18.60 -41.46
CA SER G 243 49.33 17.91 -40.88
C SER G 243 48.45 18.83 -40.06
N ALA G 244 49.09 19.72 -39.30
CA ALA G 244 48.36 20.61 -38.41
C ALA G 244 47.37 21.46 -39.18
N GLU G 245 47.73 21.85 -40.40
CA GLU G 245 46.86 22.68 -41.21
C GLU G 245 45.86 21.85 -42.00
N PHE G 246 46.13 20.56 -42.14
CA PHE G 246 45.25 19.70 -42.93
C PHE G 246 43.83 19.65 -42.37
N ALA G 247 43.72 19.40 -41.07
CA ALA G 247 42.42 19.21 -40.44
C ALA G 247 41.56 20.45 -40.55
N SER G 248 42.17 21.60 -40.34
CA SER G 248 41.46 22.88 -40.39
CA SER G 248 41.47 22.87 -40.39
C SER G 248 40.91 23.14 -41.77
N LEU G 249 41.77 22.99 -42.78
CA LEU G 249 41.32 23.28 -44.15
C LEU G 249 40.37 22.23 -44.67
N PHE G 250 40.59 20.98 -44.30
CA PHE G 250 39.70 19.91 -44.73
C PHE G 250 38.28 20.14 -44.19
N GLN G 251 38.17 20.47 -42.90
CA GLN G 251 36.89 20.74 -42.26
CA GLN G 251 36.88 20.72 -42.29
C GLN G 251 36.21 21.96 -42.89
N LEU G 252 36.98 22.99 -43.18
CA LEU G 252 36.43 24.20 -43.78
C LEU G 252 35.80 23.86 -45.14
N LEU G 253 36.55 23.15 -45.98
CA LEU G 253 36.07 22.85 -47.33
C LEU G 253 34.91 21.85 -47.31
N GLN G 254 34.99 20.84 -46.45
CA GLN G 254 33.90 19.88 -46.34
C GLN G 254 32.60 20.54 -45.84
N ALA G 255 32.72 21.50 -44.93
CA ALA G 255 31.53 22.19 -44.42
C ALA G 255 30.84 22.99 -45.54
N ARG G 256 31.63 23.54 -46.46
CA ARG G 256 31.07 24.23 -47.63
C ARG G 256 30.37 23.26 -48.58
N ILE G 257 30.93 22.07 -48.71
CA ILE G 257 30.34 21.05 -49.56
C ILE G 257 29.01 20.54 -48.98
N THR G 258 29.01 20.26 -47.68
CA THR G 258 27.86 19.61 -47.05
C THR G 258 26.84 20.59 -46.45
N LYS G 259 27.04 21.89 -46.69
CA LYS G 259 26.05 22.91 -46.37
C LYS G 259 24.66 22.44 -46.83
N LEU G 260 23.65 22.53 -45.96
CA LEU G 260 22.36 21.88 -46.21
C LEU G 260 21.71 22.24 -47.56
N GLU G 261 21.84 23.51 -47.96
CA GLU G 261 21.33 24.00 -49.23
C GLU G 261 21.90 23.27 -50.45
N ASN G 262 23.05 22.62 -50.27
CA ASN G 262 23.68 21.89 -51.37
C ASN G 262 23.34 20.40 -51.35
N THR G 263 22.35 20.03 -50.54
CA THR G 263 22.07 18.62 -50.34
C THR G 263 20.65 18.19 -50.67
N PHE G 264 20.58 16.93 -51.09
CA PHE G 264 19.35 16.26 -51.44
C PHE G 264 19.29 15.02 -50.57
N ARG G 265 18.23 14.87 -49.77
CA ARG G 265 18.11 13.76 -48.85
C ARG G 265 16.89 12.92 -49.19
N TRP G 266 17.10 11.64 -49.46
CA TRP G 266 16.04 10.78 -49.99
C TRP G 266 15.67 9.67 -49.03
N ASN G 267 14.39 9.60 -48.67
CA ASN G 267 13.82 8.51 -47.88
C ASN G 267 13.52 7.32 -48.78
N TRP G 268 14.20 6.21 -48.54
CA TRP G 268 14.04 5.05 -49.42
C TRP G 268 12.72 4.31 -49.26
N ARG G 269 12.18 3.87 -50.40
CA ARG G 269 11.09 2.89 -50.43
C ARG G 269 11.48 1.75 -51.37
N LEU G 270 10.94 0.55 -51.13
CA LEU G 270 11.17 -0.56 -52.05
C LEU G 270 10.68 -0.15 -53.42
N GLY G 271 11.44 -0.48 -54.45
CA GLY G 271 11.07 -0.09 -55.80
C GLY G 271 11.78 1.17 -56.27
N ASP G 272 12.42 1.89 -55.34
CA ASP G 272 13.17 3.09 -55.71
C ASP G 272 14.49 2.73 -56.38
N VAL G 273 14.99 3.65 -57.22
CA VAL G 273 16.36 3.56 -57.76
C VAL G 273 17.00 4.94 -57.79
N ALA G 274 18.24 5.04 -57.32
CA ALA G 274 18.98 6.29 -57.46
C ALA G 274 20.16 6.15 -58.40
N ILE G 275 20.41 7.19 -59.19
CA ILE G 275 21.63 7.27 -60.00
C ILE G 275 22.28 8.60 -59.66
N TRP G 276 23.58 8.60 -59.36
CA TRP G 276 24.25 9.86 -59.10
C TRP G 276 25.54 10.00 -59.88
N ASP G 277 25.89 11.25 -60.13
CA ASP G 277 27.13 11.61 -60.80
C ASP G 277 28.25 11.65 -59.76
N ASN G 278 29.11 10.63 -59.78
CA ASN G 278 30.19 10.52 -58.79
C ASN G 278 31.36 11.46 -59.10
N ARG G 279 31.24 12.23 -60.17
CA ARG G 279 32.22 13.25 -60.48
C ARG G 279 31.79 14.62 -59.95
N ALA G 280 30.56 14.70 -59.46
CA ALA G 280 30.00 16.00 -59.09
C ALA G 280 29.29 15.99 -57.73
N THR G 281 29.46 14.91 -56.98
CA THR G 281 28.78 14.76 -55.70
C THR G 281 29.62 14.08 -54.63
N GLN G 282 29.18 14.21 -53.39
CA GLN G 282 29.51 13.28 -52.30
C GLN G 282 28.17 12.74 -51.78
N HIS G 283 28.23 11.67 -51.01
CA HIS G 283 27.02 11.18 -50.36
C HIS G 283 27.30 10.56 -48.99
N TYR G 284 26.23 10.24 -48.28
CA TYR G 284 26.28 9.88 -46.87
C TYR G 284 25.04 9.05 -46.55
N GLY G 285 25.24 7.83 -46.04
CA GLY G 285 24.14 6.97 -45.62
C GLY G 285 23.92 7.16 -44.12
N ILE G 286 22.70 7.51 -43.72
CA ILE G 286 22.47 7.91 -42.33
C ILE G 286 22.11 6.75 -41.40
N ALA G 287 22.88 6.58 -40.33
CA ALA G 287 22.68 5.48 -39.41
C ALA G 287 21.73 5.86 -38.27
N ASP G 288 20.51 6.21 -38.64
CA ASP G 288 19.50 6.68 -37.68
C ASP G 288 18.33 5.71 -37.58
N PHE G 289 18.61 4.41 -37.70
CA PHE G 289 17.56 3.40 -37.63
C PHE G 289 17.84 2.30 -36.60
N GLY G 290 18.68 2.60 -35.62
CA GLY G 290 18.99 1.63 -34.59
C GLY G 290 19.68 0.40 -35.13
N GLU G 291 19.29 -0.78 -34.63
CA GLU G 291 19.92 -2.04 -35.00
C GLU G 291 19.18 -2.80 -36.11
N GLN G 292 18.25 -2.12 -36.77
CA GLN G 292 17.50 -2.75 -37.85
C GLN G 292 18.41 -3.00 -39.05
N GLN G 293 17.99 -3.92 -39.91
CA GLN G 293 18.74 -4.25 -41.11
C GLN G 293 18.46 -3.30 -42.27
N ARG G 294 19.51 -2.98 -43.01
CA ARG G 294 19.41 -2.14 -44.19
C ARG G 294 20.38 -2.65 -45.26
N GLU G 295 19.86 -2.95 -46.45
CA GLU G 295 20.73 -3.44 -47.51
C GLU G 295 20.34 -2.84 -48.85
N LEU G 296 21.33 -2.28 -49.54
CA LEU G 296 21.12 -1.75 -50.88
C LEU G 296 22.19 -2.32 -51.81
N HIS G 297 21.84 -2.53 -53.07
CA HIS G 297 22.79 -3.10 -54.03
C HIS G 297 23.24 -2.05 -55.03
N ARG G 298 24.55 -1.99 -55.26
CA ARG G 298 25.12 -0.93 -56.07
C ARG G 298 25.80 -1.46 -57.33
N VAL G 299 25.62 -0.76 -58.44
CA VAL G 299 26.44 -0.98 -59.64
C VAL G 299 27.17 0.32 -59.97
N THR G 300 28.47 0.21 -60.14
CA THR G 300 29.27 1.39 -60.41
CA THR G 300 29.31 1.36 -60.38
C THR G 300 29.90 1.32 -61.80
N LEU G 301 30.00 2.49 -62.42
CA LEU G 301 30.49 2.59 -63.79
C LEU G 301 31.87 3.23 -63.88
N ALA G 302 32.72 2.68 -64.74
CA ALA G 302 34.09 3.13 -64.90
C ALA G 302 34.19 4.59 -65.31
N GLY G 303 35.15 5.30 -64.71
CA GLY G 303 35.39 6.69 -65.05
C GLY G 303 36.78 6.90 -65.64
N ASP G 304 37.22 8.16 -65.69
CA ASP G 304 38.54 8.50 -66.19
C ASP G 304 39.36 9.13 -65.07
N VAL G 305 40.61 9.52 -65.37
CA VAL G 305 41.48 10.12 -64.39
C VAL G 305 41.18 11.62 -64.24
N PRO G 306 41.01 12.11 -62.99
CA PRO G 306 40.74 13.54 -62.85
C PRO G 306 41.83 14.42 -63.46
N VAL G 307 41.43 15.59 -63.95
CA VAL G 307 42.38 16.60 -64.40
C VAL G 307 42.08 17.92 -63.67
N ASP G 308 43.12 18.69 -63.36
CA ASP G 308 42.95 19.98 -62.67
C ASP G 308 42.59 21.07 -63.66
N VAL G 309 42.53 22.33 -63.21
CA VAL G 309 42.11 23.40 -64.10
C VAL G 309 43.15 23.69 -65.18
N HIS G 310 44.32 23.05 -65.09
CA HIS G 310 45.35 23.22 -66.12
C HIS G 310 45.45 21.99 -67.00
N GLY G 311 44.60 21.00 -66.75
CA GLY G 311 44.60 19.79 -67.56
C GLY G 311 45.59 18.75 -67.06
N ARG G 312 46.16 18.96 -65.88
CA ARG G 312 47.13 18.00 -65.34
C ARG G 312 46.41 16.87 -64.61
N ARG G 313 46.82 15.63 -64.87
CA ARG G 313 46.16 14.44 -64.34
CA ARG G 313 46.12 14.47 -64.32
C ARG G 313 46.67 14.03 -62.96
N SER G 314 45.82 13.30 -62.23
CA SER G 314 46.19 12.73 -60.95
C SER G 314 47.42 11.83 -61.09
N GLN G 315 48.12 11.62 -59.99
CA GLN G 315 49.31 10.77 -60.00
C GLN G 315 49.17 9.62 -59.01
N ILE G 316 49.45 8.40 -59.46
CA ILE G 316 49.43 7.22 -58.60
C ILE G 316 50.68 7.13 -57.74
N LEU G 317 50.50 6.92 -56.44
CA LEU G 317 51.64 6.65 -55.56
C LEU G 317 51.76 5.15 -55.25
N LEU G 318 50.63 4.54 -54.90
CA LEU G 318 50.58 3.12 -54.56
C LEU G 318 49.30 2.52 -55.12
N GLY G 319 49.40 1.29 -55.63
CA GLY G 319 48.24 0.56 -56.10
C GLY G 319 48.08 0.48 -57.60
N ASP G 320 47.29 -0.50 -58.03
CA ASP G 320 46.98 -0.70 -59.44
C ASP G 320 45.51 -1.09 -59.54
N ALA G 321 44.71 -0.27 -60.22
CA ALA G 321 43.28 -0.50 -60.24
C ALA G 321 42.82 -1.09 -61.57
N SER G 322 43.77 -1.58 -62.36
CA SER G 322 43.45 -2.07 -63.71
C SER G 322 42.54 -3.28 -63.69
N HIS G 323 42.51 -4.00 -62.57
CA HIS G 323 41.63 -5.15 -62.41
C HIS G 323 40.21 -4.72 -62.09
N TYR G 324 40.10 -3.53 -61.52
CA TYR G 324 38.82 -3.00 -61.03
C TYR G 324 38.00 -2.42 -62.16
N SER G 325 38.66 -1.70 -63.06
CA SER G 325 38.01 -1.15 -64.24
C SER G 325 39.07 -0.66 -65.22
N GLY G 326 38.66 -0.41 -66.45
CA GLY G 326 39.52 0.26 -67.40
C GLY G 326 39.39 1.76 -67.22
N ILE G 327 40.11 2.52 -68.04
CA ILE G 327 40.00 3.97 -68.02
C ILE G 327 39.06 4.38 -69.16
N GLU G 328 37.94 5.01 -68.82
CA GLU G 328 37.01 5.43 -69.86
C GLU G 328 37.52 6.67 -70.58
N THR G 329 37.30 6.74 -71.88
CA THR G 329 37.51 7.97 -72.62
C THR G 329 36.18 8.71 -72.71
N PRO G 330 36.04 9.80 -71.95
CA PRO G 330 34.76 10.51 -71.84
C PRO G 330 34.43 11.35 -73.07
N GLN G 331 33.15 11.68 -73.24
CA GLN G 331 32.73 12.56 -74.31
C GLN G 331 31.95 13.75 -73.74
N ARG G 332 32.36 14.95 -74.13
CA ARG G 332 31.66 16.16 -73.70
C ARG G 332 30.25 16.17 -74.28
N LEU G 333 29.28 16.59 -73.46
CA LEU G 333 27.90 16.73 -73.92
C LEU G 333 27.76 18.06 -74.66
N GLU G 334 27.20 18.04 -75.87
CA GLU G 334 27.13 19.26 -76.67
C GLU G 334 26.12 20.28 -76.16
N LEU G 335 25.56 20.03 -74.98
CA LEU G 335 24.65 20.97 -74.34
C LEU G 335 25.48 21.86 -73.42
N PHE G 336 26.68 21.39 -73.12
CA PHE G 336 27.61 22.07 -72.24
C PHE G 336 28.79 22.68 -73.01
N ALA G 337 28.71 22.69 -74.33
CA ALA G 337 29.79 23.21 -75.17
C ALA G 337 29.60 24.68 -75.48
N THR H 24 7.79 1.25 -19.17
CA THR H 24 6.72 2.22 -19.28
C THR H 24 6.39 2.55 -20.74
N ASP H 25 6.70 1.64 -21.64
CA ASP H 25 6.42 1.83 -23.06
C ASP H 25 5.03 1.33 -23.43
N ASP H 26 4.61 0.23 -22.80
CA ASP H 26 3.27 -0.29 -22.99
C ASP H 26 2.27 0.74 -22.49
N GLN H 27 2.62 1.39 -21.38
CA GLN H 27 1.81 2.46 -20.81
C GLN H 27 1.63 3.61 -21.80
N THR H 28 2.71 3.95 -22.48
CA THR H 28 2.68 5.01 -23.48
C THR H 28 1.75 4.63 -24.62
N ARG H 29 1.87 3.38 -25.09
CA ARG H 29 1.04 2.87 -26.17
C ARG H 29 -0.42 2.91 -25.78
N ARG H 30 -0.70 2.61 -24.51
CA ARG H 30 -2.07 2.61 -24.02
C ARG H 30 -2.60 4.04 -24.00
N ILE H 31 -1.76 4.98 -23.60
CA ILE H 31 -2.15 6.38 -23.57
C ILE H 31 -2.49 6.87 -24.98
N TYR H 32 -1.64 6.51 -25.94
CA TYR H 32 -1.90 6.85 -27.33
C TYR H 32 -3.21 6.22 -27.81
N ARG H 33 -3.36 4.93 -27.57
CA ARG H 33 -4.53 4.19 -28.05
C ARG H 33 -5.81 4.79 -27.48
N ASP H 34 -5.80 5.09 -26.18
CA ASP H 34 -6.97 5.67 -25.53
C ASP H 34 -7.33 7.05 -26.09
N ALA H 35 -6.34 7.79 -26.61
CA ALA H 35 -6.59 9.10 -27.18
C ALA H 35 -6.86 8.98 -28.66
N GLY H 36 -6.89 7.74 -29.15
CA GLY H 36 -7.19 7.46 -30.55
C GLY H 36 -6.16 7.96 -31.54
N ILE H 37 -4.89 7.98 -31.15
CA ILE H 37 -3.82 8.35 -32.07
C ILE H 37 -2.80 7.24 -32.23
N THR H 38 -2.10 7.25 -33.35
CA THR H 38 -0.93 6.40 -33.52
C THR H 38 0.27 7.33 -33.66
N VAL H 39 1.41 6.91 -33.15
CA VAL H 39 2.61 7.72 -33.18
C VAL H 39 3.74 6.88 -33.77
N GLU H 40 4.14 7.23 -34.99
CA GLU H 40 5.12 6.45 -35.73
C GLU H 40 6.50 7.10 -35.75
N LYS H 41 7.51 6.44 -35.18
CA LYS H 41 8.87 6.99 -35.21
C LYS H 41 9.34 7.19 -36.64
N LEU H 42 10.02 8.30 -36.88
CA LEU H 42 10.57 8.62 -38.21
C LEU H 42 12.09 8.62 -38.20
N GLY H 43 12.67 8.58 -37.00
CA GLY H 43 14.11 8.55 -36.84
C GLY H 43 14.43 7.99 -35.48
N GLU H 44 15.64 7.48 -35.30
CA GLU H 44 16.04 6.87 -34.04
C GLU H 44 15.98 7.88 -32.88
N HIS H 45 16.50 9.08 -33.09
CA HIS H 45 16.62 10.05 -32.01
C HIS H 45 15.61 11.19 -32.02
N ILE H 46 14.89 11.33 -33.12
CA ILE H 46 14.05 12.49 -33.28
C ILE H 46 13.04 12.28 -34.41
N GLY H 47 11.82 12.79 -34.22
CA GLY H 47 10.83 12.79 -35.28
C GLY H 47 9.82 11.67 -35.16
N ALA H 48 8.54 12.02 -35.23
CA ALA H 48 7.47 11.04 -35.23
C ALA H 48 6.28 11.60 -35.99
N ARG H 49 5.57 10.72 -36.68
CA ARG H 49 4.33 11.13 -37.34
C ARG H 49 3.12 10.72 -36.51
N VAL H 50 2.22 11.67 -36.28
CA VAL H 50 1.00 11.42 -35.52
C VAL H 50 -0.19 11.33 -36.45
N ASN H 51 -1.01 10.30 -36.30
CA ASN H 51 -2.23 10.15 -37.08
C ASN H 51 -3.45 9.95 -36.20
N GLY H 52 -4.63 10.21 -36.76
CA GLY H 52 -5.87 9.93 -36.06
C GLY H 52 -6.47 11.12 -35.33
N ILE H 53 -5.92 12.30 -35.54
CA ILE H 53 -6.42 13.45 -34.79
C ILE H 53 -6.43 14.73 -35.62
N GLU H 54 -7.53 15.49 -35.52
CA GLU H 54 -7.61 16.81 -36.12
C GLU H 54 -7.33 17.88 -35.07
N LEU H 55 -6.26 18.65 -35.29
CA LEU H 55 -5.83 19.66 -34.34
C LEU H 55 -6.82 20.82 -34.26
N ARG H 56 -7.42 20.99 -33.09
CA ARG H 56 -8.42 22.04 -32.85
C ARG H 56 -8.32 22.61 -31.44
N GLY H 57 -8.92 23.77 -31.21
CA GLY H 57 -8.89 24.38 -29.89
C GLY H 57 -9.75 23.69 -28.84
N ASP H 58 -10.57 22.73 -29.25
CA ASP H 58 -11.47 22.07 -28.31
C ASP H 58 -11.15 20.60 -28.06
N LEU H 59 -9.91 20.19 -28.34
CA LEU H 59 -9.50 18.80 -28.05
C LEU H 59 -9.66 18.46 -26.56
N SER H 60 -10.11 17.24 -26.26
CA SER H 60 -10.28 16.81 -24.88
C SER H 60 -8.91 16.70 -24.20
N ALA H 61 -8.91 16.78 -22.86
CA ALA H 61 -7.68 16.83 -22.09
C ALA H 61 -6.77 15.62 -22.30
N ASP H 62 -7.36 14.43 -22.38
CA ASP H 62 -6.57 13.22 -22.56
C ASP H 62 -5.84 13.19 -23.89
N ARG H 63 -6.47 13.71 -24.93
CA ARG H 63 -5.85 13.71 -26.23
C ARG H 63 -4.71 14.72 -26.25
N VAL H 64 -4.92 15.85 -25.56
CA VAL H 64 -3.88 16.85 -25.43
C VAL H 64 -2.68 16.27 -24.69
N GLU H 65 -2.95 15.54 -23.62
CA GLU H 65 -1.86 14.98 -22.82
C GLU H 65 -1.12 13.89 -23.59
N ALA H 66 -1.82 13.19 -24.48
CA ALA H 66 -1.18 12.20 -25.33
C ALA H 66 -0.19 12.88 -26.30
N ILE H 67 -0.60 14.01 -26.86
CA ILE H 67 0.29 14.78 -27.73
C ILE H 67 1.49 15.30 -26.94
N ARG H 68 1.24 15.81 -25.74
CA ARG H 68 2.29 16.32 -24.88
C ARG H 68 3.36 15.25 -24.61
N LEU H 69 2.91 14.04 -24.30
CA LEU H 69 3.82 12.94 -24.04
C LEU H 69 4.57 12.54 -25.32
N ALA H 70 3.85 12.46 -26.44
CA ALA H 70 4.48 12.09 -27.71
C ALA H 70 5.58 13.09 -28.07
N LEU H 71 5.33 14.37 -27.81
CA LEU H 71 6.32 15.40 -28.11
C LEU H 71 7.54 15.25 -27.19
N ALA H 72 7.30 15.00 -25.92
CA ALA H 72 8.39 14.85 -24.96
C ALA H 72 9.33 13.73 -25.38
N ILE H 73 8.75 12.62 -25.82
CA ILE H 73 9.53 11.43 -26.21
C ILE H 73 10.26 11.64 -27.53
N ASN H 74 9.55 12.23 -28.50
CA ASN H 74 10.03 12.24 -29.87
C ASN H 74 10.61 13.59 -30.36
N LYS H 75 10.44 14.63 -29.54
CA LYS H 75 11.07 15.95 -29.76
C LYS H 75 10.48 16.77 -30.92
N VAL H 76 10.12 16.09 -32.01
CA VAL H 76 9.39 16.74 -33.10
C VAL H 76 8.26 15.85 -33.59
N LEU H 77 7.07 16.44 -33.67
CA LEU H 77 5.91 15.73 -34.18
C LEU H 77 5.43 16.37 -35.48
N VAL H 78 5.05 15.54 -36.46
CA VAL H 78 4.38 16.08 -37.64
C VAL H 78 3.00 15.46 -37.77
N PHE H 79 2.05 16.29 -38.18
CA PHE H 79 0.66 15.90 -38.42
C PHE H 79 0.42 16.24 -39.89
N THR H 80 -0.43 15.47 -40.57
CA THR H 80 -0.68 15.76 -41.98
C THR H 80 -2.17 15.89 -42.26
N GLU H 81 -2.49 16.47 -43.42
CA GLU H 81 -3.87 16.64 -43.85
C GLU H 81 -4.73 17.42 -42.86
N GLN H 82 -4.12 18.39 -42.20
CA GLN H 82 -4.83 19.29 -41.30
C GLN H 82 -5.35 20.48 -42.09
N HIS H 83 -6.16 20.20 -43.11
CA HIS H 83 -6.58 21.23 -44.06
C HIS H 83 -7.61 22.20 -43.49
N HIS H 84 -8.19 21.86 -42.34
CA HIS H 84 -9.16 22.71 -41.67
C HIS H 84 -8.51 23.89 -40.92
N LEU H 85 -7.20 23.83 -40.69
CA LEU H 85 -6.56 24.82 -39.84
C LEU H 85 -6.34 26.16 -40.52
N ASP H 86 -6.72 27.24 -39.85
CA ASP H 86 -6.31 28.58 -40.24
C ASP H 86 -5.54 29.19 -39.08
N ASP H 87 -5.21 30.48 -39.17
CA ASP H 87 -4.45 31.11 -38.09
C ASP H 87 -5.20 31.00 -36.76
N ALA H 88 -6.49 31.31 -36.76
CA ALA H 88 -7.28 31.24 -35.53
C ALA H 88 -7.28 29.82 -34.94
N GLY H 89 -7.45 28.82 -35.80
CA GLY H 89 -7.49 27.45 -35.33
C GLY H 89 -6.15 27.00 -34.79
N GLN H 90 -5.07 27.41 -35.45
CA GLN H 90 -3.74 27.04 -34.99
C GLN H 90 -3.44 27.66 -33.63
N TYR H 91 -3.80 28.92 -33.45
CA TYR H 91 -3.65 29.60 -32.17
C TYR H 91 -4.47 28.95 -31.06
N ALA H 92 -5.72 28.65 -31.34
CA ALA H 92 -6.62 28.06 -30.34
C ALA H 92 -6.11 26.68 -29.89
N PHE H 93 -5.61 25.90 -30.84
CA PHE H 93 -5.01 24.61 -30.51
C PHE H 93 -3.74 24.78 -29.69
N ALA H 94 -2.89 25.72 -30.11
CA ALA H 94 -1.63 25.92 -29.42
C ALA H 94 -1.86 26.27 -27.95
N ARG H 95 -2.93 27.02 -27.70
CA ARG H 95 -3.33 27.43 -26.35
C ARG H 95 -3.59 26.24 -25.43
N LEU H 96 -3.86 25.07 -26.00
CA LEU H 96 -4.08 23.86 -25.20
C LEU H 96 -2.78 23.27 -24.66
N LEU H 97 -1.64 23.61 -25.28
CA LEU H 97 -0.35 23.08 -24.87
C LEU H 97 0.43 24.06 -23.99
N GLY H 98 0.03 25.33 -23.98
CA GLY H 98 0.74 26.34 -23.20
C GLY H 98 0.23 27.75 -23.43
N GLU H 99 0.96 28.73 -22.92
CA GLU H 99 0.58 30.14 -23.10
C GLU H 99 1.32 30.73 -24.27
N PRO H 100 0.59 31.07 -25.35
CA PRO H 100 1.25 31.63 -26.54
C PRO H 100 1.98 32.90 -26.17
N THR H 101 3.18 33.04 -26.68
CA THR H 101 3.92 34.26 -26.50
C THR H 101 3.46 35.28 -27.53
N LEU H 102 4.01 36.49 -27.44
CA LEU H 102 3.94 37.42 -28.55
C LEU H 102 4.63 36.73 -29.71
N PRO H 103 4.32 37.12 -30.96
CA PRO H 103 4.99 36.48 -32.10
C PRO H 103 6.50 36.46 -32.00
N HIS H 104 7.07 37.54 -31.47
CA HIS H 104 8.51 37.69 -31.35
C HIS H 104 8.84 38.81 -30.36
N PRO H 105 9.99 38.72 -29.69
CA PRO H 105 10.34 39.79 -28.74
C PRO H 105 10.56 41.14 -29.42
N THR H 106 11.03 41.12 -30.67
CA THR H 106 11.37 42.36 -31.37
C THR H 106 10.68 42.52 -32.72
N VAL H 107 10.42 41.42 -33.41
CA VAL H 107 9.79 41.50 -34.72
C VAL H 107 8.30 41.72 -34.54
N ARG H 108 7.83 42.87 -35.00
CA ARG H 108 6.45 43.27 -34.82
C ARG H 108 5.75 43.42 -36.16
N SER H 109 6.52 43.51 -37.24
CA SER H 109 5.95 43.80 -38.55
C SER H 109 5.45 42.55 -39.28
N HIS H 110 5.51 41.41 -38.61
CA HIS H 110 5.13 40.15 -39.23
C HIS H 110 4.09 39.31 -38.46
N GLY H 111 3.01 39.93 -37.99
CA GLY H 111 1.98 39.19 -37.28
C GLY H 111 1.64 39.69 -35.88
N THR H 112 0.39 39.53 -35.47
CA THR H 112 -0.06 39.99 -34.14
C THR H 112 -0.30 38.83 -33.18
N GLU H 113 -0.78 37.71 -33.71
CA GLU H 113 -1.04 36.52 -32.93
C GLU H 113 -0.07 35.42 -33.33
N LEU H 114 0.18 35.32 -34.62
CA LEU H 114 1.12 34.34 -35.14
C LEU H 114 2.34 35.04 -35.75
N LEU H 115 3.46 34.35 -35.77
CA LEU H 115 4.63 34.88 -36.46
C LEU H 115 4.65 34.37 -37.90
N ASN H 116 4.62 35.31 -38.85
CA ASN H 116 4.62 34.96 -40.27
C ASN H 116 6.04 34.88 -40.81
N LEU H 117 6.61 33.68 -40.80
CA LEU H 117 7.97 33.46 -41.28
C LEU H 117 8.05 33.38 -42.80
N GLU H 118 8.84 34.25 -43.41
CA GLU H 118 9.02 34.26 -44.86
C GLU H 118 10.46 33.90 -45.23
N GLY H 119 10.64 33.30 -46.39
CA GLY H 119 11.96 32.85 -46.83
C GLY H 119 12.35 31.58 -46.10
N ALA H 120 13.62 31.48 -45.72
CA ALA H 120 14.12 30.32 -45.01
C ALA H 120 15.05 30.74 -43.88
N ALA H 121 14.83 30.17 -42.70
CA ALA H 121 15.66 30.46 -41.55
C ALA H 121 16.88 29.55 -41.52
N ASN H 122 17.79 29.76 -42.48
CA ASN H 122 18.95 28.88 -42.67
C ASN H 122 20.20 29.15 -41.82
N GLY H 123 20.07 28.92 -40.52
CA GLY H 123 21.17 28.96 -39.58
C GLY H 123 20.68 28.08 -38.46
N TRP H 124 21.52 27.19 -37.93
CA TRP H 124 21.11 26.29 -36.86
C TRP H 124 20.86 27.05 -35.57
N HIS H 125 19.64 26.96 -35.05
CA HIS H 125 19.31 27.70 -33.86
C HIS H 125 18.23 27.04 -33.04
N THR H 126 18.23 27.40 -31.76
CA THR H 126 17.09 27.17 -30.89
C THR H 126 16.34 28.52 -30.84
N ASP H 127 15.01 28.48 -30.86
CA ASP H 127 14.23 29.73 -30.96
C ASP H 127 14.39 30.62 -29.74
N VAL H 128 14.64 31.90 -30.01
CA VAL H 128 14.67 32.96 -29.02
C VAL H 128 15.47 32.60 -27.77
N THR H 129 16.71 32.14 -27.94
CA THR H 129 17.52 31.80 -26.77
C THR H 129 18.19 33.01 -26.16
N PHE H 130 18.00 34.19 -26.75
CA PHE H 130 18.67 35.37 -26.23
C PHE H 130 17.92 36.02 -25.06
N VAL H 131 16.75 35.47 -24.71
CA VAL H 131 16.01 35.94 -23.53
C VAL H 131 16.15 34.95 -22.35
N ASP H 132 15.74 35.34 -21.16
CA ASP H 132 15.81 34.43 -20.03
C ASP H 132 14.77 33.32 -20.20
N ARG H 133 13.56 33.71 -20.60
CA ARG H 133 12.44 32.78 -20.73
C ARG H 133 12.36 32.19 -22.14
N ILE H 134 13.31 31.31 -22.45
CA ILE H 134 13.33 30.67 -23.76
C ILE H 134 12.03 29.92 -23.93
N PRO H 135 11.29 30.18 -25.04
CA PRO H 135 9.98 29.54 -25.26
C PRO H 135 10.15 28.01 -25.29
N LYS H 136 9.16 27.29 -24.78
CA LYS H 136 9.30 25.85 -24.58
C LYS H 136 9.01 25.03 -25.85
N ALA H 137 8.18 25.59 -26.74
CA ALA H 137 7.73 24.83 -27.90
C ALA H 137 7.16 25.74 -28.99
N SER H 138 7.09 25.20 -30.20
CA SER H 138 6.46 25.91 -31.31
C SER H 138 5.54 25.01 -32.11
N VAL H 139 4.51 25.64 -32.65
CA VAL H 139 3.58 25.01 -33.57
C VAL H 139 3.67 25.74 -34.90
N LEU H 140 3.97 25.00 -35.97
CA LEU H 140 4.26 25.59 -37.27
C LEU H 140 3.44 24.97 -38.39
N ARG H 141 2.86 25.79 -39.26
CA ARG H 141 2.15 25.27 -40.42
C ARG H 141 2.48 26.11 -41.65
N PRO H 142 2.59 25.45 -42.80
CA PRO H 142 2.90 26.14 -44.07
C PRO H 142 1.67 26.84 -44.65
N VAL H 143 1.94 27.98 -45.28
CA VAL H 143 0.90 28.77 -45.92
C VAL H 143 1.18 28.84 -47.42
N THR H 144 2.46 29.01 -47.76
CA THR H 144 2.91 29.04 -49.15
C THR H 144 4.20 28.25 -49.32
N LEU H 145 4.23 27.35 -50.30
CA LEU H 145 5.39 26.50 -50.49
C LEU H 145 5.97 26.57 -51.90
N PRO H 146 7.30 26.49 -52.02
CA PRO H 146 7.96 26.48 -53.33
C PRO H 146 7.71 25.17 -54.05
N SER H 147 7.96 25.12 -55.35
CA SER H 147 7.66 23.93 -56.14
C SER H 147 8.63 22.80 -55.82
N TYR H 148 9.78 23.16 -55.26
CA TYR H 148 10.73 22.18 -54.76
C TYR H 148 11.53 22.78 -53.62
N GLY H 149 12.21 21.95 -52.85
CA GLY H 149 13.06 22.40 -51.75
C GLY H 149 12.27 22.98 -50.59
N GLY H 150 12.97 23.65 -49.68
CA GLY H 150 12.34 24.33 -48.57
C GLY H 150 12.01 23.48 -47.36
N ALA H 151 12.68 22.34 -47.21
CA ALA H 151 12.46 21.47 -46.05
C ALA H 151 12.89 22.17 -44.77
N THR H 152 12.35 21.72 -43.64
CA THR H 152 12.87 22.09 -42.33
C THR H 152 13.56 20.88 -41.74
N THR H 153 14.72 21.09 -41.12
CA THR H 153 15.38 20.00 -40.42
C THR H 153 15.62 20.38 -38.96
N TRP H 154 15.43 19.41 -38.07
CA TRP H 154 15.60 19.58 -36.62
C TRP H 154 16.68 18.64 -36.10
N ALA H 155 17.40 19.06 -35.06
CA ALA H 155 18.43 18.23 -34.45
C ALA H 155 18.11 18.00 -32.99
N SER H 156 18.35 16.80 -32.48
CA SER H 156 18.11 16.56 -31.06
C SER H 156 19.29 16.97 -30.19
N THR H 157 19.11 17.99 -29.35
CA THR H 157 20.20 18.42 -28.46
C THR H 157 20.29 17.52 -27.22
N VAL H 158 19.26 16.70 -27.02
CA VAL H 158 19.27 15.65 -26.00
C VAL H 158 20.21 14.53 -26.43
N ALA H 159 20.06 14.09 -27.67
CA ALA H 159 20.89 13.02 -28.22
C ALA H 159 22.36 13.42 -28.26
N ALA H 160 22.61 14.68 -28.64
CA ALA H 160 23.96 15.20 -28.72
C ALA H 160 24.65 15.13 -27.34
N TYR H 161 23.91 15.48 -26.28
CA TYR H 161 24.48 15.35 -24.93
C TYR H 161 24.73 13.89 -24.56
N GLU H 162 23.76 13.03 -24.87
CA GLU H 162 23.90 11.58 -24.60
C GLU H 162 25.17 11.00 -25.24
N GLN H 163 25.51 11.50 -26.42
CA GLN H 163 26.60 10.93 -27.20
C GLN H 163 27.97 11.50 -26.83
N LEU H 164 28.01 12.46 -25.92
CA LEU H 164 29.29 13.00 -25.48
C LEU H 164 30.07 12.00 -24.66
N PRO H 165 31.37 11.86 -24.96
CA PRO H 165 32.24 11.06 -24.09
C PRO H 165 32.49 11.82 -22.81
N LYS H 166 32.93 11.11 -21.78
CA LYS H 166 33.13 11.69 -20.44
C LYS H 166 33.85 13.04 -20.40
N PRO H 167 35.03 13.16 -21.04
CA PRO H 167 35.71 14.45 -20.92
C PRO H 167 34.96 15.63 -21.52
N LEU H 168 34.23 15.41 -22.62
CA LEU H 168 33.47 16.49 -23.25
C LEU H 168 32.21 16.77 -22.43
N ARG H 169 31.66 15.75 -21.80
CA ARG H 169 30.55 15.96 -20.89
C ARG H 169 31.01 16.81 -19.69
N SER H 170 32.20 16.51 -19.18
CA SER H 170 32.78 17.27 -18.08
C SER H 170 32.97 18.75 -18.45
N LEU H 171 33.39 18.99 -19.68
CA LEU H 171 33.51 20.34 -20.21
C LEU H 171 32.16 21.07 -20.22
N VAL H 172 31.18 20.51 -20.92
CA VAL H 172 29.95 21.27 -21.14
C VAL H 172 29.11 21.43 -19.87
N ASP H 173 29.20 20.49 -18.93
CA ASP H 173 28.44 20.60 -17.66
C ASP H 173 28.82 21.88 -16.90
N ASP H 174 30.06 22.34 -17.11
CA ASP H 174 30.59 23.53 -16.45
C ASP H 174 30.63 24.77 -17.34
N LEU H 175 30.18 24.62 -18.59
CA LEU H 175 30.33 25.69 -19.59
C LEU H 175 29.08 26.58 -19.61
N TRP H 176 29.31 27.89 -19.70
CA TRP H 176 28.22 28.88 -19.83
C TRP H 176 28.46 29.74 -21.08
N ALA H 177 27.37 30.24 -21.69
CA ALA H 177 27.50 31.00 -22.93
C ALA H 177 26.57 32.22 -22.97
N THR H 178 27.05 33.30 -23.55
CA THR H 178 26.25 34.49 -23.74
C THR H 178 25.51 34.43 -25.08
N HIS H 179 24.18 34.55 -25.02
CA HIS H 179 23.32 34.62 -26.19
C HIS H 179 22.86 36.06 -26.40
N THR H 180 22.75 36.49 -27.66
CA THR H 180 22.29 37.85 -27.97
C THR H 180 21.43 37.80 -29.23
N ASN H 181 20.57 38.79 -29.41
CA ASN H 181 19.77 38.87 -30.63
C ASN H 181 20.54 39.58 -31.72
N LEU H 182 21.71 40.12 -31.37
CA LEU H 182 22.59 40.75 -32.36
C LEU H 182 23.48 39.67 -33.00
N TYR H 183 22.87 38.80 -33.79
CA TYR H 183 23.59 37.66 -34.37
C TYR H 183 24.34 38.04 -35.65
N ASP H 184 25.07 37.08 -36.20
CA ASP H 184 25.86 37.31 -37.41
C ASP H 184 25.37 36.44 -38.56
N ALA H 190 20.38 38.46 -51.34
CA ALA H 190 19.11 37.77 -51.55
C ALA H 190 19.22 36.31 -51.13
N SER H 191 18.15 35.80 -50.52
CA SER H 191 18.14 34.41 -50.05
C SER H 191 16.71 33.96 -49.74
N GLY H 192 16.37 32.76 -50.20
CA GLY H 192 15.05 32.19 -49.94
C GLY H 192 13.86 32.94 -50.51
N GLY H 193 14.06 33.65 -51.62
CA GLY H 193 12.97 34.38 -52.25
C GLY H 193 12.71 35.75 -51.64
N VAL H 194 13.53 36.12 -50.66
CA VAL H 194 13.43 37.41 -50.00
C VAL H 194 14.58 38.32 -50.47
N SER H 195 14.25 39.54 -50.90
CA SER H 195 15.26 40.45 -51.41
C SER H 195 16.29 40.82 -50.33
N ALA H 196 17.48 41.24 -50.76
CA ALA H 196 18.51 41.68 -49.82
C ALA H 196 18.03 42.89 -49.02
N GLU H 197 17.20 43.72 -49.66
CA GLU H 197 16.64 44.90 -49.03
C GLU H 197 15.72 44.53 -47.86
N ARG H 198 14.82 43.57 -48.10
CA ARG H 198 13.88 43.14 -47.07
C ARG H 198 14.60 42.34 -45.97
N ARG H 199 15.67 41.65 -46.34
CA ARG H 199 16.46 40.91 -45.36
C ARG H 199 17.22 41.88 -44.44
N ALA H 200 17.69 42.99 -44.99
CA ALA H 200 18.34 44.04 -44.22
C ALA H 200 17.35 44.70 -43.26
N ALA H 201 16.21 45.11 -43.81
CA ALA H 201 15.13 45.72 -43.01
C ALA H 201 14.67 44.82 -41.87
N TYR H 202 14.58 43.51 -42.15
CA TYR H 202 14.18 42.55 -41.15
C TYR H 202 15.16 42.52 -39.98
N TYR H 203 16.46 42.48 -40.31
CA TYR H 203 17.51 42.45 -39.29
C TYR H 203 17.53 43.73 -38.47
N THR H 204 17.22 44.86 -39.09
CA THR H 204 17.15 46.14 -38.40
C THR H 204 16.09 46.11 -37.30
N GLU H 205 14.91 45.60 -37.64
CA GLU H 205 13.82 45.47 -36.69
C GLU H 205 14.10 44.40 -35.64
N PHE H 206 14.72 43.30 -36.09
CA PHE H 206 15.07 42.18 -35.21
C PHE H 206 15.98 42.66 -34.07
N THR H 207 16.83 43.62 -34.36
CA THR H 207 17.80 44.12 -33.40
C THR H 207 17.44 45.52 -32.89
N SER H 208 16.17 45.88 -33.00
CA SER H 208 15.72 47.21 -32.60
C SER H 208 15.87 47.40 -31.07
N SER H 209 15.80 46.31 -30.31
CA SER H 209 16.14 46.37 -28.88
C SER H 209 17.15 45.27 -28.55
N ARG H 210 18.04 45.52 -27.60
CA ARG H 210 19.19 44.62 -27.36
C ARG H 210 19.00 43.66 -26.18
N TYR H 211 19.19 42.36 -26.45
CA TYR H 211 19.13 41.31 -25.42
C TYR H 211 20.46 40.59 -25.25
N GLU H 212 20.91 40.39 -24.02
CA GLU H 212 22.04 39.51 -23.73
C GLU H 212 21.71 38.66 -22.52
N THR H 213 21.82 37.34 -22.66
CA THR H 213 21.51 36.45 -21.55
C THR H 213 22.61 35.39 -21.45
N VAL H 214 23.07 35.12 -20.23
CA VAL H 214 24.06 34.06 -20.02
C VAL H 214 23.33 32.76 -19.64
N HIS H 215 23.39 31.76 -20.52
CA HIS H 215 22.74 30.47 -20.31
C HIS H 215 23.76 29.39 -20.08
N PRO H 216 23.41 28.35 -19.31
CA PRO H 216 24.32 27.19 -19.24
C PRO H 216 24.30 26.46 -20.58
N VAL H 217 25.43 25.87 -20.97
CA VAL H 217 25.49 25.11 -22.21
C VAL H 217 24.75 23.76 -22.04
N VAL H 218 24.63 23.30 -20.80
CA VAL H 218 23.79 22.15 -20.51
C VAL H 218 22.62 22.56 -19.62
N ARG H 219 21.40 22.38 -20.11
CA ARG H 219 20.23 22.64 -19.29
C ARG H 219 19.54 21.32 -18.96
N VAL H 220 18.83 21.31 -17.83
CA VAL H 220 18.05 20.14 -17.44
C VAL H 220 16.58 20.37 -17.78
N HIS H 221 16.03 19.53 -18.67
CA HIS H 221 14.64 19.72 -19.09
C HIS H 221 13.71 19.63 -17.89
N PRO H 222 12.90 20.69 -17.66
CA PRO H 222 12.08 20.75 -16.45
C PRO H 222 10.89 19.77 -16.44
N GLU H 223 10.55 19.19 -17.58
CA GLU H 223 9.41 18.29 -17.63
C GLU H 223 9.81 16.84 -17.85
N THR H 224 10.95 16.61 -18.51
CA THR H 224 11.45 15.25 -18.73
C THR H 224 12.66 14.89 -17.87
N GLY H 225 13.37 15.89 -17.36
CA GLY H 225 14.61 15.63 -16.64
C GLY H 225 15.81 15.32 -17.53
N GLU H 226 15.62 15.27 -18.85
CA GLU H 226 16.74 14.99 -19.75
C GLU H 226 17.67 16.19 -19.89
N ARG H 227 18.98 15.92 -19.95
CA ARG H 227 19.95 16.97 -20.19
C ARG H 227 20.04 17.25 -21.67
N SER H 228 20.14 18.53 -22.02
CA SER H 228 20.28 18.88 -23.43
CA SER H 228 20.18 18.96 -23.42
C SER H 228 21.20 20.08 -23.62
N LEU H 229 21.91 20.09 -24.74
CA LEU H 229 22.81 21.18 -25.06
C LEU H 229 22.03 22.43 -25.49
N LEU H 230 22.42 23.58 -24.94
CA LEU H 230 21.79 24.86 -25.27
C LEU H 230 22.85 25.71 -25.94
N LEU H 231 22.78 25.81 -27.25
CA LEU H 231 23.76 26.57 -28.01
C LEU H 231 23.07 27.26 -29.17
N GLY H 232 23.56 27.05 -30.38
CA GLY H 232 22.92 27.64 -31.54
C GLY H 232 23.46 29.01 -31.97
N GLN H 233 22.91 29.54 -33.06
CA GLN H 233 23.46 30.72 -33.74
CA GLN H 233 23.53 30.70 -33.69
C GLN H 233 23.45 32.00 -32.89
N PHE H 234 22.64 32.06 -31.84
CA PHE H 234 22.60 33.30 -31.03
C PHE H 234 23.75 33.41 -30.03
N VAL H 235 24.53 32.35 -29.89
CA VAL H 235 25.65 32.36 -28.97
C VAL H 235 26.78 33.22 -29.51
N LYS H 236 27.25 34.15 -28.68
CA LYS H 236 28.33 35.07 -29.03
C LYS H 236 29.66 34.71 -28.38
N SER H 237 29.62 34.11 -27.19
CA SER H 237 30.87 33.85 -26.46
C SER H 237 30.66 32.81 -25.37
N PHE H 238 31.77 32.25 -24.88
CA PHE H 238 31.75 31.34 -23.74
C PHE H 238 32.33 32.04 -22.53
N GLN H 239 31.67 31.89 -21.39
CA GLN H 239 32.16 32.49 -20.15
C GLN H 239 33.56 31.97 -19.80
N ASP H 240 34.46 32.89 -19.47
CA ASP H 240 35.83 32.61 -19.02
C ASP H 240 36.75 32.04 -20.10
N LEU H 241 36.31 32.08 -21.35
CA LEU H 241 37.14 31.62 -22.44
C LEU H 241 37.43 32.76 -23.42
N PRO H 242 38.66 32.82 -23.93
CA PRO H 242 39.01 33.86 -24.90
C PRO H 242 38.34 33.67 -26.25
N SER H 243 38.22 34.76 -27.01
CA SER H 243 37.57 34.75 -28.31
CA SER H 243 37.57 34.76 -28.32
C SER H 243 38.14 33.70 -29.25
N ALA H 244 39.46 33.53 -29.21
CA ALA H 244 40.16 32.59 -30.09
C ALA H 244 39.67 31.16 -29.92
N GLU H 245 39.35 30.79 -28.68
CA GLU H 245 38.91 29.43 -28.39
C GLU H 245 37.42 29.23 -28.63
N PHE H 246 36.68 30.33 -28.70
CA PHE H 246 35.24 30.26 -28.90
C PHE H 246 34.87 29.59 -30.21
N ALA H 247 35.50 30.02 -31.30
CA ALA H 247 35.11 29.52 -32.62
C ALA H 247 35.33 28.02 -32.72
N SER H 248 36.48 27.58 -32.22
CA SER H 248 36.85 26.16 -32.26
CA SER H 248 36.85 26.17 -32.29
C SER H 248 35.88 25.30 -31.47
N LEU H 249 35.62 25.69 -30.24
CA LEU H 249 34.75 24.89 -29.38
C LEU H 249 33.28 24.95 -29.82
N PHE H 250 32.85 26.11 -30.26
CA PHE H 250 31.48 26.28 -30.73
C PHE H 250 31.24 25.38 -31.93
N GLN H 251 32.16 25.41 -32.89
CA GLN H 251 32.00 24.58 -34.08
C GLN H 251 32.04 23.09 -33.77
N LEU H 252 32.93 22.69 -32.87
CA LEU H 252 33.01 21.30 -32.45
C LEU H 252 31.68 20.83 -31.85
N LEU H 253 31.12 21.63 -30.95
CA LEU H 253 29.87 21.23 -30.28
C LEU H 253 28.67 21.29 -31.24
N GLN H 254 28.60 22.32 -32.09
CA GLN H 254 27.53 22.40 -33.08
C GLN H 254 27.60 21.21 -34.05
N ALA H 255 28.81 20.76 -34.39
CA ALA H 255 28.93 19.63 -35.31
C ALA H 255 28.37 18.35 -34.69
N ARG H 256 28.55 18.20 -33.38
CA ARG H 256 27.98 17.05 -32.69
C ARG H 256 26.44 17.12 -32.65
N ILE H 257 25.91 18.33 -32.53
CA ILE H 257 24.47 18.51 -32.50
C ILE H 257 23.82 18.23 -33.86
N THR H 258 24.44 18.75 -34.92
CA THR H 258 23.82 18.71 -36.24
C THR H 258 24.28 17.50 -37.04
N LYS H 259 25.03 16.61 -36.39
CA LYS H 259 25.35 15.31 -36.99
C LYS H 259 24.09 14.67 -37.60
N LEU H 260 24.20 14.18 -38.83
CA LEU H 260 23.03 13.77 -39.61
C LEU H 260 22.14 12.76 -38.88
N GLU H 261 22.75 11.83 -38.17
CA GLU H 261 22.04 10.81 -37.41
C GLU H 261 21.11 11.41 -36.34
N ASN H 262 21.40 12.63 -35.91
CA ASN H 262 20.61 13.28 -34.88
C ASN H 262 19.53 14.19 -35.46
N THR H 263 19.31 14.11 -36.77
CA THR H 263 18.41 15.06 -37.43
C THR H 263 17.22 14.43 -38.15
N PHE H 264 16.15 15.20 -38.17
CA PHE H 264 14.90 14.85 -38.85
C PHE H 264 14.62 15.94 -39.87
N ARG H 265 14.52 15.58 -41.14
CA ARG H 265 14.31 16.56 -42.21
C ARG H 265 12.98 16.31 -42.91
N TRP H 266 12.12 17.32 -42.89
CA TRP H 266 10.74 17.14 -43.34
C TRP H 266 10.44 17.98 -44.58
N ASN H 267 9.98 17.33 -45.65
CA ASN H 267 9.49 18.01 -46.84
C ASN H 267 8.05 18.46 -46.64
N TRP H 268 7.83 19.77 -46.67
CA TRP H 268 6.52 20.34 -46.39
C TRP H 268 5.49 20.12 -47.48
N ARG H 269 4.25 19.83 -47.07
CA ARG H 269 3.08 19.89 -47.92
C ARG H 269 2.01 20.74 -47.21
N LEU H 270 1.15 21.39 -47.99
CA LEU H 270 0.03 22.11 -47.38
C LEU H 270 -0.79 21.11 -46.55
N GLY H 271 -1.23 21.53 -45.37
CA GLY H 271 -1.95 20.65 -44.48
C GLY H 271 -1.08 20.05 -43.39
N ASP H 272 0.24 20.14 -43.53
CA ASP H 272 1.15 19.63 -42.51
C ASP H 272 1.19 20.56 -41.32
N VAL H 273 1.45 20.00 -40.13
CA VAL H 273 1.71 20.79 -38.95
C VAL H 273 2.87 20.15 -38.22
N ALA H 274 3.86 20.95 -37.83
CA ALA H 274 4.94 20.44 -36.98
C ALA H 274 4.87 21.07 -35.59
N ILE H 275 5.16 20.26 -34.57
CA ILE H 275 5.34 20.78 -33.23
C ILE H 275 6.72 20.33 -32.75
N TRP H 276 7.52 21.25 -32.21
CA TRP H 276 8.79 20.83 -31.66
C TRP H 276 9.02 21.34 -30.25
N ASP H 277 9.78 20.54 -29.50
CA ASP H 277 10.19 20.86 -28.15
C ASP H 277 11.43 21.73 -28.26
N ASN H 278 11.24 23.02 -27.99
CA ASN H 278 12.33 23.98 -28.15
C ASN H 278 13.34 23.91 -27.00
N ARG H 279 13.09 23.02 -26.05
CA ARG H 279 14.05 22.78 -24.96
C ARG H 279 14.99 21.61 -25.28
N ALA H 280 14.73 20.93 -26.40
CA ALA H 280 15.42 19.69 -26.72
C ALA H 280 15.89 19.64 -28.16
N THR H 281 15.79 20.74 -28.89
CA THR H 281 16.13 20.72 -30.31
C THR H 281 16.82 21.99 -30.79
N GLN H 282 17.40 21.91 -31.98
CA GLN H 282 17.68 23.06 -32.84
C GLN H 282 16.99 22.81 -34.17
N HIS H 283 16.83 23.85 -34.96
CA HIS H 283 16.28 23.64 -36.30
C HIS H 283 16.89 24.61 -37.31
N TYR H 284 16.55 24.38 -38.57
CA TYR H 284 17.22 25.01 -39.70
C TYR H 284 16.26 24.95 -40.89
N GLY H 285 15.89 26.11 -41.43
CA GLY H 285 15.08 26.15 -42.65
C GLY H 285 15.99 26.26 -43.86
N ILE H 286 15.87 25.33 -44.81
CA ILE H 286 16.82 25.23 -45.91
C ILE H 286 16.47 26.12 -47.12
N ALA H 287 17.42 26.96 -47.54
CA ALA H 287 17.18 27.88 -48.63
C ALA H 287 17.61 27.29 -49.98
N ASP H 288 16.98 26.18 -50.35
CA ASP H 288 17.32 25.48 -51.59
C ASP H 288 16.17 25.48 -52.60
N PHE H 289 15.43 26.59 -52.68
CA PHE H 289 14.32 26.72 -53.61
C PHE H 289 14.42 27.95 -54.49
N GLY H 290 15.64 28.45 -54.67
CA GLY H 290 15.84 29.61 -55.52
C GLY H 290 15.08 30.83 -55.01
N GLU H 291 14.49 31.58 -55.92
CA GLU H 291 13.83 32.83 -55.57
C GLU H 291 12.34 32.66 -55.32
N GLN H 292 11.87 31.42 -55.17
CA GLN H 292 10.45 31.16 -54.92
C GLN H 292 9.99 31.64 -53.54
N GLN H 293 8.69 31.83 -53.40
CA GLN H 293 8.13 32.28 -52.12
C GLN H 293 7.90 31.10 -51.17
N ARG H 294 8.17 31.32 -49.90
CA ARG H 294 7.97 30.32 -48.85
C ARG H 294 7.48 31.03 -47.59
N GLU H 295 6.34 30.61 -47.07
CA GLU H 295 5.75 31.23 -45.89
C GLU H 295 5.13 30.21 -44.96
N LEU H 296 5.54 30.25 -43.70
CA LEU H 296 4.98 29.40 -42.66
C LEU H 296 4.59 30.26 -41.48
N HIS H 297 3.54 29.85 -40.77
CA HIS H 297 3.05 30.62 -39.63
C HIS H 297 3.31 29.85 -38.35
N ARG H 298 3.86 30.56 -37.36
CA ARG H 298 4.32 29.94 -36.13
C ARG H 298 3.57 30.45 -34.91
N VAL H 299 3.26 29.55 -33.97
CA VAL H 299 2.87 29.97 -32.64
C VAL H 299 3.88 29.38 -31.66
N THR H 300 4.46 30.21 -30.80
CA THR H 300 5.38 29.73 -29.77
C THR H 300 4.72 29.82 -28.42
N LEU H 301 5.08 28.88 -27.54
CA LEU H 301 4.49 28.78 -26.21
C LEU H 301 5.54 29.18 -25.17
N ALA H 302 5.09 29.89 -24.15
CA ALA H 302 5.98 30.41 -23.10
C ALA H 302 6.73 29.30 -22.39
N GLY H 303 7.99 29.57 -22.07
CA GLY H 303 8.83 28.63 -21.35
C GLY H 303 9.25 29.15 -19.99
N ASP H 304 10.25 28.50 -19.40
CA ASP H 304 10.78 28.92 -18.11
C ASP H 304 12.26 29.27 -18.26
N VAL H 305 12.91 29.65 -17.17
CA VAL H 305 14.33 29.95 -17.22
C VAL H 305 15.17 28.68 -17.12
N PRO H 306 16.16 28.50 -18.03
CA PRO H 306 17.00 27.31 -17.96
C PRO H 306 17.72 27.14 -16.61
N VAL H 307 17.93 25.89 -16.22
CA VAL H 307 18.73 25.56 -15.04
C VAL H 307 19.83 24.61 -15.47
N ASP H 308 21.03 24.77 -14.89
CA ASP H 308 22.16 23.90 -15.24
C ASP H 308 22.06 22.59 -14.44
N VAL H 309 23.06 21.72 -14.54
CA VAL H 309 22.96 20.43 -13.86
C VAL H 309 23.11 20.59 -12.35
N HIS H 310 23.44 21.81 -11.92
CA HIS H 310 23.59 22.11 -10.51
C HIS H 310 22.43 22.93 -9.96
N GLY H 311 21.40 23.12 -10.78
CA GLY H 311 20.20 23.84 -10.36
C GLY H 311 20.31 25.35 -10.44
N ARG H 312 21.40 25.82 -11.06
CA ARG H 312 21.63 27.27 -11.20
C ARG H 312 20.96 27.82 -12.44
N ARG H 313 20.32 28.99 -12.30
CA ARG H 313 19.55 29.61 -13.36
C ARG H 313 20.38 30.53 -14.26
N SER H 314 19.91 30.73 -15.49
CA SER H 314 20.48 31.72 -16.39
C SER H 314 20.49 33.12 -15.77
N GLN H 315 21.37 33.97 -16.28
CA GLN H 315 21.49 35.33 -15.78
C GLN H 315 21.26 36.35 -16.89
N ILE H 316 20.36 37.29 -16.67
CA ILE H 316 20.10 38.36 -17.62
C ILE H 316 21.20 39.41 -17.53
N LEU H 317 21.81 39.77 -18.67
CA LEU H 317 22.75 40.89 -18.70
C LEU H 317 22.08 42.15 -19.26
N LEU H 318 21.35 42.00 -20.36
CA LEU H 318 20.65 43.15 -20.95
C LEU H 318 19.27 42.76 -21.45
N GLY H 319 18.30 43.63 -21.23
CA GLY H 319 16.98 43.41 -21.79
C GLY H 319 15.95 42.92 -20.80
N ASP H 320 14.68 43.07 -21.17
CA ASP H 320 13.55 42.61 -20.38
C ASP H 320 12.51 42.00 -21.32
N ALA H 321 12.19 40.73 -21.09
CA ALA H 321 11.30 39.99 -21.96
C ALA H 321 9.90 39.82 -21.39
N SER H 322 9.56 40.62 -20.38
CA SER H 322 8.27 40.47 -19.71
C SER H 322 7.09 40.75 -20.63
N HIS H 323 7.34 41.53 -21.68
CA HIS H 323 6.30 41.85 -22.65
C HIS H 323 6.06 40.70 -23.62
N TYR H 324 7.08 39.87 -23.79
CA TYR H 324 7.07 38.78 -24.75
C TYR H 324 6.28 37.58 -24.17
N SER H 325 6.51 37.29 -22.90
CA SER H 325 5.80 36.22 -22.21
C SER H 325 6.05 36.30 -20.72
N GLY H 326 5.24 35.56 -19.96
CA GLY H 326 5.54 35.35 -18.57
C GLY H 326 6.54 34.20 -18.46
N ILE H 327 6.90 33.85 -17.24
CA ILE H 327 7.75 32.69 -16.98
C ILE H 327 6.83 31.56 -16.57
N GLU H 328 6.83 30.47 -17.34
CA GLU H 328 5.95 29.34 -17.04
CA GLU H 328 5.97 29.32 -17.06
C GLU H 328 6.49 28.53 -15.87
N THR H 329 5.57 28.04 -15.03
CA THR H 329 5.92 27.08 -14.00
C THR H 329 5.69 25.72 -14.62
N PRO H 330 6.78 25.00 -14.90
CA PRO H 330 6.63 23.74 -15.64
C PRO H 330 6.02 22.65 -14.78
N GLN H 331 5.52 21.60 -15.42
CA GLN H 331 5.00 20.46 -14.66
C GLN H 331 5.74 19.20 -15.11
N ARG H 332 6.29 18.48 -14.14
CA ARG H 332 7.01 17.25 -14.40
C ARG H 332 6.12 16.14 -14.97
N LEU H 333 6.64 15.41 -15.94
CA LEU H 333 5.95 14.23 -16.48
C LEU H 333 6.20 13.02 -15.59
N GLU H 334 5.12 12.31 -15.25
CA GLU H 334 5.21 11.18 -14.32
C GLU H 334 5.88 9.95 -14.95
N LEU H 335 6.09 9.97 -16.26
CA LEU H 335 6.76 8.87 -16.95
C LEU H 335 8.27 9.09 -17.01
N PHE H 336 8.68 10.34 -16.75
CA PHE H 336 10.09 10.70 -16.73
C PHE H 336 10.56 10.92 -15.30
#